data_5HJB
# 
_entry.id   5HJB 
# 
_audit_conform.dict_name       mmcif_pdbx.dic 
_audit_conform.dict_version    5.380 
_audit_conform.dict_location   http://mmcif.pdb.org/dictionaries/ascii/mmcif_pdbx.dic 
# 
loop_
_database_2.database_id 
_database_2.database_code 
_database_2.pdbx_database_accession 
_database_2.pdbx_DOI 
PDB   5HJB         pdb_00005hjb 10.2210/pdb5hjb/pdb 
WWPDB D_1000217124 ?            ?                   
# 
loop_
_pdbx_database_related.content_type 
_pdbx_database_related.db_id 
_pdbx_database_related.db_name 
_pdbx_database_related.details 
unspecified 5HJC PDB . 
unspecified 5HJD PDB . 
# 
_pdbx_database_status.status_code                     REL 
_pdbx_database_status.status_code_sf                  REL 
_pdbx_database_status.status_code_mr                  ? 
_pdbx_database_status.entry_id                        5HJB 
_pdbx_database_status.recvd_initial_deposition_date   2016-01-12 
_pdbx_database_status.SG_entry                        N 
_pdbx_database_status.deposit_site                    RCSB 
_pdbx_database_status.process_site                    PDBJ 
_pdbx_database_status.status_code_cs                  ? 
_pdbx_database_status.methods_development_category    ? 
_pdbx_database_status.pdb_format_compatible           Y 
_pdbx_database_status.status_code_nmr_data            ? 
# 
loop_
_audit_author.name 
_audit_author.pdbx_ordinal 
'Li, Y.Y.'   1 
'Zhao, D.'   2 
'Guan, H.P.' 3 
'Li, H.T.'   4 
# 
_citation.abstract                  ? 
_citation.abstract_id_CAS           ? 
_citation.book_id_ISBN              ? 
_citation.book_publisher            ? 
_citation.book_publisher_city       ? 
_citation.book_title                ? 
_citation.coordinate_linkage        ? 
_citation.country                   US 
_citation.database_id_Medline       ? 
_citation.details                   ? 
_citation.id                        primary 
_citation.journal_abbrev            Mol.Cell 
_citation.journal_id_ASTM           MOCEFL 
_citation.journal_id_CSD            2168 
_citation.journal_id_ISSN           1097-2765 
_citation.journal_full              ? 
_citation.journal_issue             ? 
_citation.journal_volume            62 
_citation.language                  ? 
_citation.page_first                181 
_citation.page_last                 193 
_citation.title                     'Molecular Coupling of Histone Crotonylation and Active Transcription by AF9 YEATS Domain' 
_citation.year                      2016 
_citation.database_id_CSD           ? 
_citation.pdbx_database_id_DOI      10.1016/j.molcel.2016.03.028 
_citation.pdbx_database_id_PubMed   27105114 
_citation.unpublished_flag          ? 
# 
loop_
_citation_author.citation_id 
_citation_author.name 
_citation_author.ordinal 
_citation_author.identifier_ORCID 
primary 'Li, Y.Y.'      1  ? 
primary 'Sabari, B.R.'  2  ? 
primary 'Panchenko, T.' 3  ? 
primary 'Wen, H.'       4  ? 
primary 'Zhao, D.'      5  ? 
primary 'Guan, H.P.'    6  ? 
primary 'Wan, L.'       7  ? 
primary 'Huang, H.'     8  ? 
primary 'Tang, Z.'      9  ? 
primary 'Zhao, Y.'      10 ? 
primary 'Roeder, R.G.'  11 ? 
primary 'Shi, X.'       12 ? 
primary 'Allis, C.D.'   13 ? 
primary 'Li, H.T.'      14 ? 
# 
_cell.angle_alpha                  90.000 
_cell.angle_alpha_esd              ? 
_cell.angle_beta                   90.000 
_cell.angle_beta_esd               ? 
_cell.angle_gamma                  120.000 
_cell.angle_gamma_esd              ? 
_cell.entry_id                     5HJB 
_cell.details                      ? 
_cell.formula_units_Z              ? 
_cell.length_a                     97.595 
_cell.length_a_esd                 ? 
_cell.length_b                     97.595 
_cell.length_b_esd                 ? 
_cell.length_c                     39.685 
_cell.length_c_esd                 ? 
_cell.volume                       ? 
_cell.volume_esd                   ? 
_cell.Z_PDB                        6 
_cell.reciprocal_angle_alpha       ? 
_cell.reciprocal_angle_beta        ? 
_cell.reciprocal_angle_gamma       ? 
_cell.reciprocal_angle_alpha_esd   ? 
_cell.reciprocal_angle_beta_esd    ? 
_cell.reciprocal_angle_gamma_esd   ? 
_cell.reciprocal_length_a          ? 
_cell.reciprocal_length_b          ? 
_cell.reciprocal_length_c          ? 
_cell.reciprocal_length_a_esd      ? 
_cell.reciprocal_length_b_esd      ? 
_cell.reciprocal_length_c_esd      ? 
_cell.pdbx_unique_axis             ? 
# 
_symmetry.entry_id                         5HJB 
_symmetry.cell_setting                     ? 
_symmetry.Int_Tables_number                154 
_symmetry.space_group_name_Hall            ? 
_symmetry.space_group_name_H-M             'P 32 2 1' 
_symmetry.pdbx_full_space_group_name_H-M   ? 
# 
loop_
_entity.id 
_entity.type 
_entity.src_method 
_entity.pdbx_description 
_entity.formula_weight 
_entity.pdbx_number_of_molecules 
_entity.pdbx_ec 
_entity.pdbx_mutation 
_entity.pdbx_fragment 
_entity.details 
1 polymer man 'Protein AF-9'            16554.107 1  ? ? 'YEATS domain, UNP residues 1-138' ? 
2 polymer syn 'peptide of Histone H3.1' 989.128   1  ? ? ?                                  ? 
3 water   nat water                     18.015    16 ? ? ?                                  ? 
# 
_entity_name_com.entity_id   1 
_entity_name_com.name        
;ALL1-fused gene from chromosome 9 protein,Myeloid/lymphoid or mixed-lineage leukemia translocated to chromosome 3 protein,YEATS domain-containing protein 3
;
# 
loop_
_entity_poly.entity_id 
_entity_poly.type 
_entity_poly.nstd_linkage 
_entity_poly.nstd_monomer 
_entity_poly.pdbx_seq_one_letter_code 
_entity_poly.pdbx_seq_one_letter_code_can 
_entity_poly.pdbx_strand_id 
_entity_poly.pdbx_target_identifier 
1 'polypeptide(L)' no no  
;SHMASSCAVQVKLELGHRAQVRKKPTVEGFTHDWMVFVRGPEHSNIQHFVEKVVFHLHESFPRPKRVCKDPPYKVEESGY
AGFILPIEVYFKNKEEPRKVRFDYDLFLHLEGHPPVNHLRCEKLTFNNPTEDFRRKLLKA
;
;SHMASSCAVQVKLELGHRAQVRKKPTVEGFTHDWMVFVRGPEHSNIQHFVEKVVFHLHESFPRPKRVCKDPPYKVEESGY
AGFILPIEVYFKNKEEPRKVRFDYDLFLHLEGHPPVNHLRCEKLTFNNPTEDFRRKLLKA
;
A ? 
2 'polypeptide(L)' no yes 'TKQTAR(KCR)S' TKQTARXS B ? 
# 
loop_
_entity_poly_seq.entity_id 
_entity_poly_seq.num 
_entity_poly_seq.mon_id 
_entity_poly_seq.hetero 
1 1   SER n 
1 2   HIS n 
1 3   MET n 
1 4   ALA n 
1 5   SER n 
1 6   SER n 
1 7   CYS n 
1 8   ALA n 
1 9   VAL n 
1 10  GLN n 
1 11  VAL n 
1 12  LYS n 
1 13  LEU n 
1 14  GLU n 
1 15  LEU n 
1 16  GLY n 
1 17  HIS n 
1 18  ARG n 
1 19  ALA n 
1 20  GLN n 
1 21  VAL n 
1 22  ARG n 
1 23  LYS n 
1 24  LYS n 
1 25  PRO n 
1 26  THR n 
1 27  VAL n 
1 28  GLU n 
1 29  GLY n 
1 30  PHE n 
1 31  THR n 
1 32  HIS n 
1 33  ASP n 
1 34  TRP n 
1 35  MET n 
1 36  VAL n 
1 37  PHE n 
1 38  VAL n 
1 39  ARG n 
1 40  GLY n 
1 41  PRO n 
1 42  GLU n 
1 43  HIS n 
1 44  SER n 
1 45  ASN n 
1 46  ILE n 
1 47  GLN n 
1 48  HIS n 
1 49  PHE n 
1 50  VAL n 
1 51  GLU n 
1 52  LYS n 
1 53  VAL n 
1 54  VAL n 
1 55  PHE n 
1 56  HIS n 
1 57  LEU n 
1 58  HIS n 
1 59  GLU n 
1 60  SER n 
1 61  PHE n 
1 62  PRO n 
1 63  ARG n 
1 64  PRO n 
1 65  LYS n 
1 66  ARG n 
1 67  VAL n 
1 68  CYS n 
1 69  LYS n 
1 70  ASP n 
1 71  PRO n 
1 72  PRO n 
1 73  TYR n 
1 74  LYS n 
1 75  VAL n 
1 76  GLU n 
1 77  GLU n 
1 78  SER n 
1 79  GLY n 
1 80  TYR n 
1 81  ALA n 
1 82  GLY n 
1 83  PHE n 
1 84  ILE n 
1 85  LEU n 
1 86  PRO n 
1 87  ILE n 
1 88  GLU n 
1 89  VAL n 
1 90  TYR n 
1 91  PHE n 
1 92  LYS n 
1 93  ASN n 
1 94  LYS n 
1 95  GLU n 
1 96  GLU n 
1 97  PRO n 
1 98  ARG n 
1 99  LYS n 
1 100 VAL n 
1 101 ARG n 
1 102 PHE n 
1 103 ASP n 
1 104 TYR n 
1 105 ASP n 
1 106 LEU n 
1 107 PHE n 
1 108 LEU n 
1 109 HIS n 
1 110 LEU n 
1 111 GLU n 
1 112 GLY n 
1 113 HIS n 
1 114 PRO n 
1 115 PRO n 
1 116 VAL n 
1 117 ASN n 
1 118 HIS n 
1 119 LEU n 
1 120 ARG n 
1 121 CYS n 
1 122 GLU n 
1 123 LYS n 
1 124 LEU n 
1 125 THR n 
1 126 PHE n 
1 127 ASN n 
1 128 ASN n 
1 129 PRO n 
1 130 THR n 
1 131 GLU n 
1 132 ASP n 
1 133 PHE n 
1 134 ARG n 
1 135 ARG n 
1 136 LYS n 
1 137 LEU n 
1 138 LEU n 
1 139 LYS n 
1 140 ALA n 
2 1   THR n 
2 2   LYS n 
2 3   GLN n 
2 4   THR n 
2 5   ALA n 
2 6   ARG n 
2 7   KCR n 
2 8   SER n 
# 
_entity_src_gen.entity_id                          1 
_entity_src_gen.pdbx_src_id                        1 
_entity_src_gen.pdbx_alt_source_flag               sample 
_entity_src_gen.pdbx_seq_type                      'Biological sequence' 
_entity_src_gen.pdbx_beg_seq_num                   1 
_entity_src_gen.pdbx_end_seq_num                   140 
_entity_src_gen.gene_src_common_name               Human 
_entity_src_gen.gene_src_genus                     ? 
_entity_src_gen.pdbx_gene_src_gene                 'MLLT3, AF9, YEATS3' 
_entity_src_gen.gene_src_species                   ? 
_entity_src_gen.gene_src_strain                    ? 
_entity_src_gen.gene_src_tissue                    ? 
_entity_src_gen.gene_src_tissue_fraction           ? 
_entity_src_gen.gene_src_details                   ? 
_entity_src_gen.pdbx_gene_src_fragment             ? 
_entity_src_gen.pdbx_gene_src_scientific_name      'Homo sapiens' 
_entity_src_gen.pdbx_gene_src_ncbi_taxonomy_id     9606 
_entity_src_gen.pdbx_gene_src_variant              ? 
_entity_src_gen.pdbx_gene_src_cell_line            ? 
_entity_src_gen.pdbx_gene_src_atcc                 ? 
_entity_src_gen.pdbx_gene_src_organ                ? 
_entity_src_gen.pdbx_gene_src_organelle            ? 
_entity_src_gen.pdbx_gene_src_cell                 ? 
_entity_src_gen.pdbx_gene_src_cellular_location    ? 
_entity_src_gen.host_org_common_name               ? 
_entity_src_gen.pdbx_host_org_scientific_name      'Escherichia coli BL21(DE3)' 
_entity_src_gen.pdbx_host_org_ncbi_taxonomy_id     469008 
_entity_src_gen.host_org_genus                     ? 
_entity_src_gen.pdbx_host_org_gene                 ? 
_entity_src_gen.pdbx_host_org_organ                ? 
_entity_src_gen.host_org_species                   ? 
_entity_src_gen.pdbx_host_org_tissue               ? 
_entity_src_gen.pdbx_host_org_tissue_fraction      ? 
_entity_src_gen.pdbx_host_org_strain               'BL21(DE3)' 
_entity_src_gen.pdbx_host_org_variant              ? 
_entity_src_gen.pdbx_host_org_cell_line            ? 
_entity_src_gen.pdbx_host_org_atcc                 ? 
_entity_src_gen.pdbx_host_org_culture_collection   ? 
_entity_src_gen.pdbx_host_org_cell                 ? 
_entity_src_gen.pdbx_host_org_organelle            ? 
_entity_src_gen.pdbx_host_org_cellular_location    ? 
_entity_src_gen.pdbx_host_org_vector_type          ? 
_entity_src_gen.pdbx_host_org_vector               ? 
_entity_src_gen.host_org_details                   ? 
_entity_src_gen.expression_system_id               ? 
_entity_src_gen.plasmid_name                       ? 
_entity_src_gen.plasmid_details                    ? 
_entity_src_gen.pdbx_description                   ? 
# 
_pdbx_entity_src_syn.entity_id              2 
_pdbx_entity_src_syn.pdbx_src_id            1 
_pdbx_entity_src_syn.pdbx_alt_source_flag   sample 
_pdbx_entity_src_syn.pdbx_beg_seq_num       1 
_pdbx_entity_src_syn.pdbx_end_seq_num       8 
_pdbx_entity_src_syn.organism_scientific    'Homo sapiens' 
_pdbx_entity_src_syn.organism_common_name   Human 
_pdbx_entity_src_syn.ncbi_taxonomy_id       9606 
_pdbx_entity_src_syn.details                ? 
# 
loop_
_struct_ref.id 
_struct_ref.db_name 
_struct_ref.db_code 
_struct_ref.pdbx_db_accession 
_struct_ref.pdbx_db_isoform 
_struct_ref.entity_id 
_struct_ref.pdbx_seq_one_letter_code 
_struct_ref.pdbx_align_begin 
1 UNP AF9_HUMAN P42568 ? 1 
;MASSCAVQVKLELGHRAQVRKKPTVEGFTHDWMVFVRGPEHSNIQHFVEKVVFHLHESFPRPKRVCKDPPYKVEESGYAG
FILPIEVYFKNKEEPRKVRFDYDLFLHLEGHPPVNHLRCEKLTFNNPTEDFRRKLLKA
;
1 
2 UNP H31_HUMAN P68431 ? 2 TKQTARKS 4 
# 
loop_
_struct_ref_seq.align_id 
_struct_ref_seq.ref_id 
_struct_ref_seq.pdbx_PDB_id_code 
_struct_ref_seq.pdbx_strand_id 
_struct_ref_seq.seq_align_beg 
_struct_ref_seq.pdbx_seq_align_beg_ins_code 
_struct_ref_seq.seq_align_end 
_struct_ref_seq.pdbx_seq_align_end_ins_code 
_struct_ref_seq.pdbx_db_accession 
_struct_ref_seq.db_align_beg 
_struct_ref_seq.pdbx_db_align_beg_ins_code 
_struct_ref_seq.db_align_end 
_struct_ref_seq.pdbx_db_align_end_ins_code 
_struct_ref_seq.pdbx_auth_seq_align_beg 
_struct_ref_seq.pdbx_auth_seq_align_end 
1 1 5HJB A 3 ? 140 ? P42568 1 ? 138 ? 1 138 
2 2 5HJB B 1 ? 8   ? P68431 4 ? 11  ? 3 10  
# 
loop_
_struct_ref_seq_dif.align_id 
_struct_ref_seq_dif.pdbx_pdb_id_code 
_struct_ref_seq_dif.mon_id 
_struct_ref_seq_dif.pdbx_pdb_strand_id 
_struct_ref_seq_dif.seq_num 
_struct_ref_seq_dif.pdbx_pdb_ins_code 
_struct_ref_seq_dif.pdbx_seq_db_name 
_struct_ref_seq_dif.pdbx_seq_db_accession_code 
_struct_ref_seq_dif.db_mon_id 
_struct_ref_seq_dif.pdbx_seq_db_seq_num 
_struct_ref_seq_dif.details 
_struct_ref_seq_dif.pdbx_auth_seq_num 
_struct_ref_seq_dif.pdbx_ordinal 
1 5HJB SER A 1 ? UNP P42568 ? ? 'expression tag' -1 1 
1 5HJB HIS A 2 ? UNP P42568 ? ? 'expression tag' 0  2 
# 
loop_
_chem_comp.id 
_chem_comp.type 
_chem_comp.mon_nstd_flag 
_chem_comp.name 
_chem_comp.pdbx_synonyms 
_chem_comp.formula 
_chem_comp.formula_weight 
ALA 'L-peptide linking' y ALANINE               ? 'C3 H7 N O2'     89.093  
ARG 'L-peptide linking' y ARGININE              ? 'C6 H15 N4 O2 1' 175.209 
ASN 'L-peptide linking' y ASPARAGINE            ? 'C4 H8 N2 O3'    132.118 
ASP 'L-peptide linking' y 'ASPARTIC ACID'       ? 'C4 H7 N O4'     133.103 
CYS 'L-peptide linking' y CYSTEINE              ? 'C3 H7 N O2 S'   121.158 
GLN 'L-peptide linking' y GLUTAMINE             ? 'C5 H10 N2 O3'   146.144 
GLU 'L-peptide linking' y 'GLUTAMIC ACID'       ? 'C5 H9 N O4'     147.129 
GLY 'peptide linking'   y GLYCINE               ? 'C2 H5 N O2'     75.067  
HIS 'L-peptide linking' y HISTIDINE             ? 'C6 H10 N3 O2 1' 156.162 
HOH non-polymer         . WATER                 ? 'H2 O'           18.015  
ILE 'L-peptide linking' y ISOLEUCINE            ? 'C6 H13 N O2'    131.173 
KCR 'L-peptide linking' n N-6-crotonyl-L-lysine ? 'C10 H18 N2 O3'  214.262 
LEU 'L-peptide linking' y LEUCINE               ? 'C6 H13 N O2'    131.173 
LYS 'L-peptide linking' y LYSINE                ? 'C6 H15 N2 O2 1' 147.195 
MET 'L-peptide linking' y METHIONINE            ? 'C5 H11 N O2 S'  149.211 
PHE 'L-peptide linking' y PHENYLALANINE         ? 'C9 H11 N O2'    165.189 
PRO 'L-peptide linking' y PROLINE               ? 'C5 H9 N O2'     115.130 
SER 'L-peptide linking' y SERINE                ? 'C3 H7 N O3'     105.093 
THR 'L-peptide linking' y THREONINE             ? 'C4 H9 N O3'     119.119 
TRP 'L-peptide linking' y TRYPTOPHAN            ? 'C11 H12 N2 O2'  204.225 
TYR 'L-peptide linking' y TYROSINE              ? 'C9 H11 N O3'    181.189 
VAL 'L-peptide linking' y VALINE                ? 'C5 H11 N O2'    117.146 
# 
_exptl.absorpt_coefficient_mu     ? 
_exptl.absorpt_correction_T_max   ? 
_exptl.absorpt_correction_T_min   ? 
_exptl.absorpt_correction_type    ? 
_exptl.absorpt_process_details    ? 
_exptl.entry_id                   5HJB 
_exptl.crystals_number            1 
_exptl.details                    ? 
_exptl.method                     'X-RAY DIFFRACTION' 
_exptl.method_details             ? 
# 
_exptl_crystal.colour                      ? 
_exptl_crystal.density_diffrn              ? 
_exptl_crystal.density_Matthews            3.11 
_exptl_crystal.density_method              ? 
_exptl_crystal.density_percent_sol         60.45 
_exptl_crystal.description                 ? 
_exptl_crystal.F_000                       ? 
_exptl_crystal.id                          1 
_exptl_crystal.preparation                 ? 
_exptl_crystal.size_max                    ? 
_exptl_crystal.size_mid                    ? 
_exptl_crystal.size_min                    ? 
_exptl_crystal.size_rad                    ? 
_exptl_crystal.colour_lustre               ? 
_exptl_crystal.colour_modifier             ? 
_exptl_crystal.colour_primary              ? 
_exptl_crystal.density_meas                ? 
_exptl_crystal.density_meas_esd            ? 
_exptl_crystal.density_meas_gt             ? 
_exptl_crystal.density_meas_lt             ? 
_exptl_crystal.density_meas_temp           ? 
_exptl_crystal.density_meas_temp_esd       ? 
_exptl_crystal.density_meas_temp_gt        ? 
_exptl_crystal.density_meas_temp_lt        ? 
_exptl_crystal.pdbx_crystal_image_url      ? 
_exptl_crystal.pdbx_crystal_image_format   ? 
_exptl_crystal.pdbx_mosaicity              ? 
_exptl_crystal.pdbx_mosaicity_esd          ? 
# 
_exptl_crystal_grow.apparatus       ? 
_exptl_crystal_grow.atmosphere      ? 
_exptl_crystal_grow.crystal_id      1 
_exptl_crystal_grow.details         ? 
_exptl_crystal_grow.method          'VAPOR DIFFUSION, SITTING DROP' 
_exptl_crystal_grow.method_ref      ? 
_exptl_crystal_grow.pH              5.6 
_exptl_crystal_grow.pressure        ? 
_exptl_crystal_grow.pressure_esd    ? 
_exptl_crystal_grow.seeding         ? 
_exptl_crystal_grow.seeding_ref     ? 
_exptl_crystal_grow.temp            292 
_exptl_crystal_grow.temp_details    ? 
_exptl_crystal_grow.temp_esd        ? 
_exptl_crystal_grow.time            ? 
_exptl_crystal_grow.pdbx_details    
'20% (w/v) polyethylene glycol 4000, 0.2 M ammonium sulfate, 0.1 M sodium citrate tribasic dihydrate, 3% MPD' 
_exptl_crystal_grow.pdbx_pH_range   ? 
# 
_diffrn.ambient_environment    ? 
_diffrn.ambient_temp           100 
_diffrn.ambient_temp_details   ? 
_diffrn.ambient_temp_esd       ? 
_diffrn.crystal_id             1 
_diffrn.crystal_support        ? 
_diffrn.crystal_treatment      ? 
_diffrn.details                ? 
_diffrn.id                     1 
_diffrn.ambient_pressure       ? 
_diffrn.ambient_pressure_esd   ? 
_diffrn.ambient_pressure_gt    ? 
_diffrn.ambient_pressure_lt    ? 
_diffrn.ambient_temp_gt        ? 
_diffrn.ambient_temp_lt        ? 
# 
_diffrn_detector.details                      ? 
_diffrn_detector.detector                     CCD 
_diffrn_detector.diffrn_id                    1 
_diffrn_detector.type                         MARRESEARCH 
_diffrn_detector.area_resol_mean              ? 
_diffrn_detector.dtime                        ? 
_diffrn_detector.pdbx_frames_total            ? 
_diffrn_detector.pdbx_collection_time_total   ? 
_diffrn_detector.pdbx_collection_date         2014-03-04 
# 
_diffrn_radiation.collimation                      ? 
_diffrn_radiation.diffrn_id                        1 
_diffrn_radiation.filter_edge                      ? 
_diffrn_radiation.inhomogeneity                    ? 
_diffrn_radiation.monochromator                    ? 
_diffrn_radiation.polarisn_norm                    ? 
_diffrn_radiation.polarisn_ratio                   ? 
_diffrn_radiation.probe                            ? 
_diffrn_radiation.type                             ? 
_diffrn_radiation.xray_symbol                      ? 
_diffrn_radiation.wavelength_id                    1 
_diffrn_radiation.pdbx_monochromatic_or_laue_m_l   M 
_diffrn_radiation.pdbx_wavelength_list             ? 
_diffrn_radiation.pdbx_wavelength                  ? 
_diffrn_radiation.pdbx_diffrn_protocol             'SINGLE WAVELENGTH' 
_diffrn_radiation.pdbx_analyzer                    ? 
_diffrn_radiation.pdbx_scattering_type             x-ray 
# 
_diffrn_radiation_wavelength.id           1 
_diffrn_radiation_wavelength.wavelength   0.979 
_diffrn_radiation_wavelength.wt           1.0 
# 
_diffrn_source.current                     ? 
_diffrn_source.details                     ? 
_diffrn_source.diffrn_id                   1 
_diffrn_source.power                       ? 
_diffrn_source.size                        ? 
_diffrn_source.source                      SYNCHROTRON 
_diffrn_source.target                      ? 
_diffrn_source.type                        'SSRF BEAMLINE BL17U' 
_diffrn_source.voltage                     ? 
_diffrn_source.take-off_angle              ? 
_diffrn_source.pdbx_wavelength_list        0.979 
_diffrn_source.pdbx_wavelength             ? 
_diffrn_source.pdbx_synchrotron_beamline   BL17U 
_diffrn_source.pdbx_synchrotron_site       SSRF 
# 
_reflns.B_iso_Wilson_estimate            ? 
_reflns.entry_id                         5HJB 
_reflns.data_reduction_details           ? 
_reflns.data_reduction_method            ? 
_reflns.d_resolution_high                2.7 
_reflns.d_resolution_low                 50 
_reflns.details                          ? 
_reflns.limit_h_max                      ? 
_reflns.limit_h_min                      ? 
_reflns.limit_k_max                      ? 
_reflns.limit_k_min                      ? 
_reflns.limit_l_max                      ? 
_reflns.limit_l_min                      ? 
_reflns.number_all                       ? 
_reflns.number_obs                       6163 
_reflns.observed_criterion               ? 
_reflns.observed_criterion_F_max         ? 
_reflns.observed_criterion_F_min         ? 
_reflns.observed_criterion_I_max         ? 
_reflns.observed_criterion_I_min         ? 
_reflns.observed_criterion_sigma_F       ? 
_reflns.observed_criterion_sigma_I       ? 
_reflns.percent_possible_obs             99.82 
_reflns.R_free_details                   ? 
_reflns.Rmerge_F_all                     ? 
_reflns.Rmerge_F_obs                     ? 
_reflns.Friedel_coverage                 ? 
_reflns.number_gt                        ? 
_reflns.threshold_expression             ? 
_reflns.pdbx_redundancy                  8.6 
_reflns.pdbx_Rmerge_I_obs                ? 
_reflns.pdbx_Rmerge_I_all                ? 
_reflns.pdbx_Rsym_value                  ? 
_reflns.pdbx_netI_over_av_sigmaI         ? 
_reflns.pdbx_netI_over_sigmaI            26.68 
_reflns.pdbx_res_netI_over_av_sigmaI_2   ? 
_reflns.pdbx_res_netI_over_sigmaI_2      ? 
_reflns.pdbx_chi_squared                 ? 
_reflns.pdbx_scaling_rejects             ? 
_reflns.pdbx_d_res_high_opt              ? 
_reflns.pdbx_d_res_low_opt               ? 
_reflns.pdbx_d_res_opt_method            ? 
_reflns.phase_calculation_details        ? 
_reflns.pdbx_Rrim_I_all                  ? 
_reflns.pdbx_Rpim_I_all                  ? 
_reflns.pdbx_d_opt                       ? 
_reflns.pdbx_number_measured_all         ? 
_reflns.pdbx_diffrn_id                   1 
_reflns.pdbx_ordinal                     1 
_reflns.pdbx_CC_half                     ? 
_reflns.pdbx_R_split                     ? 
# 
_reflns_shell.d_res_high                  2.7 
_reflns_shell.d_res_low                   2.8 
_reflns_shell.meanI_over_sigI_all         ? 
_reflns_shell.meanI_over_sigI_obs         ? 
_reflns_shell.number_measured_all         ? 
_reflns_shell.number_measured_obs         ? 
_reflns_shell.number_possible             ? 
_reflns_shell.number_unique_all           ? 
_reflns_shell.number_unique_obs           ? 
_reflns_shell.percent_possible_all        99 
_reflns_shell.percent_possible_obs        ? 
_reflns_shell.Rmerge_F_all                ? 
_reflns_shell.Rmerge_F_obs                ? 
_reflns_shell.Rmerge_I_all                ? 
_reflns_shell.Rmerge_I_obs                ? 
_reflns_shell.meanI_over_sigI_gt          ? 
_reflns_shell.meanI_over_uI_all           ? 
_reflns_shell.meanI_over_uI_gt            ? 
_reflns_shell.number_measured_gt          ? 
_reflns_shell.number_unique_gt            ? 
_reflns_shell.percent_possible_gt         ? 
_reflns_shell.Rmerge_F_gt                 ? 
_reflns_shell.Rmerge_I_gt                 ? 
_reflns_shell.pdbx_redundancy             8.6 
_reflns_shell.pdbx_Rsym_value             ? 
_reflns_shell.pdbx_chi_squared            ? 
_reflns_shell.pdbx_netI_over_sigmaI_all   ? 
_reflns_shell.pdbx_netI_over_sigmaI_obs   ? 
_reflns_shell.pdbx_Rrim_I_all             ? 
_reflns_shell.pdbx_Rpim_I_all             ? 
_reflns_shell.pdbx_rejects                ? 
_reflns_shell.pdbx_ordinal                1 
_reflns_shell.pdbx_diffrn_id              1 
_reflns_shell.pdbx_CC_half                ? 
_reflns_shell.pdbx_R_split                ? 
# 
_refine.aniso_B[1][1]                            ? 
_refine.aniso_B[1][2]                            ? 
_refine.aniso_B[1][3]                            ? 
_refine.aniso_B[2][2]                            ? 
_refine.aniso_B[2][3]                            ? 
_refine.aniso_B[3][3]                            ? 
_refine.B_iso_max                                144.410 
_refine.B_iso_mean                               82.3188 
_refine.B_iso_min                                58.110 
_refine.correlation_coeff_Fo_to_Fc               ? 
_refine.correlation_coeff_Fo_to_Fc_free          ? 
_refine.details                                  ? 
_refine.diff_density_max                         ? 
_refine.diff_density_max_esd                     ? 
_refine.diff_density_min                         ? 
_refine.diff_density_min_esd                     ? 
_refine.diff_density_rms                         ? 
_refine.diff_density_rms_esd                     ? 
_refine.entry_id                                 5HJB 
_refine.pdbx_refine_id                           'X-RAY DIFFRACTION' 
_refine.ls_abs_structure_details                 ? 
_refine.ls_abs_structure_Flack                   ? 
_refine.ls_abs_structure_Flack_esd               ? 
_refine.ls_abs_structure_Rogers                  ? 
_refine.ls_abs_structure_Rogers_esd              ? 
_refine.ls_d_res_high                            2.7000 
_refine.ls_d_res_low                             35.9220 
_refine.ls_extinction_coef                       ? 
_refine.ls_extinction_coef_esd                   ? 
_refine.ls_extinction_expression                 ? 
_refine.ls_extinction_method                     ? 
_refine.ls_goodness_of_fit_all                   ? 
_refine.ls_goodness_of_fit_all_esd               ? 
_refine.ls_goodness_of_fit_obs                   ? 
_refine.ls_goodness_of_fit_obs_esd               ? 
_refine.ls_hydrogen_treatment                    ? 
_refine.ls_matrix_type                           ? 
_refine.ls_number_constraints                    ? 
_refine.ls_number_parameters                     ? 
_refine.ls_number_reflns_all                     ? 
_refine.ls_number_reflns_obs                     6149 
_refine.ls_number_reflns_R_free                  601 
_refine.ls_number_reflns_R_work                  ? 
_refine.ls_number_restraints                     ? 
_refine.ls_percent_reflns_obs                    99.7100 
_refine.ls_percent_reflns_R_free                 9.7700 
_refine.ls_R_factor_all                          ? 
_refine.ls_R_factor_obs                          0.2102 
_refine.ls_R_factor_R_free                       0.2531 
_refine.ls_R_factor_R_free_error                 ? 
_refine.ls_R_factor_R_free_error_details         ? 
_refine.ls_R_factor_R_work                       0.2056 
_refine.ls_R_Fsqd_factor_obs                     ? 
_refine.ls_R_I_factor_obs                        ? 
_refine.ls_redundancy_reflns_all                 ? 
_refine.ls_redundancy_reflns_obs                 ? 
_refine.ls_restrained_S_all                      ? 
_refine.ls_restrained_S_obs                      ? 
_refine.ls_shift_over_esd_max                    ? 
_refine.ls_shift_over_esd_mean                   ? 
_refine.ls_structure_factor_coef                 ? 
_refine.ls_weighting_details                     ? 
_refine.ls_weighting_scheme                      ? 
_refine.ls_wR_factor_all                         ? 
_refine.ls_wR_factor_obs                         ? 
_refine.ls_wR_factor_R_free                      ? 
_refine.ls_wR_factor_R_work                      ? 
_refine.occupancy_max                            ? 
_refine.occupancy_min                            ? 
_refine.solvent_model_details                    ? 
_refine.solvent_model_param_bsol                 ? 
_refine.solvent_model_param_ksol                 ? 
_refine.ls_R_factor_gt                           ? 
_refine.ls_goodness_of_fit_gt                    ? 
_refine.ls_goodness_of_fit_ref                   ? 
_refine.ls_shift_over_su_max                     ? 
_refine.ls_shift_over_su_max_lt                  ? 
_refine.ls_shift_over_su_mean                    ? 
_refine.ls_shift_over_su_mean_lt                 ? 
_refine.pdbx_ls_sigma_I                          ? 
_refine.pdbx_ls_sigma_F                          1.350 
_refine.pdbx_ls_sigma_Fsqd                       ? 
_refine.pdbx_data_cutoff_high_absF               ? 
_refine.pdbx_data_cutoff_high_rms_absF           ? 
_refine.pdbx_data_cutoff_low_absF                ? 
_refine.pdbx_isotropic_thermal_model             ? 
_refine.pdbx_ls_cross_valid_method               'FREE R-VALUE' 
_refine.pdbx_method_to_determine_struct          'MOLECULAR REPLACEMENT' 
_refine.pdbx_starting_model                      4TMP 
_refine.pdbx_stereochemistry_target_values       ? 
_refine.pdbx_R_Free_selection_details            ? 
_refine.pdbx_stereochem_target_val_spec_case     ? 
_refine.pdbx_overall_ESU_R                       ? 
_refine.pdbx_overall_ESU_R_Free                  ? 
_refine.pdbx_solvent_vdw_probe_radii             1.1100 
_refine.pdbx_solvent_ion_probe_radii             ? 
_refine.pdbx_solvent_shrinkage_radii             0.9000 
_refine.pdbx_real_space_R                        ? 
_refine.pdbx_density_correlation                 ? 
_refine.pdbx_pd_number_of_powder_patterns        ? 
_refine.pdbx_pd_number_of_points                 ? 
_refine.pdbx_pd_meas_number_of_points            ? 
_refine.pdbx_pd_proc_ls_prof_R_factor            ? 
_refine.pdbx_pd_proc_ls_prof_wR_factor           ? 
_refine.pdbx_pd_Marquardt_correlation_coeff      ? 
_refine.pdbx_pd_Fsqrd_R_factor                   ? 
_refine.pdbx_pd_ls_matrix_band_width             ? 
_refine.pdbx_overall_phase_error                 32.7100 
_refine.pdbx_overall_SU_R_free_Cruickshank_DPI   ? 
_refine.pdbx_overall_SU_R_free_Blow_DPI          ? 
_refine.pdbx_overall_SU_R_Blow_DPI               ? 
_refine.pdbx_TLS_residual_ADP_flag               ? 
_refine.pdbx_diffrn_id                           1 
_refine.overall_SU_B                             ? 
_refine.overall_SU_ML                            0.2800 
_refine.overall_SU_R_Cruickshank_DPI             ? 
_refine.overall_SU_R_free                        ? 
_refine.overall_FOM_free_R_set                   ? 
_refine.overall_FOM_work_R_set                   ? 
_refine.pdbx_average_fsc_overall                 ? 
_refine.pdbx_average_fsc_work                    ? 
_refine.pdbx_average_fsc_free                    ? 
# 
_refine_hist.cycle_id                         final 
_refine_hist.pdbx_refine_id                   'X-RAY DIFFRACTION' 
_refine_hist.d_res_high                       2.7000 
_refine_hist.d_res_low                        35.9220 
_refine_hist.pdbx_number_atoms_ligand         0 
_refine_hist.number_atoms_solvent             16 
_refine_hist.number_atoms_total               1252 
_refine_hist.pdbx_number_residues_total       148 
_refine_hist.pdbx_B_iso_mean_solvent          79.66 
_refine_hist.pdbx_number_atoms_protein        1236 
_refine_hist.pdbx_number_atoms_nucleic_acid   0 
# 
loop_
_refine_ls_restr.pdbx_refine_id 
_refine_ls_restr.criterion 
_refine_ls_restr.dev_ideal 
_refine_ls_restr.dev_ideal_target 
_refine_ls_restr.number 
_refine_ls_restr.rejects 
_refine_ls_restr.type 
_refine_ls_restr.weight 
_refine_ls_restr.pdbx_restraint_function 
'X-RAY DIFFRACTION' ? 0.010  ? 1272 ? f_bond_d           ? ? 
'X-RAY DIFFRACTION' ? 1.267  ? 1712 ? f_angle_d          ? ? 
'X-RAY DIFFRACTION' ? 0.055  ? 176  ? f_chiral_restr     ? ? 
'X-RAY DIFFRACTION' ? 0.006  ? 222  ? f_plane_restr      ? ? 
'X-RAY DIFFRACTION' ? 19.205 ? 770  ? f_dihedral_angle_d ? ? 
# 
loop_
_refine_ls_shell.pdbx_refine_id 
_refine_ls_shell.d_res_high 
_refine_ls_shell.d_res_low 
_refine_ls_shell.number_reflns_all 
_refine_ls_shell.number_reflns_obs 
_refine_ls_shell.number_reflns_R_free 
_refine_ls_shell.number_reflns_R_work 
_refine_ls_shell.percent_reflns_obs 
_refine_ls_shell.percent_reflns_R_free 
_refine_ls_shell.R_factor_all 
_refine_ls_shell.R_factor_obs 
_refine_ls_shell.R_factor_R_free 
_refine_ls_shell.R_factor_R_free_error 
_refine_ls_shell.R_factor_R_work 
_refine_ls_shell.redundancy_reflns_all 
_refine_ls_shell.redundancy_reflns_obs 
_refine_ls_shell.wR_factor_all 
_refine_ls_shell.wR_factor_obs 
_refine_ls_shell.wR_factor_R_free 
_refine_ls_shell.wR_factor_R_work 
_refine_ls_shell.pdbx_total_number_of_bins_used 
_refine_ls_shell.pdbx_phase_error 
_refine_ls_shell.pdbx_fsc_work 
_refine_ls_shell.pdbx_fsc_free 
'X-RAY DIFFRACTION' 2.6996 2.9712  1500 . 166 1334 99.0000  . . . 0.3287 . 0.2656 . . . . . . 4 . . . 
'X-RAY DIFFRACTION' 2.9712 3.4009  1529 . 151 1378 100.0000 . . . 0.3197 . 0.2374 . . . . . . 4 . . . 
'X-RAY DIFFRACTION' 3.4009 4.2836  1528 . 133 1395 100.0000 . . . 0.2802 . 0.2084 . . . . . . 4 . . . 
'X-RAY DIFFRACTION' 4.2836 35.9255 1592 . 151 1441 100.0000 . . . 0.2108 . 0.1880 . . . . . . 4 . . . 
# 
_struct.entry_id                     5HJB 
_struct.title                        'AF9 YEATS in complex with histone H3 Crotonylation at K9' 
_struct.pdbx_model_details           ? 
_struct.pdbx_formula_weight          ? 
_struct.pdbx_formula_weight_method   ? 
_struct.pdbx_model_type_details      ? 
_struct.pdbx_CASP_flag               ? 
# 
_struct_keywords.entry_id        5HJB 
_struct_keywords.text            'AF9 YEATS, histone peptide, crotonyllysine, H3K9, TRANSCRIPTION-PEPTIDE complex' 
_struct_keywords.pdbx_keywords   TRANSCRIPTION/PEPTIDE 
# 
loop_
_struct_asym.id 
_struct_asym.pdbx_blank_PDB_chainid_flag 
_struct_asym.pdbx_modified 
_struct_asym.entity_id 
_struct_asym.details 
A N N 1 ? 
B N N 2 ? 
C N N 3 ? 
D N N 3 ? 
# 
loop_
_struct_conf.conf_type_id 
_struct_conf.id 
_struct_conf.pdbx_PDB_helix_id 
_struct_conf.beg_label_comp_id 
_struct_conf.beg_label_asym_id 
_struct_conf.beg_label_seq_id 
_struct_conf.pdbx_beg_PDB_ins_code 
_struct_conf.end_label_comp_id 
_struct_conf.end_label_asym_id 
_struct_conf.end_label_seq_id 
_struct_conf.pdbx_end_PDB_ins_code 
_struct_conf.beg_auth_comp_id 
_struct_conf.beg_auth_asym_id 
_struct_conf.beg_auth_seq_id 
_struct_conf.end_auth_comp_id 
_struct_conf.end_auth_asym_id 
_struct_conf.end_auth_seq_id 
_struct_conf.pdbx_PDB_helix_class 
_struct_conf.details 
_struct_conf.pdbx_PDB_helix_length 
HELX_P HELX_P1 AA1 GLY A 40  ? SER A 44  ? GLY A 38  SER A 42  5 ? 5  
HELX_P HELX_P2 AA2 THR A 130 ? LYS A 139 ? THR A 128 LYS A 137 1 ? 10 
# 
_struct_conf_type.id          HELX_P 
_struct_conf_type.criteria    ? 
_struct_conf_type.reference   ? 
# 
loop_
_struct_conn.id 
_struct_conn.conn_type_id 
_struct_conn.pdbx_leaving_atom_flag 
_struct_conn.pdbx_PDB_id 
_struct_conn.ptnr1_label_asym_id 
_struct_conn.ptnr1_label_comp_id 
_struct_conn.ptnr1_label_seq_id 
_struct_conn.ptnr1_label_atom_id 
_struct_conn.pdbx_ptnr1_label_alt_id 
_struct_conn.pdbx_ptnr1_PDB_ins_code 
_struct_conn.pdbx_ptnr1_standard_comp_id 
_struct_conn.ptnr1_symmetry 
_struct_conn.ptnr2_label_asym_id 
_struct_conn.ptnr2_label_comp_id 
_struct_conn.ptnr2_label_seq_id 
_struct_conn.ptnr2_label_atom_id 
_struct_conn.pdbx_ptnr2_label_alt_id 
_struct_conn.pdbx_ptnr2_PDB_ins_code 
_struct_conn.ptnr1_auth_asym_id 
_struct_conn.ptnr1_auth_comp_id 
_struct_conn.ptnr1_auth_seq_id 
_struct_conn.ptnr2_auth_asym_id 
_struct_conn.ptnr2_auth_comp_id 
_struct_conn.ptnr2_auth_seq_id 
_struct_conn.ptnr2_symmetry 
_struct_conn.pdbx_ptnr3_label_atom_id 
_struct_conn.pdbx_ptnr3_label_seq_id 
_struct_conn.pdbx_ptnr3_label_comp_id 
_struct_conn.pdbx_ptnr3_label_asym_id 
_struct_conn.pdbx_ptnr3_label_alt_id 
_struct_conn.pdbx_ptnr3_PDB_ins_code 
_struct_conn.details 
_struct_conn.pdbx_dist_value 
_struct_conn.pdbx_value_order 
_struct_conn.pdbx_role 
covale1 covale both ? B ARG 6 C ? ? ? 1_555 B KCR 7 N ? ? B ARG 8 B KCR 9  1_555 ? ? ? ? ? ? ? 1.326 ? ? 
covale2 covale both ? B KCR 7 C ? ? ? 1_555 B SER 8 N ? ? B KCR 9 B SER 10 1_555 ? ? ? ? ? ? ? 1.329 ? ? 
# 
_struct_conn_type.id          covale 
_struct_conn_type.criteria    ? 
_struct_conn_type.reference   ? 
# 
loop_
_struct_mon_prot_cis.pdbx_id 
_struct_mon_prot_cis.label_comp_id 
_struct_mon_prot_cis.label_seq_id 
_struct_mon_prot_cis.label_asym_id 
_struct_mon_prot_cis.label_alt_id 
_struct_mon_prot_cis.pdbx_PDB_ins_code 
_struct_mon_prot_cis.auth_comp_id 
_struct_mon_prot_cis.auth_seq_id 
_struct_mon_prot_cis.auth_asym_id 
_struct_mon_prot_cis.pdbx_label_comp_id_2 
_struct_mon_prot_cis.pdbx_label_seq_id_2 
_struct_mon_prot_cis.pdbx_label_asym_id_2 
_struct_mon_prot_cis.pdbx_PDB_ins_code_2 
_struct_mon_prot_cis.pdbx_auth_comp_id_2 
_struct_mon_prot_cis.pdbx_auth_seq_id_2 
_struct_mon_prot_cis.pdbx_auth_asym_id_2 
_struct_mon_prot_cis.pdbx_PDB_model_num 
_struct_mon_prot_cis.pdbx_omega_angle 
1 GLU 28 A . ? GLU 26 A GLY 29 A ? GLY 27 A 1 -28.62 
2 PRO 71 A . ? PRO 69 A PRO 72 A ? PRO 70 A 1 -14.49 
3 GLU 96 A . ? GLU 94 A PRO 97 A ? PRO 95 A 1 -6.42  
# 
loop_
_struct_sheet.id 
_struct_sheet.type 
_struct_sheet.number_strands 
_struct_sheet.details 
AA1 ? 4 ? 
AA2 ? 4 ? 
# 
loop_
_struct_sheet_order.sheet_id 
_struct_sheet_order.range_id_1 
_struct_sheet_order.range_id_2 
_struct_sheet_order.offset 
_struct_sheet_order.sense 
AA1 1 2 ? anti-parallel 
AA1 2 3 ? anti-parallel 
AA1 3 4 ? anti-parallel 
AA2 1 2 ? anti-parallel 
AA2 2 3 ? anti-parallel 
AA2 3 4 ? anti-parallel 
# 
loop_
_struct_sheet_range.sheet_id 
_struct_sheet_range.id 
_struct_sheet_range.beg_label_comp_id 
_struct_sheet_range.beg_label_asym_id 
_struct_sheet_range.beg_label_seq_id 
_struct_sheet_range.pdbx_beg_PDB_ins_code 
_struct_sheet_range.end_label_comp_id 
_struct_sheet_range.end_label_asym_id 
_struct_sheet_range.end_label_seq_id 
_struct_sheet_range.pdbx_end_PDB_ins_code 
_struct_sheet_range.beg_auth_comp_id 
_struct_sheet_range.beg_auth_asym_id 
_struct_sheet_range.beg_auth_seq_id 
_struct_sheet_range.end_auth_comp_id 
_struct_sheet_range.end_auth_asym_id 
_struct_sheet_range.end_auth_seq_id 
AA1 1 TYR A 73  ? GLY A 79  ? TYR A 71  GLY A 77  
AA1 2 HIS A 32  ? ARG A 39  ? HIS A 30  ARG A 37  
AA1 3 ALA A 8   ? VAL A 21  ? ALA A 6   VAL A 19  
AA1 4 VAL A 116 ? ASN A 127 ? VAL A 114 ASN A 125 
AA2 1 LYS A 65  ? CYS A 68  ? LYS A 63  CYS A 66  
AA2 2 VAL A 50  ? HIS A 56  ? VAL A 48  HIS A 54  
AA2 3 PHE A 83  ? PHE A 91  ? PHE A 81  PHE A 89  
AA2 4 LYS A 99  ? LEU A 106 ? LYS A 97  LEU A 104 
# 
loop_
_pdbx_struct_sheet_hbond.sheet_id 
_pdbx_struct_sheet_hbond.range_id_1 
_pdbx_struct_sheet_hbond.range_id_2 
_pdbx_struct_sheet_hbond.range_1_label_atom_id 
_pdbx_struct_sheet_hbond.range_1_label_comp_id 
_pdbx_struct_sheet_hbond.range_1_label_asym_id 
_pdbx_struct_sheet_hbond.range_1_label_seq_id 
_pdbx_struct_sheet_hbond.range_1_PDB_ins_code 
_pdbx_struct_sheet_hbond.range_1_auth_atom_id 
_pdbx_struct_sheet_hbond.range_1_auth_comp_id 
_pdbx_struct_sheet_hbond.range_1_auth_asym_id 
_pdbx_struct_sheet_hbond.range_1_auth_seq_id 
_pdbx_struct_sheet_hbond.range_2_label_atom_id 
_pdbx_struct_sheet_hbond.range_2_label_comp_id 
_pdbx_struct_sheet_hbond.range_2_label_asym_id 
_pdbx_struct_sheet_hbond.range_2_label_seq_id 
_pdbx_struct_sheet_hbond.range_2_PDB_ins_code 
_pdbx_struct_sheet_hbond.range_2_auth_atom_id 
_pdbx_struct_sheet_hbond.range_2_auth_comp_id 
_pdbx_struct_sheet_hbond.range_2_auth_asym_id 
_pdbx_struct_sheet_hbond.range_2_auth_seq_id 
AA1 1 2 O GLU A 77 ? O GLU A 75 N TRP A 34  ? N TRP A 32  
AA1 2 3 O ASP A 33 ? O ASP A 31 N GLN A 20  ? N GLN A 18  
AA1 3 4 N VAL A 9  ? N VAL A 7  O PHE A 126 ? O PHE A 124 
AA2 1 2 O CYS A 68 ? O CYS A 66 N VAL A 53  ? N VAL A 51  
AA2 2 3 N VAL A 54 ? N VAL A 52 O GLU A 88  ? O GLU A 86  
AA2 3 4 N LEU A 85 ? N LEU A 83 O TYR A 104 ? O TYR A 102 
# 
_atom_sites.entry_id                    5HJB 
_atom_sites.fract_transf_matrix[1][1]   0.00470055 
_atom_sites.fract_transf_matrix[1][2]   -0.00977269 
_atom_sites.fract_transf_matrix[1][3]   0.00473064 
_atom_sites.fract_transf_matrix[2][1]   -0.00495126 
_atom_sites.fract_transf_matrix[2][2]   -0.01054531 
_atom_sites.fract_transf_matrix[2][3]   -0.00206827 
_atom_sites.fract_transf_matrix[3][1]   0.01457011 
_atom_sites.fract_transf_matrix[3][2]   -0.00284770 
_atom_sites.fract_transf_matrix[3][3]   -0.02036029 
_atom_sites.fract_transf_vector[1]      0.470704 
_atom_sites.fract_transf_vector[2]      0.186857 
_atom_sites.fract_transf_vector[3]      -0.119812 
# 
loop_
_atom_type.symbol 
C 
N 
O 
S 
# 
loop_
_atom_site.group_PDB 
_atom_site.id 
_atom_site.type_symbol 
_atom_site.label_atom_id 
_atom_site.label_alt_id 
_atom_site.label_comp_id 
_atom_site.label_asym_id 
_atom_site.label_entity_id 
_atom_site.label_seq_id 
_atom_site.pdbx_PDB_ins_code 
_atom_site.Cartn_x 
_atom_site.Cartn_y 
_atom_site.Cartn_z 
_atom_site.occupancy 
_atom_site.B_iso_or_equiv 
_atom_site.pdbx_formal_charge 
_atom_site.auth_seq_id 
_atom_site.auth_comp_id 
_atom_site.auth_asym_id 
_atom_site.auth_atom_id 
_atom_site.pdbx_PDB_model_num 
ATOM   1    N N   . SER A 1 1   ? -37.292 8.365   -17.221 1.00 127.34 ? -1  SER A N   1 
ATOM   2    C CA  . SER A 1 1   ? -36.144 8.176   -18.102 1.00 126.88 ? -1  SER A CA  1 
ATOM   3    C C   . SER A 1 1   ? -35.258 7.046   -17.593 1.00 129.35 ? -1  SER A C   1 
ATOM   4    O O   . SER A 1 1   ? -35.121 6.853   -16.377 1.00 128.81 ? -1  SER A O   1 
ATOM   5    C CB  . SER A 1 1   ? -35.312 9.456   -18.206 1.00 123.96 ? -1  SER A CB  1 
ATOM   6    O OG  . SER A 1 1   ? -34.169 9.367   -17.365 1.00 112.29 ? -1  SER A OG  1 
ATOM   7    N N   . HIS A 1 2   ? -34.631 6.310   -18.514 1.00 127.27 ? 0   HIS A N   1 
ATOM   8    C CA  . HIS A 1 2   ? -33.710 5.257   -18.114 1.00 120.31 ? 0   HIS A CA  1 
ATOM   9    C C   . HIS A 1 2   ? -32.521 5.182   -19.068 1.00 114.69 ? 0   HIS A C   1 
ATOM   10   O O   . HIS A 1 2   ? -32.462 5.865   -20.101 1.00 110.35 ? 0   HIS A O   1 
ATOM   11   C CB  . HIS A 1 2   ? -34.420 3.901   -18.000 1.00 109.62 ? 0   HIS A CB  1 
ATOM   12   C CG  . HIS A 1 2   ? -34.235 3.257   -16.661 1.00 119.65 ? 0   HIS A CG  1 
ATOM   13   N ND1 . HIS A 1 2   ? -33.315 3.719   -15.742 1.00 124.80 ? 0   HIS A ND1 1 
ATOM   14   C CD2 . HIS A 1 2   ? -34.860 2.212   -16.071 1.00 118.65 ? 0   HIS A CD2 1 
ATOM   15   C CE1 . HIS A 1 2   ? -33.372 2.976   -14.651 1.00 120.95 ? 0   HIS A CE1 1 
ATOM   16   N NE2 . HIS A 1 2   ? -34.298 2.051   -14.827 1.00 121.70 ? 0   HIS A NE2 1 
ATOM   17   N N   . MET A 1 3   ? -31.564 4.341   -18.677 1.00 111.68 ? 1   MET A N   1 
ATOM   18   C CA  . MET A 1 3   ? -30.283 4.189   -19.348 1.00 106.06 ? 1   MET A CA  1 
ATOM   19   C C   . MET A 1 3   ? -30.221 2.863   -20.090 1.00 100.65 ? 1   MET A C   1 
ATOM   20   O O   . MET A 1 3   ? -30.726 1.841   -19.614 1.00 101.93 ? 1   MET A O   1 
ATOM   21   C CB  . MET A 1 3   ? -29.142 4.271   -18.341 1.00 107.26 ? 1   MET A CB  1 
ATOM   22   C CG  . MET A 1 3   ? -28.585 5.656   -18.174 1.00 102.92 ? 1   MET A CG  1 
ATOM   23   S SD  . MET A 1 3   ? -27.805 6.130   -19.713 1.00 113.99 ? 1   MET A SD  1 
ATOM   24   C CE  . MET A 1 3   ? -26.120 6.394   -19.133 1.00 102.45 ? 1   MET A CE  1 
ATOM   25   N N   . ALA A 1 4   ? -29.597 2.888   -21.259 1.00 96.62  ? 2   ALA A N   1 
ATOM   26   C CA  . ALA A 1 4   ? -29.390 1.687   -22.050 1.00 90.99  ? 2   ALA A CA  1 
ATOM   27   C C   . ALA A 1 4   ? -27.988 1.127   -21.900 1.00 91.36  ? 2   ALA A C   1 
ATOM   28   O O   . ALA A 1 4   ? -27.652 0.152   -22.586 1.00 85.91  ? 2   ALA A O   1 
ATOM   29   C CB  . ALA A 1 4   ? -29.661 1.971   -23.521 1.00 85.39  ? 2   ALA A CB  1 
ATOM   30   N N   . SER A 1 5   ? -27.162 1.727   -21.030 1.00 88.52  ? 3   SER A N   1 
ATOM   31   C CA  . SER A 1 5   ? -25.755 1.364   -20.905 1.00 85.97  ? 3   SER A CA  1 
ATOM   32   C C   . SER A 1 5   ? -25.368 1.070   -19.460 1.00 83.72  ? 3   SER A C   1 
ATOM   33   O O   . SER A 1 5   ? -25.870 1.701   -18.523 1.00 83.40  ? 3   SER A O   1 
ATOM   34   C CB  . SER A 1 5   ? -24.862 2.466   -21.439 1.00 91.35  ? 3   SER A CB  1 
ATOM   35   O OG  . SER A 1 5   ? -24.972 2.575   -22.842 1.00 90.80  ? 3   SER A OG  1 
ATOM   36   N N   . SER A 1 6   ? -24.503 0.072   -19.296 1.00 84.58  ? 4   SER A N   1 
ATOM   37   C CA  . SER A 1 6   ? -23.849 -0.240  -18.034 1.00 80.88  ? 4   SER A CA  1 
ATOM   38   C C   . SER A 1 6   ? -22.367 0.054   -18.204 1.00 82.21  ? 4   SER A C   1 
ATOM   39   O O   . SER A 1 6   ? -21.833 -0.032  -19.310 1.00 82.64  ? 4   SER A O   1 
ATOM   40   C CB  . SER A 1 6   ? -24.029 -1.711  -17.621 1.00 84.71  ? 4   SER A CB  1 
ATOM   41   O OG  . SER A 1 6   ? -25.389 -2.147  -17.534 1.00 83.81  ? 4   SER A OG  1 
ATOM   42   N N   . CYS A 1 7   ? -21.698 0.414   -17.115 1.00 84.67  ? 5   CYS A N   1 
ATOM   43   C CA  . CYS A 1 7   ? -20.265 0.647   -17.171 1.00 85.47  ? 5   CYS A CA  1 
ATOM   44   C C   . CYS A 1 7   ? -19.589 0.014   -15.969 1.00 84.95  ? 5   CYS A C   1 
ATOM   45   O O   . CYS A 1 7   ? -20.067 0.145   -14.841 1.00 84.57  ? 5   CYS A O   1 
ATOM   46   C CB  . CYS A 1 7   ? -19.925 2.141   -17.216 1.00 89.50  ? 5   CYS A CB  1 
ATOM   47   S SG  . CYS A 1 7   ? -18.125 2.388   -17.104 1.00 98.42  ? 5   CYS A SG  1 
ATOM   48   N N   . ALA A 1 8   ? -18.470 -0.668  -16.217 1.00 86.26  ? 6   ALA A N   1 
ATOM   49   C CA  . ALA A 1 8   ? -17.716 -1.352  -15.162 1.00 84.42  ? 6   ALA A CA  1 
ATOM   50   C C   . ALA A 1 8   ? -16.228 -1.060  -15.323 1.00 80.77  ? 6   ALA A C   1 
ATOM   51   O O   . ALA A 1 8   ? -15.606 -1.520  -16.295 1.00 76.56  ? 6   ALA A O   1 
ATOM   52   C CB  . ALA A 1 8   ? -17.974 -2.855  -15.197 1.00 75.43  ? 6   ALA A CB  1 
ATOM   53   N N   . VAL A 1 9   ? -15.656 -0.324  -14.348 1.00 82.13  ? 7   VAL A N   1 
ATOM   54   C CA  . VAL A 1 9   ? -14.250 0.092   -14.373 1.00 81.38  ? 7   VAL A CA  1 
ATOM   55   C C   . VAL A 1 9   ? -13.414 -0.842  -13.505 1.00 81.50  ? 7   VAL A C   1 
ATOM   56   O O   . VAL A 1 9   ? -13.786 -1.151  -12.364 1.00 82.89  ? 7   VAL A O   1 
ATOM   57   C CB  . VAL A 1 9   ? -14.074 1.548   -13.901 1.00 76.71  ? 7   VAL A CB  1 
ATOM   58   C CG1 . VAL A 1 9   ? -12.752 2.079   -14.346 1.00 79.59  ? 7   VAL A CG1 1 
ATOM   59   C CG2 . VAL A 1 9   ? -15.190 2.437   -14.433 1.00 82.78  ? 7   VAL A CG2 1 
ATOM   60   N N   . GLN A 1 10  ? -12.262 -1.267  -14.028 1.00 78.76  ? 8   GLN A N   1 
ATOM   61   C CA  . GLN A 1 10  ? -11.304 -2.079  -13.281 1.00 79.45  ? 8   GLN A CA  1 
ATOM   62   C C   . GLN A 1 10  ? -10.033 -1.290  -13.032 1.00 77.68  ? 8   GLN A C   1 
ATOM   63   O O   . GLN A 1 10  ? -9.400  -0.820  -13.982 1.00 80.04  ? 8   GLN A O   1 
ATOM   64   C CB  . GLN A 1 10  ? -10.959 -3.340  -14.050 1.00 79.72  ? 8   GLN A CB  1 
ATOM   65   C CG  . GLN A 1 10  ? -12.156 -4.046  -14.509 1.00 86.14  ? 8   GLN A CG  1 
ATOM   66   C CD  . GLN A 1 10  ? -12.245 -5.319  -13.785 1.00 84.25  ? 8   GLN A CD  1 
ATOM   67   O OE1 . GLN A 1 10  ? -11.238 -5.790  -13.263 1.00 88.40  ? 8   GLN A OE1 1 
ATOM   68   N NE2 . GLN A 1 10  ? -13.435 -5.897  -13.715 1.00 87.65  ? 8   GLN A NE2 1 
ATOM   69   N N   . VAL A 1 11  ? -9.636  -1.183  -11.771 1.00 77.59  ? 9   VAL A N   1 
ATOM   70   C CA  . VAL A 1 11  ? -8.385  -0.523  -11.411 1.00 81.07  ? 9   VAL A CA  1 
ATOM   71   C C   . VAL A 1 11  ? -7.390  -1.548  -10.858 1.00 79.52  ? 9   VAL A C   1 
ATOM   72   O O   . VAL A 1 11  ? -7.771  -2.512  -10.172 1.00 71.23  ? 9   VAL A O   1 
ATOM   73   C CB  . VAL A 1 11  ? -8.633  0.638   -10.425 1.00 79.91  ? 9   VAL A CB  1 
ATOM   74   C CG1 . VAL A 1 11  ? -9.714  1.563   -10.980 1.00 78.32  ? 9   VAL A CG1 1 
ATOM   75   C CG2 . VAL A 1 11  ? -9.020  0.134   -9.036  1.00 79.07  ? 9   VAL A CG2 1 
ATOM   76   N N   . LYS A 1 12  ? -6.116  -1.353  -11.189 1.00 77.05  ? 10  LYS A N   1 
ATOM   77   C CA  . LYS A 1 12  ? -5.033  -2.146  -10.634 1.00 70.56  ? 10  LYS A CA  1 
ATOM   78   C C   . LYS A 1 12  ? -4.219  -1.265  -9.681  1.00 73.14  ? 10  LYS A C   1 
ATOM   79   O O   . LYS A 1 12  ? -3.741  -0.194  -10.067 1.00 66.64  ? 10  LYS A O   1 
ATOM   80   C CB  . LYS A 1 12  ? -4.183  -2.746  -11.765 1.00 67.67  ? 10  LYS A CB  1 
ATOM   81   C CG  . LYS A 1 12  ? -4.816  -4.013  -12.380 1.00 77.84  ? 10  LYS A CG  1 
ATOM   82   C CD  . LYS A 1 12  ? -3.965  -4.716  -13.428 1.00 80.37  ? 10  LYS A CD  1 
ATOM   83   C CE  . LYS A 1 12  ? -4.729  -5.885  -14.048 1.00 76.58  ? 10  LYS A CE  1 
ATOM   84   N NZ  . LYS A 1 12  ? -4.741  -5.866  -15.546 1.00 73.05  ? 10  LYS A NZ  1 
ATOM   85   N N   . LEU A 1 13  ? -4.092  -1.699  -8.429  1.00 73.77  ? 11  LEU A N   1 
ATOM   86   C CA  . LEU A 1 13  ? -3.184  -1.072  -7.476  1.00 73.12  ? 11  LEU A CA  1 
ATOM   87   C C   . LEU A 1 13  ? -2.008  -2.012  -7.221  1.00 71.11  ? 11  LEU A C   1 
ATOM   88   O O   . LEU A 1 13  ? -2.214  -3.201  -6.957  1.00 76.06  ? 11  LEU A O   1 
ATOM   89   C CB  . LEU A 1 13  ? -3.915  -0.727  -6.174  1.00 68.91  ? 11  LEU A CB  1 
ATOM   90   C CG  . LEU A 1 13  ? -5.124  0.218   -6.375  1.00 78.41  ? 11  LEU A CG  1 
ATOM   91   C CD1 . LEU A 1 13  ? -6.138  0.216   -5.206  1.00 75.21  ? 11  LEU A CD1 1 
ATOM   92   C CD2 . LEU A 1 13  ? -4.642  1.642   -6.655  1.00 68.73  ? 11  LEU A CD2 1 
ATOM   93   N N   . GLU A 1 14  ? -0.787  -1.500  -7.339  1.00 67.57  ? 12  GLU A N   1 
ATOM   94   C CA  . GLU A 1 14  ? 0.406   -2.237  -6.927  1.00 73.59  ? 12  GLU A CA  1 
ATOM   95   C C   . GLU A 1 14  ? 0.811   -1.821  -5.521  1.00 68.30  ? 12  GLU A C   1 
ATOM   96   O O   . GLU A 1 14  ? 1.031   -0.633  -5.271  1.00 75.65  ? 12  GLU A O   1 
ATOM   97   C CB  . GLU A 1 14  ? 1.563   -2.014  -7.897  1.00 71.68  ? 12  GLU A CB  1 
ATOM   98   C CG  . GLU A 1 14  ? 1.292   -2.694  -9.227  1.00 77.65  ? 12  GLU A CG  1 
ATOM   99   C CD  . GLU A 1 14  ? 2.465   -2.699  -10.186 1.00 81.93  ? 12  GLU A CD  1 
ATOM   100  O OE1 . GLU A 1 14  ? 2.398   -3.518  -11.136 1.00 82.04  ? 12  GLU A OE1 1 
ATOM   101  O OE2 . GLU A 1 14  ? 3.444   -1.912  -10.010 1.00 79.31  ? 12  GLU A OE2 1 
ATOM   102  N N   . LEU A 1 15  ? 0.891   -2.785  -4.607  1.00 65.72  ? 13  LEU A N   1 
ATOM   103  C CA  . LEU A 1 15  ? 1.482   -2.568  -3.299  1.00 65.51  ? 13  LEU A CA  1 
ATOM   104  C C   . LEU A 1 15  ? 2.727   -3.430  -3.178  1.00 68.40  ? 13  LEU A C   1 
ATOM   105  O O   . LEU A 1 15  ? 2.746   -4.554  -3.676  1.00 69.75  ? 13  LEU A O   1 
ATOM   106  C CB  . LEU A 1 15  ? 0.529   -2.909  -2.154  1.00 67.65  ? 13  LEU A CB  1 
ATOM   107  C CG  . LEU A 1 15  ? -0.898  -3.380  -2.318  1.00 68.10  ? 13  LEU A CG  1 
ATOM   108  C CD1 . LEU A 1 15  ? -1.478  -3.687  -0.952  1.00 68.86  ? 13  LEU A CD1 1 
ATOM   109  C CD2 . LEU A 1 15  ? -1.683  -2.309  -2.960  1.00 63.20  ? 13  LEU A CD2 1 
ATOM   110  N N   . GLY A 1 16  ? 3.760   -2.926  -2.499  1.00 67.42  ? 14  GLY A N   1 
ATOM   111  C CA  . GLY A 1 16  ? 4.986   -3.702  -2.403  1.00 66.36  ? 14  GLY A CA  1 
ATOM   112  C C   . GLY A 1 16  ? 5.950   -3.079  -1.414  1.00 74.65  ? 14  GLY A C   1 
ATOM   113  O O   . GLY A 1 16  ? 5.661   -2.057  -0.784  1.00 75.76  ? 14  GLY A O   1 
ATOM   114  N N   . HIS A 1 17  ? 7.129   -3.697  -1.296  1.00 74.59  ? 15  HIS A N   1 
ATOM   115  C CA  . HIS A 1 17  ? 8.107   -3.205  -0.331  1.00 72.70  ? 15  HIS A CA  1 
ATOM   116  C C   . HIS A 1 17  ? 9.495   -3.715  -0.692  1.00 73.95  ? 15  HIS A C   1 
ATOM   117  O O   . HIS A 1 17  ? 9.640   -4.715  -1.403  1.00 70.60  ? 15  HIS A O   1 
ATOM   118  C CB  . HIS A 1 17  ? 7.737   -3.595  1.111   1.00 73.48  ? 15  HIS A CB  1 
ATOM   119  C CG  . HIS A 1 17  ? 8.084   -5.006  1.487   1.00 71.45  ? 15  HIS A CG  1 
ATOM   120  N ND1 . HIS A 1 17  ? 7.364   -6.092  1.043   1.00 68.94  ? 15  HIS A ND1 1 
ATOM   121  C CD2 . HIS A 1 17  ? 9.056   -5.501  2.292   1.00 73.01  ? 15  HIS A CD2 1 
ATOM   122  C CE1 . HIS A 1 17  ? 7.891   -7.199  1.541   1.00 72.17  ? 15  HIS A CE1 1 
ATOM   123  N NE2 . HIS A 1 17  ? 8.913   -6.866  2.311   1.00 71.46  ? 15  HIS A NE2 1 
ATOM   124  N N   . ARG A 1 18  ? 10.510  -2.970  -0.217  1.00 73.09  ? 16  ARG A N   1 
ATOM   125  C CA  . ARG A 1 18  ? 11.927  -3.349  -0.256  1.00 75.04  ? 16  ARG A CA  1 
ATOM   126  C C   . ARG A 1 18  ? 12.467  -3.434  1.167   1.00 73.17  ? 16  ARG A C   1 
ATOM   127  O O   . ARG A 1 18  ? 12.126  -2.594  2.005   1.00 76.73  ? 16  ARG A O   1 
ATOM   128  C CB  . ARG A 1 18  ? 12.783  -2.327  -1.027  1.00 78.28  ? 16  ARG A CB  1 
ATOM   129  C CG  . ARG A 1 18  ? 12.404  -2.110  -2.479  1.00 86.62  ? 16  ARG A CG  1 
ATOM   130  C CD  . ARG A 1 18  ? 13.336  -1.117  -3.172  1.00 86.52  ? 16  ARG A CD  1 
ATOM   131  N NE  . ARG A 1 18  ? 13.314  -1.261  -4.627  1.00 98.61  ? 16  ARG A NE  1 
ATOM   132  C CZ  . ARG A 1 18  ? 14.026  -0.497  -5.456  1.00 108.14 ? 16  ARG A CZ  1 
ATOM   133  N NH1 . ARG A 1 18  ? 13.954  -0.679  -6.774  1.00 104.65 ? 16  ARG A NH1 1 
ATOM   134  N NH2 . ARG A 1 18  ? 14.811  0.463   -4.959  1.00 104.03 ? 16  ARG A NH2 1 
ATOM   135  N N   . ALA A 1 19  ? 13.324  -4.421  1.447   1.00 73.23  ? 17  ALA A N   1 
ATOM   136  C CA  . ALA A 1 19  ? 13.881  -4.555  2.795   1.00 77.67  ? 17  ALA A CA  1 
ATOM   137  C C   . ALA A 1 19  ? 15.350  -4.965  2.742   1.00 80.99  ? 17  ALA A C   1 
ATOM   138  O O   . ALA A 1 19  ? 15.692  -6.056  2.260   1.00 78.26  ? 17  ALA A O   1 
ATOM   139  C CB  . ALA A 1 19  ? 13.073  -5.542  3.643   1.00 73.66  ? 17  ALA A CB  1 
ATOM   140  N N   . GLN A 1 20  ? 16.192  -4.105  3.309   1.00 80.45  ? 18  GLN A N   1 
ATOM   141  C CA  . GLN A 1 20  ? 17.643  -4.141  3.220   1.00 81.84  ? 18  GLN A CA  1 
ATOM   142  C C   . GLN A 1 20  ? 18.254  -4.241  4.622   1.00 80.68  ? 18  GLN A C   1 
ATOM   143  O O   . GLN A 1 20  ? 17.954  -3.414  5.489   1.00 76.33  ? 18  GLN A O   1 
ATOM   144  C CB  . GLN A 1 20  ? 18.098  -2.862  2.500   1.00 76.45  ? 18  GLN A CB  1 
ATOM   145  C CG  . GLN A 1 20  ? 19.560  -2.577  2.523   1.00 87.06  ? 18  GLN A CG  1 
ATOM   146  C CD  . GLN A 1 20  ? 20.323  -3.472  1.584   1.00 91.00  ? 18  GLN A CD  1 
ATOM   147  O OE1 . GLN A 1 20  ? 19.916  -3.665  0.433   1.00 91.52  ? 18  GLN A OE1 1 
ATOM   148  N NE2 . GLN A 1 20  ? 21.436  -4.038  2.069   1.00 89.85  ? 18  GLN A NE2 1 
ATOM   149  N N   . VAL A 1 21  ? 19.106  -5.251  4.851   1.00 78.03  ? 19  VAL A N   1 
ATOM   150  C CA  . VAL A 1 21  ? 19.855  -5.315  6.109   1.00 81.42  ? 19  VAL A CA  1 
ATOM   151  C C   . VAL A 1 21  ? 20.837  -4.156  6.205   1.00 82.47  ? 19  VAL A C   1 
ATOM   152  O O   . VAL A 1 21  ? 21.684  -3.975  5.323   1.00 83.96  ? 19  VAL A O   1 
ATOM   153  C CB  . VAL A 1 21  ? 20.623  -6.636  6.238   1.00 82.74  ? 19  VAL A CB  1 
ATOM   154  C CG1 . VAL A 1 21  ? 21.427  -6.627  7.508   1.00 74.21  ? 19  VAL A CG1 1 
ATOM   155  C CG2 . VAL A 1 21  ? 19.681  -7.817  6.220   1.00 83.07  ? 19  VAL A CG2 1 
ATOM   156  N N   . ARG A 1 22  ? 20.752  -3.384  7.299   1.00 82.61  ? 20  ARG A N   1 
ATOM   157  C CA  . ARG A 1 22  ? 21.683  -2.286  7.559   1.00 80.91  ? 20  ARG A CA  1 
ATOM   158  C C   . ARG A 1 22  ? 23.099  -2.807  7.771   1.00 87.85  ? 20  ARG A C   1 
ATOM   159  O O   . ARG A 1 22  ? 23.309  -3.886  8.340   1.00 85.91  ? 20  ARG A O   1 
ATOM   160  C CB  . ARG A 1 22  ? 21.289  -1.515  8.823   1.00 78.10  ? 20  ARG A CB  1 
ATOM   161  C CG  . ARG A 1 22  ? 20.134  -0.548  8.756   1.00 77.64  ? 20  ARG A CG  1 
ATOM   162  C CD  . ARG A 1 22  ? 19.838  0.012   10.174  1.00 78.92  ? 20  ARG A CD  1 
ATOM   163  N NE  . ARG A 1 22  ? 20.671  1.160   10.547  1.00 79.85  ? 20  ARG A NE  1 
ATOM   164  C CZ  . ARG A 1 22  ? 20.448  2.403   10.111  1.00 79.13  ? 20  ARG A CZ  1 
ATOM   165  N NH1 . ARG A 1 22  ? 19.446  2.650   9.280   1.00 77.81  ? 20  ARG A NH1 1 
ATOM   166  N NH2 . ARG A 1 22  ? 21.229  3.403   10.476  1.00 76.38  ? 20  ARG A NH2 1 
ATOM   167  N N   . LYS A 1 23  ? 24.087  -2.005  7.351   1.00 92.59  ? 21  LYS A N   1 
ATOM   168  C CA  . LYS A 1 23  ? 25.477  -2.319  7.690   1.00 90.54  ? 21  LYS A CA  1 
ATOM   169  C C   . LYS A 1 23  ? 25.661  -2.386  9.204   1.00 88.19  ? 21  LYS A C   1 
ATOM   170  O O   . LYS A 1 23  ? 26.109  -3.404  9.746   1.00 86.79  ? 21  LYS A O   1 
ATOM   171  C CB  . LYS A 1 23  ? 26.416  -1.280  7.083   1.00 92.88  ? 21  LYS A CB  1 
ATOM   172  C CG  . LYS A 1 23  ? 26.473  -1.258  5.567   1.00 91.47  ? 21  LYS A CG  1 
ATOM   173  C CD  . LYS A 1 23  ? 26.991  0.099   5.117   1.00 96.71  ? 21  LYS A CD  1 
ATOM   174  C CE  . LYS A 1 23  ? 26.963  0.275   3.601   1.00 107.18 ? 21  LYS A CE  1 
ATOM   175  N NZ  . LYS A 1 23  ? 27.554  1.577   3.176   1.00 113.38 ? 21  LYS A NZ  1 
ATOM   176  N N   . LYS A 1 24  ? 25.290  -1.314  9.906   1.00 91.02  ? 22  LYS A N   1 
ATOM   177  C CA  . LYS A 1 24  ? 25.338  -1.256  11.355  1.00 89.43  ? 22  LYS A CA  1 
ATOM   178  C C   . LYS A 1 24  ? 23.931  -1.028  11.893  1.00 83.68  ? 22  LYS A C   1 
ATOM   179  O O   . LYS A 1 24  ? 23.215  -0.144  11.391  1.00 84.80  ? 22  LYS A O   1 
ATOM   180  C CB  . LYS A 1 24  ? 26.283  -0.117  11.845  1.00 92.95  ? 22  LYS A CB  1 
ATOM   181  C CG  . LYS A 1 24  ? 26.919  -0.351  13.224  1.00 92.96  ? 22  LYS A CG  1 
ATOM   182  C CD  . LYS A 1 24  ? 27.048  0.944   14.008  1.00 91.58  ? 22  LYS A CD  1 
ATOM   183  C CE  . LYS A 1 24  ? 28.037  0.818   15.191  1.00 97.80  ? 22  LYS A CE  1 
ATOM   184  N NZ  . LYS A 1 24  ? 27.682  -0.232  16.203  1.00 94.38  ? 22  LYS A NZ  1 
ATOM   185  N N   . PRO A 1 25  ? 23.497  -1.784  12.898  1.00 80.99  ? 23  PRO A N   1 
ATOM   186  C CA  . PRO A 1 25  ? 22.166  -1.551  13.463  1.00 81.78  ? 23  PRO A CA  1 
ATOM   187  C C   . PRO A 1 25  ? 22.122  -0.288  14.300  1.00 87.44  ? 23  PRO A C   1 
ATOM   188  O O   . PRO A 1 25  ? 23.123  0.149   14.876  1.00 93.08  ? 23  PRO A O   1 
ATOM   189  C CB  . PRO A 1 25  ? 21.920  -2.794  14.323  1.00 83.99  ? 23  PRO A CB  1 
ATOM   190  C CG  . PRO A 1 25  ? 23.266  -3.385  14.566  1.00 84.30  ? 23  PRO A CG  1 
ATOM   191  C CD  . PRO A 1 25  ? 24.087  -3.045  13.371  1.00 83.68  ? 23  PRO A CD  1 
ATOM   192  N N   . THR A 1 26  ? 20.940  0.308   14.366  1.00 85.91  ? 24  THR A N   1 
ATOM   193  C CA  . THR A 1 26  ? 20.789  1.530   15.133  1.00 80.09  ? 24  THR A CA  1 
ATOM   194  C C   . THR A 1 26  ? 20.986  1.251   16.628  1.00 84.03  ? 24  THR A C   1 
ATOM   195  O O   . THR A 1 26  ? 21.208  0.114   17.066  1.00 85.17  ? 24  THR A O   1 
ATOM   196  C CB  . THR A 1 26  ? 19.412  2.126   14.893  1.00 80.19  ? 24  THR A CB  1 
ATOM   197  O OG1 . THR A 1 26  ? 18.468  1.407   15.689  1.00 78.55  ? 24  THR A OG1 1 
ATOM   198  C CG2 . THR A 1 26  ? 19.018  2.010   13.420  1.00 80.22  ? 24  THR A CG2 1 
ATOM   199  N N   . VAL A 1 27  ? 20.877  2.316   17.426  1.00 87.32  ? 25  VAL A N   1 
ATOM   200  C CA  . VAL A 1 27  ? 20.924  2.194   18.880  1.00 86.27  ? 25  VAL A CA  1 
ATOM   201  C C   . VAL A 1 27  ? 19.728  1.440   19.442  1.00 84.43  ? 25  VAL A C   1 
ATOM   202  O O   . VAL A 1 27  ? 19.775  0.998   20.601  1.00 87.38  ? 25  VAL A O   1 
ATOM   203  C CB  . VAL A 1 27  ? 21.017  3.586   19.557  1.00 89.28  ? 25  VAL A CB  1 
ATOM   204  C CG1 . VAL A 1 27  ? 22.192  4.385   19.033  1.00 85.53  ? 25  VAL A CG1 1 
ATOM   205  C CG2 . VAL A 1 27  ? 19.738  4.381   19.373  1.00 81.11  ? 25  VAL A CG2 1 
ATOM   206  N N   . GLU A 1 28  ? 18.673  1.261   18.643  1.00 82.43  ? 26  GLU A N   1 
ATOM   207  C CA  . GLU A 1 28  ? 17.352  0.874   19.151  1.00 81.16  ? 26  GLU A CA  1 
ATOM   208  C C   . GLU A 1 28  ? 16.879  -0.603  19.221  1.00 81.68  ? 26  GLU A C   1 
ATOM   209  O O   . GLU A 1 28  ? 15.736  -0.804  19.635  1.00 83.53  ? 26  GLU A O   1 
ATOM   210  C CB  . GLU A 1 28  ? 16.282  1.612   18.353  1.00 80.69  ? 26  GLU A CB  1 
ATOM   211  C CG  . GLU A 1 28  ? 16.066  3.071   18.702  1.00 78.30  ? 26  GLU A CG  1 
ATOM   212  C CD  . GLU A 1 28  ? 16.616  3.997   17.639  1.00 83.64  ? 26  GLU A CD  1 
ATOM   213  O OE1 . GLU A 1 28  ? 17.510  3.559   16.879  1.00 79.08  ? 26  GLU A OE1 1 
ATOM   214  O OE2 . GLU A 1 28  ? 16.138  5.155   17.553  1.00 96.26  ? 26  GLU A OE2 1 
ATOM   215  N N   . GLY A 1 29  ? 17.610  -1.616  18.747  1.00 77.74  ? 27  GLY A N   1 
ATOM   216  C CA  . GLY A 1 29  ? 18.553  -1.527  17.657  1.00 78.53  ? 27  GLY A CA  1 
ATOM   217  C C   . GLY A 1 29  ? 17.908  -2.212  16.458  1.00 78.62  ? 27  GLY A C   1 
ATOM   218  O O   . GLY A 1 29  ? 17.732  -3.438  16.426  1.00 71.49  ? 27  GLY A O   1 
ATOM   219  N N   . PHE A 1 30  ? 17.523  -1.388  15.490  1.00 78.77  ? 28  PHE A N   1 
ATOM   220  C CA  . PHE A 1 30  ? 16.899  -1.844  14.261  1.00 68.39  ? 28  PHE A CA  1 
ATOM   221  C C   . PHE A 1 30  ? 17.935  -2.442  13.321  1.00 73.48  ? 28  PHE A C   1 
ATOM   222  O O   . PHE A 1 30  ? 19.036  -1.916  13.183  1.00 80.76  ? 28  PHE A O   1 
ATOM   223  C CB  . PHE A 1 30  ? 16.218  -0.663  13.591  1.00 74.37  ? 28  PHE A CB  1 
ATOM   224  C CG  . PHE A 1 30  ? 15.317  0.125   14.516  1.00 77.28  ? 28  PHE A CG  1 
ATOM   225  C CD1 . PHE A 1 30  ? 14.588  -0.512  15.518  1.00 74.72  ? 28  PHE A CD1 1 
ATOM   226  C CD2 . PHE A 1 30  ? 15.205  1.506   14.387  1.00 73.78  ? 28  PHE A CD2 1 
ATOM   227  C CE1 . PHE A 1 30  ? 13.755  0.217   16.361  1.00 74.31  ? 28  PHE A CE1 1 
ATOM   228  C CE2 . PHE A 1 30  ? 14.372  2.233   15.221  1.00 71.98  ? 28  PHE A CE2 1 
ATOM   229  C CZ  . PHE A 1 30  ? 13.641  1.592   16.203  1.00 71.37  ? 28  PHE A CZ  1 
ATOM   230  N N   . THR A 1 31  ? 17.583  -3.535  12.655  1.00 74.46  ? 29  THR A N   1 
ATOM   231  C CA  . THR A 1 31  ? 18.528  -4.211  11.775  1.00 73.71  ? 29  THR A CA  1 
ATOM   232  C C   . THR A 1 31  ? 18.272  -3.997  10.288  1.00 74.10  ? 29  THR A C   1 
ATOM   233  O O   . THR A 1 31  ? 19.106  -4.414  9.470   1.00 72.47  ? 29  THR A O   1 
ATOM   234  C CB  . THR A 1 31  ? 18.518  -5.713  12.067  1.00 67.78  ? 29  THR A CB  1 
ATOM   235  O OG1 . THR A 1 31  ? 17.182  -6.203  11.917  1.00 76.82  ? 29  THR A OG1 1 
ATOM   236  C CG2 . THR A 1 31  ? 18.983  -5.991  13.495  1.00 62.94  ? 29  THR A CG2 1 
ATOM   237  N N   . HIS A 1 32  ? 17.137  -3.405  9.906   1.00 72.39  ? 30  HIS A N   1 
ATOM   238  C CA  . HIS A 1 32  ? 16.791  -3.300  8.494   1.00 73.87  ? 30  HIS A CA  1 
ATOM   239  C C   . HIS A 1 32  ? 16.241  -1.921  8.200   1.00 75.01  ? 30  HIS A C   1 
ATOM   240  O O   . HIS A 1 32  ? 15.593  -1.310  9.050   1.00 76.55  ? 30  HIS A O   1 
ATOM   241  C CB  . HIS A 1 32  ? 15.715  -4.320  8.048   1.00 72.18  ? 30  HIS A CB  1 
ATOM   242  C CG  . HIS A 1 32  ? 16.157  -5.746  8.090   1.00 68.95  ? 30  HIS A CG  1 
ATOM   243  N ND1 . HIS A 1 32  ? 16.450  -6.400  9.266   1.00 71.88  ? 30  HIS A ND1 1 
ATOM   244  C CD2 . HIS A 1 32  ? 16.338  -6.652  7.102   1.00 73.39  ? 30  HIS A CD2 1 
ATOM   245  C CE1 . HIS A 1 32  ? 16.831  -7.640  9.000   1.00 74.41  ? 30  HIS A CE1 1 
ATOM   246  N NE2 . HIS A 1 32  ? 16.763  -7.823  7.692   1.00 73.62  ? 30  HIS A NE2 1 
ATOM   247  N N   . ASP A 1 33  ? 16.461  -1.466  6.969   1.00 72.08  ? 31  ASP A N   1 
ATOM   248  C CA  . ASP A 1 33  ? 15.689  -0.380  6.390   1.00 72.72  ? 31  ASP A CA  1 
ATOM   249  C C   . ASP A 1 33  ? 14.724  -0.967  5.365   1.00 77.56  ? 31  ASP A C   1 
ATOM   250  O O   . ASP A 1 33  ? 15.088  -1.837  4.569   1.00 77.30  ? 31  ASP A O   1 
ATOM   251  C CB  . ASP A 1 33  ? 16.579  0.668   5.725   1.00 77.59  ? 31  ASP A CB  1 
ATOM   252  C CG  . ASP A 1 33  ? 17.683  1.161   6.638   1.00 82.59  ? 31  ASP A CG  1 
ATOM   253  O OD1 . ASP A 1 33  ? 17.364  1.740   7.708   1.00 80.79  ? 31  ASP A OD1 1 
ATOM   254  O OD2 . ASP A 1 33  ? 18.871  0.949   6.284   1.00 80.33  ? 31  ASP A OD2 1 
ATOM   255  N N   . TRP A 1 34  ? 13.488  -0.501  5.386   1.00 70.79  ? 32  TRP A N   1 
ATOM   256  C CA  . TRP A 1 34  ? 12.517  -0.994  4.443   1.00 69.33  ? 32  TRP A CA  1 
ATOM   257  C C   . TRP A 1 34  ? 11.560  0.122   4.075   1.00 72.39  ? 32  TRP A C   1 
ATOM   258  O O   . TRP A 1 34  ? 11.373  1.106   4.803   1.00 74.14  ? 32  TRP A O   1 
ATOM   259  C CB  . TRP A 1 34  ? 11.748  -2.193  5.010   1.00 71.44  ? 32  TRP A CB  1 
ATOM   260  C CG  . TRP A 1 34  ? 11.107  -2.000  6.356   1.00 69.71  ? 32  TRP A CG  1 
ATOM   261  C CD1 . TRP A 1 34  ? 11.559  -2.482  7.549   1.00 71.38  ? 32  TRP A CD1 1 
ATOM   262  C CD2 . TRP A 1 34  ? 9.878   -1.316  6.642   1.00 65.78  ? 32  TRP A CD2 1 
ATOM   263  N NE1 . TRP A 1 34  ? 10.695  -2.135  8.560   1.00 69.28  ? 32  TRP A NE1 1 
ATOM   264  C CE2 . TRP A 1 34  ? 9.656   -1.418  8.028   1.00 65.37  ? 32  TRP A CE2 1 
ATOM   265  C CE3 . TRP A 1 34  ? 8.956   -0.614  5.864   1.00 68.80  ? 32  TRP A CE3 1 
ATOM   266  C CZ2 . TRP A 1 34  ? 8.546   -0.860  8.645   1.00 68.53  ? 32  TRP A CZ2 1 
ATOM   267  C CZ3 . TRP A 1 34  ? 7.837   -0.067  6.480   1.00 68.94  ? 32  TRP A CZ3 1 
ATOM   268  C CH2 . TRP A 1 34  ? 7.646   -0.190  7.851   1.00 70.70  ? 32  TRP A CH2 1 
ATOM   269  N N   . MET A 1 35  ? 10.944  -0.045  2.928   1.00 74.64  ? 33  MET A N   1 
ATOM   270  C CA  . MET A 1 35  ? 9.994   0.934   2.450   1.00 75.92  ? 33  MET A CA  1 
ATOM   271  C C   . MET A 1 35  ? 8.827   0.161   1.875   1.00 75.13  ? 33  MET A C   1 
ATOM   272  O O   . MET A 1 35  ? 9.037   -0.854  1.197   1.00 73.97  ? 33  MET A O   1 
ATOM   273  C CB  . MET A 1 35  ? 10.649  1.850   1.419   1.00 76.82  ? 33  MET A CB  1 
ATOM   274  C CG  . MET A 1 35  ? 9.748   2.903   0.858   1.00 77.81  ? 33  MET A CG  1 
ATOM   275  S SD  . MET A 1 35  ? 9.166   2.361   -0.757  1.00 86.25  ? 33  MET A SD  1 
ATOM   276  C CE  . MET A 1 35  ? 10.712  1.831   -1.511  1.00 78.19  ? 33  MET A CE  1 
ATOM   277  N N   . VAL A 1 36  ? 7.603   0.616   2.198   1.00 74.40  ? 34  VAL A N   1 
ATOM   278  C CA  . VAL A 1 36  ? 6.369   0.035   1.661   1.00 72.35  ? 34  VAL A CA  1 
ATOM   279  C C   . VAL A 1 36  ? 5.594   1.119   0.913   1.00 74.28  ? 34  VAL A C   1 
ATOM   280  O O   . VAL A 1 36  ? 5.584   2.289   1.323   1.00 75.10  ? 34  VAL A O   1 
ATOM   281  C CB  . VAL A 1 36  ? 5.495   -0.621  2.758   1.00 70.26  ? 34  VAL A CB  1 
ATOM   282  C CG1 . VAL A 1 36  ? 4.873   0.408   3.668   1.00 72.27  ? 34  VAL A CG1 1 
ATOM   283  C CG2 . VAL A 1 36  ? 4.413   -1.452  2.134   1.00 67.81  ? 34  VAL A CG2 1 
ATOM   284  N N   . PHE A 1 37  ? 4.942   0.725   -0.187  1.00 71.70  ? 35  PHE A N   1 
ATOM   285  C CA  . PHE A 1 37  ? 4.382   1.694   -1.117  1.00 68.78  ? 35  PHE A CA  1 
ATOM   286  C C   . PHE A 1 37  ? 3.105   1.169   -1.758  1.00 74.02  ? 35  PHE A C   1 
ATOM   287  O O   . PHE A 1 37  ? 2.905   -0.045  -1.916  1.00 76.43  ? 35  PHE A O   1 
ATOM   288  C CB  . PHE A 1 37  ? 5.384   2.055   -2.224  1.00 69.78  ? 35  PHE A CB  1 
ATOM   289  C CG  . PHE A 1 37  ? 5.782   0.886   -3.093  1.00 69.70  ? 35  PHE A CG  1 
ATOM   290  C CD1 . PHE A 1 37  ? 6.855   0.082   -2.737  1.00 75.15  ? 35  PHE A CD1 1 
ATOM   291  C CD2 . PHE A 1 37  ? 5.096   0.595   -4.267  1.00 71.10  ? 35  PHE A CD2 1 
ATOM   292  C CE1 . PHE A 1 37  ? 7.240   -1.012  -3.521  1.00 77.10  ? 35  PHE A CE1 1 
ATOM   293  C CE2 . PHE A 1 37  ? 5.468   -0.495  -5.069  1.00 73.38  ? 35  PHE A CE2 1 
ATOM   294  C CZ  . PHE A 1 37  ? 6.536   -1.310  -4.688  1.00 74.45  ? 35  PHE A CZ  1 
ATOM   295  N N   . VAL A 1 38  ? 2.268   2.123   -2.168  1.00 73.85  ? 36  VAL A N   1 
ATOM   296  C CA  . VAL A 1 38  ? 1.138   1.910   -3.062  1.00 71.06  ? 36  VAL A CA  1 
ATOM   297  C C   . VAL A 1 38  ? 1.322   2.830   -4.272  1.00 76.15  ? 36  VAL A C   1 
ATOM   298  O O   . VAL A 1 38  ? 1.590   4.032   -4.112  1.00 80.05  ? 36  VAL A O   1 
ATOM   299  C CB  . VAL A 1 38  ? -0.206  2.187   -2.359  1.00 71.21  ? 36  VAL A CB  1 
ATOM   300  C CG1 . VAL A 1 38  ? -1.352  1.829   -3.275  1.00 62.56  ? 36  VAL A CG1 1 
ATOM   301  C CG2 . VAL A 1 38  ? -0.317  1.436   -1.011  1.00 64.41  ? 36  VAL A CG2 1 
ATOM   302  N N   . ARG A 1 39  ? 1.195   2.261   -5.474  1.00 74.48  ? 37  ARG A N   1 
ATOM   303  C CA  . ARG A 1 39  ? 1.421   2.954   -6.745  1.00 75.77  ? 37  ARG A CA  1 
ATOM   304  C C   . ARG A 1 39  ? 0.580   2.266   -7.814  1.00 77.67  ? 37  ARG A C   1 
ATOM   305  O O   . ARG A 1 39  ? 0.146   1.134   -7.633  1.00 76.42  ? 37  ARG A O   1 
ATOM   306  C CB  . ARG A 1 39  ? 2.904   2.942   -7.167  1.00 66.16  ? 37  ARG A CB  1 
ATOM   307  C CG  . ARG A 1 39  ? 3.550   1.568   -7.121  1.00 70.42  ? 37  ARG A CG  1 
ATOM   308  C CD  . ARG A 1 39  ? 4.437   1.198   -8.315  1.00 75.01  ? 37  ARG A CD  1 
ATOM   309  N NE  . ARG A 1 39  ? 5.811   0.860   -7.914  1.00 74.93  ? 37  ARG A NE  1 
ATOM   310  C CZ  . ARG A 1 39  ? 6.541   -0.143  -8.404  1.00 68.45  ? 37  ARG A CZ  1 
ATOM   311  N NH1 . ARG A 1 39  ? 6.039   -0.976  -9.293  1.00 72.79  ? 37  ARG A NH1 1 
ATOM   312  N NH2 . ARG A 1 39  ? 7.783   -0.328  -7.976  1.00 73.22  ? 37  ARG A NH2 1 
ATOM   313  N N   . GLY A 1 40  ? 0.341   2.956   -8.929  1.00 78.14  ? 38  GLY A N   1 
ATOM   314  C CA  . GLY A 1 40  ? -0.264  2.326   -10.080 1.00 74.87  ? 38  GLY A CA  1 
ATOM   315  C C   . GLY A 1 40  ? 0.800   1.750   -11.001 1.00 77.26  ? 38  GLY A C   1 
ATOM   316  O O   . GLY A 1 40  ? 1.952   2.185   -10.993 1.00 82.91  ? 38  GLY A O   1 
ATOM   317  N N   . PRO A 1 41  ? 0.448   0.763   -11.817 1.00 82.87  ? 39  PRO A N   1 
ATOM   318  C CA  . PRO A 1 41  ? 1.475   0.115   -12.642 1.00 81.59  ? 39  PRO A CA  1 
ATOM   319  C C   . PRO A 1 41  ? 2.005   1.061   -13.711 1.00 82.94  ? 39  PRO A C   1 
ATOM   320  O O   . PRO A 1 41  ? 1.310   1.962   -14.182 1.00 83.45  ? 39  PRO A O   1 
ATOM   321  C CB  . PRO A 1 41  ? 0.744   -1.096  -13.248 1.00 82.86  ? 39  PRO A CB  1 
ATOM   322  C CG  . PRO A 1 41  ? -0.713  -0.829  -13.086 1.00 74.22  ? 39  PRO A CG  1 
ATOM   323  C CD  . PRO A 1 41  ? -0.868  0.095   -11.919 1.00 77.82  ? 39  PRO A CD  1 
ATOM   324  N N   . GLU A 1 42  ? 3.281   0.891   -14.037 1.00 87.95  ? 40  GLU A N   1 
ATOM   325  C CA  . GLU A 1 42  ? 3.933   1.688   -15.072 1.00 92.81  ? 40  GLU A CA  1 
ATOM   326  C C   . GLU A 1 42  ? 3.742   3.185   -14.838 1.00 86.05  ? 40  GLU A C   1 
ATOM   327  O O   . GLU A 1 42  ? 3.460   3.952   -15.758 1.00 91.47  ? 40  GLU A O   1 
ATOM   328  C CB  . GLU A 1 42  ? 3.441   1.265   -16.453 1.00 92.93  ? 40  GLU A CB  1 
ATOM   329  C CG  . GLU A 1 42  ? 3.923   -0.140  -16.755 1.00 99.56  ? 40  GLU A CG  1 
ATOM   330  C CD  . GLU A 1 42  ? 3.216   -0.787  -17.908 1.00 107.78 ? 40  GLU A CD  1 
ATOM   331  O OE1 . GLU A 1 42  ? 1.986   -0.611  -18.048 1.00 106.61 ? 40  GLU A OE1 1 
ATOM   332  O OE2 . GLU A 1 42  ? 3.908   -1.477  -18.687 1.00 114.61 ? 40  GLU A OE2 1 
ATOM   333  N N   . HIS A 1 43  ? 3.901   3.589   -13.574 1.00 84.59  ? 41  HIS A N   1 
ATOM   334  C CA  . HIS A 1 43  ? 3.988   4.999   -13.160 1.00 87.02  ? 41  HIS A CA  1 
ATOM   335  C C   . HIS A 1 43  ? 2.694   5.761   -13.419 1.00 86.76  ? 41  HIS A C   1 
ATOM   336  O O   . HIS A 1 43  ? 2.689   6.978   -13.604 1.00 86.76  ? 41  HIS A O   1 
ATOM   337  C CB  . HIS A 1 43  ? 5.176   5.701   -13.826 1.00 88.73  ? 41  HIS A CB  1 
ATOM   338  C CG  . HIS A 1 43  ? 6.498   5.129   -13.419 1.00 91.32  ? 41  HIS A CG  1 
ATOM   339  N ND1 . HIS A 1 43  ? 7.124   4.119   -14.121 1.00 88.52  ? 41  HIS A ND1 1 
ATOM   340  C CD2 . HIS A 1 43  ? 7.300   5.411   -12.367 1.00 87.36  ? 41  HIS A CD2 1 
ATOM   341  C CE1 . HIS A 1 43  ? 8.257   3.805   -13.521 1.00 88.91  ? 41  HIS A CE1 1 
ATOM   342  N NE2 . HIS A 1 43  ? 8.390   4.577   -12.456 1.00 101.10 ? 41  HIS A NE2 1 
ATOM   343  N N   . SER A 1 44  ? 1.593   5.036   -13.406 1.00 87.20  ? 42  SER A N   1 
ATOM   344  C CA  . SER A 1 44  ? 0.302   5.640   -13.631 1.00 82.06  ? 42  SER A CA  1 
ATOM   345  C C   . SER A 1 44  ? -0.148  6.415   -12.405 1.00 76.97  ? 42  SER A C   1 
ATOM   346  O O   . SER A 1 44  ? 0.166   6.070   -11.272 1.00 77.46  ? 42  SER A O   1 
ATOM   347  C CB  . SER A 1 44  ? -0.706  4.557   -13.962 1.00 85.16  ? 42  SER A CB  1 
ATOM   348  O OG  . SER A 1 44  ? -0.490  3.488   -13.066 1.00 85.50  ? 42  SER A OG  1 
ATOM   349  N N   . ASN A 1 45  ? -0.901  7.467   -12.657 1.00 82.34  ? 43  ASN A N   1 
ATOM   350  C CA  . ASN A 1 45  ? -1.448  8.312   -11.609 1.00 80.47  ? 43  ASN A CA  1 
ATOM   351  C C   . ASN A 1 45  ? -2.683  7.653   -10.995 1.00 83.82  ? 43  ASN A C   1 
ATOM   352  O O   . ASN A 1 45  ? -3.596  7.229   -11.714 1.00 88.19  ? 43  ASN A O   1 
ATOM   353  C CB  . ASN A 1 45  ? -1.798  9.673   -12.209 1.00 83.16  ? 43  ASN A CB  1 
ATOM   354  C CG  . ASN A 1 45  ? -1.951  10.760  -11.172 1.00 90.37  ? 43  ASN A CG  1 
ATOM   355  O OD1 . ASN A 1 45  ? -3.008  10.903  -10.561 1.00 89.91  ? 43  ASN A OD1 1 
ATOM   356  N ND2 . ASN A 1 45  ? -0.902  11.558  -10.989 1.00 91.30  ? 43  ASN A ND2 1 
ATOM   357  N N   . ILE A 1 46  ? -2.718  7.559   -9.669  1.00 79.59  ? 44  ILE A N   1 
ATOM   358  C CA  . ILE A 1 46  ? -3.920  7.121   -8.969  1.00 79.36  ? 44  ILE A CA  1 
ATOM   359  C C   . ILE A 1 46  ? -4.495  8.197   -8.061  1.00 80.31  ? 44  ILE A C   1 
ATOM   360  O O   . ILE A 1 46  ? -5.575  7.995   -7.482  1.00 78.95  ? 44  ILE A O   1 
ATOM   361  C CB  . ILE A 1 46  ? -3.671  5.834   -8.168  1.00 77.59  ? 44  ILE A CB  1 
ATOM   362  C CG1 . ILE A 1 46  ? -2.873  6.180   -6.924  1.00 79.33  ? 44  ILE A CG1 1 
ATOM   363  C CG2 . ILE A 1 46  ? -2.928  4.822   -9.026  1.00 76.96  ? 44  ILE A CG2 1 
ATOM   364  C CD1 . ILE A 1 46  ? -2.360  5.031   -6.153  1.00 75.77  ? 44  ILE A CD1 1 
ATOM   365  N N   . GLN A 1 47  ? -3.833  9.345   -7.935  1.00 85.69  ? 45  GLN A N   1 
ATOM   366  C CA  . GLN A 1 47  ? -4.374  10.441  -7.142  1.00 85.34  ? 45  GLN A CA  1 
ATOM   367  C C   . GLN A 1 47  ? -5.692  10.968  -7.716  1.00 83.57  ? 45  GLN A C   1 
ATOM   368  O O   . GLN A 1 47  ? -6.524  11.523  -6.977  1.00 81.81  ? 45  GLN A O   1 
ATOM   369  C CB  . GLN A 1 47  ? -3.334  11.554  -7.063  1.00 83.02  ? 45  GLN A CB  1 
ATOM   370  C CG  . GLN A 1 47  ? -3.599  12.622  -6.069  1.00 83.28  ? 45  GLN A CG  1 
ATOM   371  C CD  . GLN A 1 47  ? -2.625  13.741  -6.263  1.00 95.98  ? 45  GLN A CD  1 
ATOM   372  O OE1 . GLN A 1 47  ? -2.293  14.101  -7.405  1.00 97.53  ? 45  GLN A OE1 1 
ATOM   373  N NE2 . GLN A 1 47  ? -2.130  14.290  -5.156  1.00 95.55  ? 45  GLN A NE2 1 
ATOM   374  N N   . HIS A 1 48  ? -5.913  10.800  -9.021  1.00 81.82  ? 46  HIS A N   1 
ATOM   375  C CA  . HIS A 1 48  ? -7.185  11.206  -9.600  1.00 81.41  ? 46  HIS A CA  1 
ATOM   376  C C   . HIS A 1 48  ? -8.358  10.618  -8.821  1.00 82.86  ? 46  HIS A C   1 
ATOM   377  O O   . HIS A 1 48  ? -9.420  11.252  -8.720  1.00 83.06  ? 46  HIS A O   1 
ATOM   378  C CB  . HIS A 1 48  ? -7.241  10.796  -11.073 1.00 85.86  ? 46  HIS A CB  1 
ATOM   379  C CG  . HIS A 1 48  ? -6.181  11.432  -11.925 1.00 93.29  ? 46  HIS A CG  1 
ATOM   380  N ND1 . HIS A 1 48  ? -6.067  12.799  -12.086 1.00 94.50  ? 46  HIS A ND1 1 
ATOM   381  C CD2 . HIS A 1 48  ? -5.205  10.885  -12.694 1.00 91.62  ? 46  HIS A CD2 1 
ATOM   382  C CE1 . HIS A 1 48  ? -5.063  13.067  -12.905 1.00 91.03  ? 46  HIS A CE1 1 
ATOM   383  N NE2 . HIS A 1 48  ? -4.524  11.923  -13.290 1.00 95.10  ? 46  HIS A NE2 1 
ATOM   384  N N   . PHE A 1 49  ? -8.182  9.421   -8.227  1.00 82.41  ? 47  PHE A N   1 
ATOM   385  C CA  . PHE A 1 49  ? -9.290  8.784   -7.522  1.00 79.64  ? 47  PHE A CA  1 
ATOM   386  C C   . PHE A 1 49  ? -8.975  8.294   -6.114  1.00 76.17  ? 47  PHE A C   1 
ATOM   387  O O   . PHE A 1 49  ? -9.889  7.821   -5.427  1.00 76.98  ? 47  PHE A O   1 
ATOM   388  C CB  . PHE A 1 49  ? -9.864  7.617   -8.346  1.00 78.97  ? 47  PHE A CB  1 
ATOM   389  C CG  . PHE A 1 49  ? -8.833  6.634   -8.836  1.00 76.90  ? 47  PHE A CG  1 
ATOM   390  C CD1 . PHE A 1 49  ? -8.166  6.836   -10.033 1.00 78.82  ? 47  PHE A CD1 1 
ATOM   391  C CD2 . PHE A 1 49  ? -8.564  5.485   -8.117  1.00 72.72  ? 47  PHE A CD2 1 
ATOM   392  C CE1 . PHE A 1 49  ? -7.234  5.913   -10.499 1.00 75.40  ? 47  PHE A CE1 1 
ATOM   393  C CE2 . PHE A 1 49  ? -7.629  4.575   -8.565  1.00 73.50  ? 47  PHE A CE2 1 
ATOM   394  C CZ  . PHE A 1 49  ? -6.969  4.799   -9.761  1.00 71.55  ? 47  PHE A CZ  1 
ATOM   395  N N   . VAL A 1 50  ? -7.737  8.415   -5.652  1.00 73.91  ? 48  VAL A N   1 
ATOM   396  C CA  . VAL A 1 50  ? -7.375  8.027   -4.294  1.00 78.04  ? 48  VAL A CA  1 
ATOM   397  C C   . VAL A 1 50  ? -7.287  9.276   -3.429  1.00 79.51  ? 48  VAL A C   1 
ATOM   398  O O   . VAL A 1 50  ? -6.528  10.204  -3.729  1.00 78.71  ? 48  VAL A O   1 
ATOM   399  C CB  . VAL A 1 50  ? -6.069  7.219   -4.268  1.00 84.94  ? 48  VAL A CB  1 
ATOM   400  C CG1 . VAL A 1 50  ? -5.495  7.138   -2.845  1.00 78.77  ? 48  VAL A CG1 1 
ATOM   401  C CG2 . VAL A 1 50  ? -6.323  5.788   -4.851  1.00 77.18  ? 48  VAL A CG2 1 
ATOM   402  N N   . GLU A 1 51  ? -8.064  9.290   -2.346  1.00 82.15  ? 49  GLU A N   1 
ATOM   403  C CA  . GLU A 1 51  ? -8.110  10.421  -1.426  1.00 81.51  ? 49  GLU A CA  1 
ATOM   404  C C   . GLU A 1 51  ? -6.923  10.420  -0.476  1.00 82.35  ? 49  GLU A C   1 
ATOM   405  O O   . GLU A 1 51  ? -6.262  11.450  -0.316  1.00 88.17  ? 49  GLU A O   1 
ATOM   406  C CB  . GLU A 1 51  ? -9.439  10.386  -0.661  1.00 85.16  ? 49  GLU A CB  1 
ATOM   407  C CG  . GLU A 1 51  ? -9.486  11.083  0.696   1.00 85.01  ? 49  GLU A CG  1 
ATOM   408  C CD  . GLU A 1 51  ? -10.838 10.858  1.378   1.00 86.27  ? 49  GLU A CD  1 
ATOM   409  O OE1 . GLU A 1 51  ? -11.600 9.986   0.885   1.00 87.43  ? 49  GLU A OE1 1 
ATOM   410  O OE2 . GLU A 1 51  ? -11.145 11.540  2.389   1.00 87.90  ? 49  GLU A OE2 1 
ATOM   411  N N   . LYS A 1 52  ? -6.640  9.269   0.149   1.00 79.57  ? 50  LYS A N   1 
ATOM   412  C CA  . LYS A 1 52  ? -5.499  9.026   1.033   1.00 75.68  ? 50  LYS A CA  1 
ATOM   413  C C   . LYS A 1 52  ? -5.285  7.517   1.147   1.00 82.67  ? 50  LYS A C   1 
ATOM   414  O O   . LYS A 1 52  ? -6.190  6.709   0.870   1.00 79.08  ? 50  LYS A O   1 
ATOM   415  C CB  . LYS A 1 52  ? -5.707  9.629   2.432   1.00 69.45  ? 50  LYS A CB  1 
ATOM   416  C CG  . LYS A 1 52  ? -6.918  9.035   3.170   1.00 76.25  ? 50  LYS A CG  1 
ATOM   417  C CD  . LYS A 1 52  ? -7.253  9.661   4.543   1.00 76.79  ? 50  LYS A CD  1 
ATOM   418  C CE  . LYS A 1 52  ? -8.528  9.019   5.137   1.00 82.93  ? 50  LYS A CE  1 
ATOM   419  N NZ  . LYS A 1 52  ? -8.854  9.430   6.553   1.00 86.12  ? 50  LYS A NZ  1 
ATOM   420  N N   . VAL A 1 53  ? -4.057  7.154   1.560   1.00 83.07  ? 51  VAL A N   1 
ATOM   421  C CA  . VAL A 1 53  ? -3.658  5.786   1.897   1.00 76.14  ? 51  VAL A CA  1 
ATOM   422  C C   . VAL A 1 53  ? -3.201  5.749   3.352   1.00 74.35  ? 51  VAL A C   1 
ATOM   423  O O   . VAL A 1 53  ? -2.376  6.566   3.777   1.00 75.10  ? 51  VAL A O   1 
ATOM   424  C CB  . VAL A 1 53  ? -2.535  5.263   0.981   1.00 79.62  ? 51  VAL A CB  1 
ATOM   425  C CG1 . VAL A 1 53  ? -2.134  3.854   1.421   1.00 74.13  ? 51  VAL A CG1 1 
ATOM   426  C CG2 . VAL A 1 53  ? -2.978  5.250   -0.474  1.00 72.09  ? 51  VAL A CG2 1 
ATOM   427  N N   . VAL A 1 54  ? -3.704  4.779   4.099   1.00 80.65  ? 52  VAL A N   1 
ATOM   428  C CA  . VAL A 1 54  ? -3.459  4.668   5.536   1.00 82.87  ? 52  VAL A CA  1 
ATOM   429  C C   . VAL A 1 54  ? -2.640  3.399   5.809   1.00 74.18  ? 52  VAL A C   1 
ATOM   430  O O   . VAL A 1 54  ? -3.089  2.293   5.499   1.00 75.63  ? 52  VAL A O   1 
ATOM   431  C CB  . VAL A 1 54  ? -4.795  4.670   6.303   1.00 80.64  ? 52  VAL A CB  1 
ATOM   432  C CG1 . VAL A 1 54  ? -4.604  4.350   7.770   1.00 80.33  ? 52  VAL A CG1 1 
ATOM   433  C CG2 . VAL A 1 54  ? -5.471  6.046   6.147   1.00 82.37  ? 52  VAL A CG2 1 
ATOM   434  N N   . PHE A 1 55  ? -1.439  3.562   6.389   1.00 78.30  ? 53  PHE A N   1 
ATOM   435  C CA  . PHE A 1 55  ? -0.538  2.454   6.737   1.00 75.22  ? 53  PHE A CA  1 
ATOM   436  C C   . PHE A 1 55  ? -0.568  2.229   8.242   1.00 76.50  ? 53  PHE A C   1 
ATOM   437  O O   . PHE A 1 55  ? -0.046  3.051   9.008   1.00 78.98  ? 53  PHE A O   1 
ATOM   438  C CB  . PHE A 1 55  ? 0.900   2.732   6.298   1.00 69.87  ? 53  PHE A CB  1 
ATOM   439  C CG  . PHE A 1 55  ? 1.044   2.962   4.843   1.00 73.86  ? 53  PHE A CG  1 
ATOM   440  C CD1 . PHE A 1 55  ? 0.831   4.227   4.308   1.00 76.19  ? 53  PHE A CD1 1 
ATOM   441  C CD2 . PHE A 1 55  ? 1.392   1.924   4.001   1.00 67.26  ? 53  PHE A CD2 1 
ATOM   442  C CE1 . PHE A 1 55  ? 0.965   4.455   2.951   1.00 73.65  ? 53  PHE A CE1 1 
ATOM   443  C CE2 . PHE A 1 55  ? 1.516   2.130   2.656   1.00 66.61  ? 53  PHE A CE2 1 
ATOM   444  C CZ  . PHE A 1 55  ? 1.301   3.405   2.121   1.00 74.51  ? 53  PHE A CZ  1 
ATOM   445  N N   . HIS A 1 56  ? -1.182  1.124   8.662   1.00 75.04  ? 54  HIS A N   1 
ATOM   446  C CA  . HIS A 1 56  ? -1.292  0.777   10.083  1.00 80.17  ? 54  HIS A CA  1 
ATOM   447  C C   . HIS A 1 56  ? -0.058  -0.026  10.467  1.00 78.76  ? 54  HIS A C   1 
ATOM   448  O O   . HIS A 1 56  ? 0.000   -1.241  10.295  1.00 78.11  ? 54  HIS A O   1 
ATOM   449  C CB  . HIS A 1 56  ? -2.577  0.007   10.359  1.00 81.25  ? 54  HIS A CB  1 
ATOM   450  C CG  . HIS A 1 56  ? -3.829  0.776   10.047  1.00 83.50  ? 54  HIS A CG  1 
ATOM   451  N ND1 . HIS A 1 56  ? -4.330  1.757   10.876  1.00 86.91  ? 54  HIS A ND1 1 
ATOM   452  C CD2 . HIS A 1 56  ? -4.695  0.687   9.008   1.00 80.11  ? 54  HIS A CD2 1 
ATOM   453  C CE1 . HIS A 1 56  ? -5.446  2.244   10.358  1.00 88.70  ? 54  HIS A CE1 1 
ATOM   454  N NE2 . HIS A 1 56  ? -5.686  1.616   9.220   1.00 83.24  ? 54  HIS A NE2 1 
ATOM   455  N N   . LEU A 1 57  ? 0.953   0.669   10.980  1.00 74.72  ? 55  LEU A N   1 
ATOM   456  C CA  . LEU A 1 57  ? 2.151   -0.021  11.425  1.00 76.55  ? 55  LEU A CA  1 
ATOM   457  C C   . LEU A 1 57  ? 1.869   -0.827  12.699  1.00 78.25  ? 55  LEU A C   1 
ATOM   458  O O   . LEU A 1 57  ? 0.838   -0.665  13.365  1.00 81.09  ? 55  LEU A O   1 
ATOM   459  C CB  . LEU A 1 57  ? 3.286   0.966   11.674  1.00 76.19  ? 55  LEU A CB  1 
ATOM   460  C CG  . LEU A 1 57  ? 3.801   1.770   10.491  1.00 73.26  ? 55  LEU A CG  1 
ATOM   461  C CD1 . LEU A 1 57  ? 4.935   2.604   10.987  1.00 69.65  ? 55  LEU A CD1 1 
ATOM   462  C CD2 . LEU A 1 57  ? 4.245   0.884   9.353   1.00 72.91  ? 55  LEU A CD2 1 
ATOM   463  N N   . HIS A 1 58  ? 2.804   -1.711  13.035  1.00 73.82  ? 56  HIS A N   1 
ATOM   464  C CA  . HIS A 1 58  ? 2.663   -2.524  14.235  1.00 75.78  ? 56  HIS A CA  1 
ATOM   465  C C   . HIS A 1 58  ? 2.722   -1.643  15.485  1.00 82.79  ? 56  HIS A C   1 
ATOM   466  O O   . HIS A 1 58  ? 3.256   -0.521  15.468  1.00 84.39  ? 56  HIS A O   1 
ATOM   467  C CB  . HIS A 1 58  ? 3.749   -3.606  14.260  1.00 73.38  ? 56  HIS A CB  1 
ATOM   468  C CG  . HIS A 1 58  ? 3.640   -4.578  15.394  1.00 74.74  ? 56  HIS A CG  1 
ATOM   469  N ND1 . HIS A 1 58  ? 4.490   -4.547  16.479  1.00 81.90  ? 56  HIS A ND1 1 
ATOM   470  C CD2 . HIS A 1 58  ? 2.820   -5.632  15.594  1.00 71.87  ? 56  HIS A CD2 1 
ATOM   471  C CE1 . HIS A 1 58  ? 4.172   -5.523  17.312  1.00 75.57  ? 56  HIS A CE1 1 
ATOM   472  N NE2 . HIS A 1 58  ? 3.169   -6.204  16.795  1.00 61.87  ? 56  HIS A NE2 1 
ATOM   473  N N   . GLU A 1 59  ? 2.129   -2.155  16.568  1.00 85.68  ? 57  GLU A N   1 
ATOM   474  C CA  . GLU A 1 59  ? 2.056   -1.406  17.817  1.00 86.38  ? 57  GLU A CA  1 
ATOM   475  C C   . GLU A 1 59  ? 3.420   -0.908  18.261  1.00 82.58  ? 57  GLU A C   1 
ATOM   476  O O   . GLU A 1 59  ? 3.559   0.246   18.681  1.00 92.13  ? 57  GLU A O   1 
ATOM   477  C CB  . GLU A 1 59  ? 1.444   -2.282  18.900  1.00 87.74  ? 57  GLU A CB  1 
ATOM   478  C CG  . GLU A 1 59  ? -0.046  -2.155  18.978  1.00 94.51  ? 57  GLU A CG  1 
ATOM   479  C CD  . GLU A 1 59  ? -0.632  -3.046  20.054  1.00 109.79 ? 57  GLU A CD  1 
ATOM   480  O OE1 . GLU A 1 59  ? 0.150   -3.840  20.654  1.00 103.03 ? 57  GLU A OE1 1 
ATOM   481  O OE2 . GLU A 1 59  ? -1.870  -2.954  20.283  1.00 110.00 ? 57  GLU A OE2 1 
ATOM   482  N N   . SER A 1 60  ? 4.447   -1.748  18.121  1.00 79.58  ? 58  SER A N   1 
ATOM   483  C CA  . SER A 1 60  ? 5.794   -1.459  18.621  1.00 80.64  ? 58  SER A CA  1 
ATOM   484  C C   . SER A 1 60  ? 6.414   -0.215  17.990  1.00 78.68  ? 58  SER A C   1 
ATOM   485  O O   . SER A 1 60  ? 7.506   0.181   18.407  1.00 81.78  ? 58  SER A O   1 
ATOM   486  C CB  . SER A 1 60  ? 6.700   -2.680  18.372  1.00 83.43  ? 58  SER A CB  1 
ATOM   487  O OG  . SER A 1 60  ? 6.431   -3.284  17.110  1.00 80.28  ? 58  SER A OG  1 
ATOM   488  N N   . PHE A 1 61  ? 5.798   0.353   17.023  1.00 82.62  ? 59  PHE A N   1 
ATOM   489  C CA  . PHE A 1 61  ? 6.241   1.520   16.277  1.00 83.33  ? 59  PHE A CA  1 
ATOM   490  C C   . PHE A 1 61  ? 5.654   2.786   16.889  1.00 84.63  ? 59  PHE A C   1 
ATOM   491  O O   . PHE A 1 61  ? 4.470   2.813   17.254  1.00 82.19  ? 59  PHE A O   1 
ATOM   492  C CB  . PHE A 1 61  ? 5.809   1.430   14.808  1.00 79.70  ? 59  PHE A CB  1 
ATOM   493  C CG  . PHE A 1 61  ? 6.769   0.660   13.942  1.00 78.97  ? 59  PHE A CG  1 
ATOM   494  C CD1 . PHE A 1 61  ? 7.878   1.281   13.397  1.00 77.44  ? 59  PHE A CD1 1 
ATOM   495  C CD2 . PHE A 1 61  ? 6.567   -0.688  13.675  1.00 78.69  ? 59  PHE A CD2 1 
ATOM   496  C CE1 . PHE A 1 61  ? 8.777   0.568   12.627  1.00 78.28  ? 59  PHE A CE1 1 
ATOM   497  C CE2 . PHE A 1 61  ? 7.462   -1.397  12.892  1.00 73.12  ? 59  PHE A CE2 1 
ATOM   498  C CZ  . PHE A 1 61  ? 8.562   -0.777  12.363  1.00 73.06  ? 59  PHE A CZ  1 
ATOM   499  N N   . PRO A 1 62  ? 6.496   3.810   17.022  1.00 88.79  ? 60  PRO A N   1 
ATOM   500  C CA  . PRO A 1 62  ? 5.989   5.147   17.331  1.00 83.05  ? 60  PRO A CA  1 
ATOM   501  C C   . PRO A 1 62  ? 4.914   5.549   16.338  1.00 89.80  ? 60  PRO A C   1 
ATOM   502  O O   . PRO A 1 62  ? 4.963   5.181   15.159  1.00 92.00  ? 60  PRO A O   1 
ATOM   503  C CB  . PRO A 1 62  ? 7.225   6.032   17.184  1.00 76.62  ? 60  PRO A CB  1 
ATOM   504  C CG  . PRO A 1 62  ? 8.370   5.120   17.432  1.00 83.22  ? 60  PRO A CG  1 
ATOM   505  C CD  . PRO A 1 62  ? 7.969   3.779   16.933  1.00 83.28  ? 60  PRO A CD  1 
ATOM   506  N N   . ARG A 1 63  ? 3.940   6.317   16.819  1.00 89.58  ? 61  ARG A N   1 
ATOM   507  C CA  . ARG A 1 63  ? 2.963   6.969   15.957  1.00 90.10  ? 61  ARG A CA  1 
ATOM   508  C C   . ARG A 1 63  ? 2.388   5.977   14.949  1.00 88.05  ? 61  ARG A C   1 
ATOM   509  O O   . ARG A 1 63  ? 2.512   6.167   13.730  1.00 88.28  ? 61  ARG A O   1 
ATOM   510  C CB  . ARG A 1 63  ? 3.605   8.160   15.254  1.00 92.00  ? 61  ARG A CB  1 
ATOM   511  C CG  . ARG A 1 63  ? 3.854   9.379   16.162  1.00 97.34  ? 61  ARG A CG  1 
ATOM   512  C CD  . ARG A 1 63  ? 4.736   10.546  15.554  1.00 102.70 ? 61  ARG A CD  1 
ATOM   513  N NE  . ARG A 1 63  ? 5.167   10.417  14.156  1.00 104.85 ? 61  ARG A NE  1 
ATOM   514  C CZ  . ARG A 1 63  ? 6.147   9.611   13.736  1.00 101.85 ? 61  ARG A CZ  1 
ATOM   515  N NH1 . ARG A 1 63  ? 6.482   9.571   12.448  1.00 98.35  ? 61  ARG A NH1 1 
ATOM   516  N NH2 . ARG A 1 63  ? 6.777   8.817   14.602  1.00 93.15  ? 61  ARG A NH2 1 
ATOM   517  N N   . PRO A 1 64  ? 1.782   4.874   15.409  1.00 84.26  ? 62  PRO A N   1 
ATOM   518  C CA  . PRO A 1 64  ? 1.591   3.727   14.508  1.00 81.12  ? 62  PRO A CA  1 
ATOM   519  C C   . PRO A 1 64  ? 0.687   4.006   13.309  1.00 83.74  ? 62  PRO A C   1 
ATOM   520  O O   . PRO A 1 64  ? 0.826   3.331   12.284  1.00 83.74  ? 62  PRO A O   1 
ATOM   521  C CB  . PRO A 1 64  ? 1.021   2.639   15.436  1.00 77.11  ? 62  PRO A CB  1 
ATOM   522  C CG  . PRO A 1 64  ? 0.470   3.339   16.607  1.00 79.00  ? 62  PRO A CG  1 
ATOM   523  C CD  . PRO A 1 64  ? 1.263   4.617   16.769  1.00 83.70  ? 62  PRO A CD  1 
ATOM   524  N N   . LYS A 1 65  ? -0.211  4.986   13.364  1.00 87.43  ? 63  LYS A N   1 
ATOM   525  C CA  . LYS A 1 65  ? -1.059  5.307   12.210  1.00 86.62  ? 63  LYS A CA  1 
ATOM   526  C C   . LYS A 1 65  ? -0.308  6.308   11.334  1.00 84.05  ? 63  LYS A C   1 
ATOM   527  O O   . LYS A 1 65  ? -0.056  7.443   11.757  1.00 88.58  ? 63  LYS A O   1 
ATOM   528  C CB  . LYS A 1 65  ? -2.424  5.844   12.670  1.00 82.86  ? 63  LYS A CB  1 
ATOM   529  C CG  . LYS A 1 65  ? -3.527  6.047   11.595  1.00 80.96  ? 63  LYS A CG  1 
ATOM   530  C CD  . LYS A 1 65  ? -4.778  6.762   12.198  1.00 78.86  ? 63  LYS A CD  1 
ATOM   531  C CE  . LYS A 1 65  ? -5.940  7.008   11.202  1.00 84.00  ? 63  LYS A CE  1 
ATOM   532  N NZ  . LYS A 1 65  ? -7.053  5.975   11.251  1.00 91.68  ? 63  LYS A NZ  1 
ATOM   533  N N   . ARG A 1 66  ? 0.100   5.877   10.141  1.00 82.25  ? 64  ARG A N   1 
ATOM   534  C CA  . ARG A 1 66  ? 0.717   6.766   9.155   1.00 74.72  ? 64  ARG A CA  1 
ATOM   535  C C   . ARG A 1 66  ? -0.276  7.018   8.029   1.00 77.76  ? 64  ARG A C   1 
ATOM   536  O O   . ARG A 1 66  ? -0.952  6.095   7.570   1.00 82.93  ? 64  ARG A O   1 
ATOM   537  C CB  . ARG A 1 66  ? 2.003   6.167   8.598   1.00 75.49  ? 64  ARG A CB  1 
ATOM   538  C CG  . ARG A 1 66  ? 2.945   5.703   9.664   1.00 77.39  ? 64  ARG A CG  1 
ATOM   539  C CD  . ARG A 1 66  ? 3.358   6.866   10.554  1.00 81.76  ? 64  ARG A CD  1 
ATOM   540  N NE  . ARG A 1 66  ? 4.321   6.398   11.533  1.00 85.20  ? 64  ARG A NE  1 
ATOM   541  C CZ  . ARG A 1 66  ? 5.616   6.260   11.279  1.00 84.54  ? 64  ARG A CZ  1 
ATOM   542  N NH1 . ARG A 1 66  ? 6.423   5.789   12.218  1.00 79.27  ? 64  ARG A NH1 1 
ATOM   543  N NH2 . ARG A 1 66  ? 6.090   6.572   10.079  1.00 87.77  ? 64  ARG A NH2 1 
ATOM   544  N N   . VAL A 1 67  ? -0.374  8.268   7.593   1.00 78.11  ? 65  VAL A N   1 
ATOM   545  C CA  . VAL A 1 67  ? -1.369  8.693   6.612   1.00 76.61  ? 65  VAL A CA  1 
ATOM   546  C C   . VAL A 1 67  ? -0.647  9.448   5.501   1.00 78.20  ? 65  VAL A C   1 
ATOM   547  O O   . VAL A 1 67  ? 0.093   10.398  5.780   1.00 69.62  ? 65  VAL A O   1 
ATOM   548  C CB  . VAL A 1 67  ? -2.472  9.549   7.258   1.00 70.96  ? 65  VAL A CB  1 
ATOM   549  C CG1 . VAL A 1 67  ? -3.460  10.013  6.224   1.00 71.81  ? 65  VAL A CG1 1 
ATOM   550  C CG2 . VAL A 1 67  ? -3.174  8.753   8.381   1.00 72.12  ? 65  VAL A CG2 1 
ATOM   551  N N   . CYS A 1 68  ? -0.823  9.000   4.255   1.00 75.30  ? 66  CYS A N   1 
ATOM   552  C CA  . CYS A 1 68  ? -0.333  9.729   3.093   1.00 78.62  ? 66  CYS A CA  1 
ATOM   553  C C   . CYS A 1 68  ? -1.541  10.246  2.337   1.00 82.46  ? 66  CYS A C   1 
ATOM   554  O O   . CYS A 1 68  ? -2.425  9.462   1.980   1.00 79.86  ? 66  CYS A O   1 
ATOM   555  C CB  . CYS A 1 68  ? 0.530   8.853   2.189   1.00 72.44  ? 66  CYS A CB  1 
ATOM   556  S SG  . CYS A 1 68  ? 2.075   8.382   2.905   1.00 82.18  ? 66  CYS A SG  1 
ATOM   557  N N   . LYS A 1 69  ? -1.590  11.566  2.120   1.00 81.30  ? 67  LYS A N   1 
ATOM   558  C CA  . LYS A 1 69  ? -2.679  12.183  1.371   1.00 81.80  ? 67  LYS A CA  1 
ATOM   559  C C   . LYS A 1 69  ? -2.324  12.454  -0.084  1.00 80.90  ? 67  LYS A C   1 
ATOM   560  O O   . LYS A 1 69  ? -3.235  12.722  -0.876  1.00 84.10  ? 67  LYS A O   1 
ATOM   561  C CB  . LYS A 1 69  ? -3.141  13.489  2.050   1.00 88.11  ? 67  LYS A CB  1 
ATOM   562  C CG  . LYS A 1 69  ? -3.997  13.276  3.327   1.00 89.93  ? 67  LYS A CG  1 
ATOM   563  C CD  . LYS A 1 69  ? -4.268  14.570  4.093   1.00 96.66  ? 67  LYS A CD  1 
ATOM   564  C CE  . LYS A 1 69  ? -5.187  14.332  5.302   1.00 97.71  ? 67  LYS A CE  1 
ATOM   565  N NZ  . LYS A 1 69  ? -5.421  15.564  6.122   1.00 97.99  ? 67  LYS A NZ  1 
ATOM   566  N N   . ASP A 1 70  ? -1.051  12.371  -0.465  1.00 78.11  ? 68  ASP A N   1 
ATOM   567  C CA  . ASP A 1 70  ? -0.639  12.688  -1.828  1.00 82.32  ? 68  ASP A CA  1 
ATOM   568  C C   . ASP A 1 70  ? 0.544   11.794  -2.186  1.00 79.83  ? 68  ASP A C   1 
ATOM   569  O O   . ASP A 1 70  ? 1.245   11.318  -1.291  1.00 80.89  ? 68  ASP A O   1 
ATOM   570  C CB  . ASP A 1 70  ? -0.273  14.177  -1.969  1.00 90.79  ? 68  ASP A CB  1 
ATOM   571  C CG  . ASP A 1 70  ? -1.328  15.119  -1.325  1.00 85.43  ? 68  ASP A CG  1 
ATOM   572  O OD1 . ASP A 1 70  ? -2.354  15.399  -1.983  1.00 90.86  ? 68  ASP A OD1 1 
ATOM   573  O OD2 . ASP A 1 70  ? -1.144  15.549  -0.159  1.00 84.66  ? 68  ASP A OD2 1 
ATOM   574  N N   . PRO A 1 71  ? 0.796   11.540  -3.496  1.00 83.81  ? 69  PRO A N   1 
ATOM   575  C CA  . PRO A 1 71  ? 1.933   10.692  -3.899  1.00 80.58  ? 69  PRO A CA  1 
ATOM   576  C C   . PRO A 1 71  ? 3.269   11.232  -3.447  1.00 78.16  ? 69  PRO A C   1 
ATOM   577  O O   . PRO A 1 71  ? 3.365   12.402  -3.149  1.00 84.26  ? 69  PRO A O   1 
ATOM   578  C CB  . PRO A 1 71  ? 1.865   10.685  -5.437  1.00 80.64  ? 69  PRO A CB  1 
ATOM   579  C CG  . PRO A 1 71  ? 0.917   11.785  -5.815  1.00 80.15  ? 69  PRO A CG  1 
ATOM   580  C CD  . PRO A 1 71  ? -0.040  11.904  -4.660  1.00 83.21  ? 69  PRO A CD  1 
ATOM   581  N N   . PRO A 1 72  ? 4.283   10.379  -3.329  1.00 84.81  ? 70  PRO A N   1 
ATOM   582  C CA  . PRO A 1 72  ? 4.168   8.921   -3.308  1.00 80.73  ? 70  PRO A CA  1 
ATOM   583  C C   . PRO A 1 72  ? 3.492   8.451   -2.015  1.00 76.06  ? 70  PRO A C   1 
ATOM   584  O O   . PRO A 1 72  ? 3.756   8.953   -0.927  1.00 77.72  ? 70  PRO A O   1 
ATOM   585  C CB  . PRO A 1 72  ? 5.629   8.447   -3.395  1.00 77.79  ? 70  PRO A CB  1 
ATOM   586  C CG  . PRO A 1 72  ? 6.428   9.583   -2.842  1.00 75.61  ? 70  PRO A CG  1 
ATOM   587  C CD  . PRO A 1 72  ? 5.681   10.833  -3.208  1.00 84.72  ? 70  PRO A CD  1 
ATOM   588  N N   . TYR A 1 73  ? 2.571   7.501   -2.149  1.00 82.43  ? 71  TYR A N   1 
ATOM   589  C CA  . TYR A 1 73  ? 1.976   6.862   -0.974  1.00 84.09  ? 71  TYR A CA  1 
ATOM   590  C C   . TYR A 1 73  ? 2.965   5.824   -0.439  1.00 76.01  ? 71  TYR A C   1 
ATOM   591  O O   . TYR A 1 73  ? 2.898   4.649   -0.775  1.00 70.49  ? 71  TYR A O   1 
ATOM   592  C CB  . TYR A 1 73  ? 0.632   6.243   -1.325  1.00 78.34  ? 71  TYR A CB  1 
ATOM   593  C CG  . TYR A 1 73  ? -0.281  7.195   -2.037  1.00 83.87  ? 71  TYR A CG  1 
ATOM   594  C CD1 . TYR A 1 73  ? -0.264  7.304   -3.428  1.00 85.55  ? 71  TYR A CD1 1 
ATOM   595  C CD2 . TYR A 1 73  ? -1.182  7.980   -1.326  1.00 83.85  ? 71  TYR A CD2 1 
ATOM   596  C CE1 . TYR A 1 73  ? -1.124  8.183   -4.090  1.00 83.34  ? 71  TYR A CE1 1 
ATOM   597  C CE2 . TYR A 1 73  ? -2.046  8.867   -1.977  1.00 78.79  ? 71  TYR A CE2 1 
ATOM   598  C CZ  . TYR A 1 73  ? -2.015  8.955   -3.360  1.00 80.84  ? 71  TYR A CZ  1 
ATOM   599  O OH  . TYR A 1 73  ? -2.855  9.820   -4.031  1.00 85.44  ? 71  TYR A OH  1 
ATOM   600  N N   . LYS A 1 74  ? 3.909   6.268   0.394   1.00 74.17  ? 72  LYS A N   1 
ATOM   601  C CA  . LYS A 1 74  ? 4.962   5.379   0.856   1.00 74.67  ? 72  LYS A CA  1 
ATOM   602  C C   . LYS A 1 74  ? 5.318   5.695   2.296   1.00 74.09  ? 72  LYS A C   1 
ATOM   603  O O   . LYS A 1 74  ? 5.098   6.809   2.782   1.00 77.99  ? 72  LYS A O   1 
ATOM   604  C CB  . LYS A 1 74  ? 6.233   5.477   -0.002  1.00 72.82  ? 72  LYS A CB  1 
ATOM   605  C CG  . LYS A 1 74  ? 6.919   6.815   0.094   1.00 69.29  ? 72  LYS A CG  1 
ATOM   606  C CD  . LYS A 1 74  ? 8.276   6.799   -0.581  1.00 79.16  ? 72  LYS A CD  1 
ATOM   607  C CE  . LYS A 1 74  ? 9.004   8.170   -0.503  1.00 90.02  ? 72  LYS A CE  1 
ATOM   608  N NZ  . LYS A 1 74  ? 9.377   8.633   0.882   1.00 86.75  ? 72  LYS A NZ  1 
ATOM   609  N N   . VAL A 1 75  ? 5.878   4.700   2.970   1.00 70.49  ? 73  VAL A N   1 
ATOM   610  C CA  . VAL A 1 75  ? 6.461   4.876   4.290   1.00 70.62  ? 73  VAL A CA  1 
ATOM   611  C C   . VAL A 1 75  ? 7.834   4.221   4.282   1.00 74.33  ? 73  VAL A C   1 
ATOM   612  O O   . VAL A 1 75  ? 8.002   3.139   3.702   1.00 75.97  ? 73  VAL A O   1 
ATOM   613  C CB  . VAL A 1 75  ? 5.561   4.280   5.396   1.00 70.21  ? 73  VAL A CB  1 
ATOM   614  C CG1 . VAL A 1 75  ? 6.200   4.407   6.762   1.00 70.11  ? 73  VAL A CG1 1 
ATOM   615  C CG2 . VAL A 1 75  ? 4.205   4.968   5.390   1.00 73.05  ? 73  VAL A CG2 1 
ATOM   616  N N   . GLU A 1 76  ? 8.821   4.897   4.893   1.00 75.63  ? 74  GLU A N   1 
ATOM   617  C CA  . GLU A 1 76  ? 10.179  4.381   5.053   1.00 76.27  ? 74  GLU A CA  1 
ATOM   618  C C   . GLU A 1 76  ? 10.508  4.271   6.534   1.00 77.75  ? 74  GLU A C   1 
ATOM   619  O O   . GLU A 1 76  ? 10.218  5.194   7.305   1.00 72.78  ? 74  GLU A O   1 
ATOM   620  C CB  . GLU A 1 76  ? 11.227  5.279   4.382   1.00 71.26  ? 74  GLU A CB  1 
ATOM   621  C CG  . GLU A 1 76  ? 10.801  5.852   3.048   1.00 83.86  ? 74  GLU A CG  1 
ATOM   622  C CD  . GLU A 1 76  ? 11.973  6.408   2.260   1.00 86.63  ? 74  GLU A CD  1 
ATOM   623  O OE1 . GLU A 1 76  ? 12.941  5.649   2.028   1.00 79.54  ? 74  GLU A OE1 1 
ATOM   624  O OE2 . GLU A 1 76  ? 11.916  7.600   1.872   1.00 90.07  ? 74  GLU A OE2 1 
ATOM   625  N N   . GLU A 1 77  ? 11.127  3.151   6.929   1.00 74.69  ? 75  GLU A N   1 
ATOM   626  C CA  . GLU A 1 77  ? 11.326  2.889   8.347   1.00 70.32  ? 75  GLU A CA  1 
ATOM   627  C C   . GLU A 1 77  ? 12.462  1.902   8.510   1.00 71.97  ? 75  GLU A C   1 
ATOM   628  O O   . GLU A 1 77  ? 12.971  1.354   7.530   1.00 73.59  ? 75  GLU A O   1 
ATOM   629  C CB  . GLU A 1 77  ? 10.051  2.341   9.002   1.00 75.22  ? 75  GLU A CB  1 
ATOM   630  C CG  . GLU A 1 77  ? 9.106   3.399   9.575   1.00 80.14  ? 75  GLU A CG  1 
ATOM   631  C CD  . GLU A 1 77  ? 9.579   3.940   10.920  1.00 82.02  ? 75  GLU A CD  1 
ATOM   632  O OE1 . GLU A 1 77  ? 10.758  3.706   11.283  1.00 87.62  ? 75  GLU A OE1 1 
ATOM   633  O OE2 . GLU A 1 77  ? 8.763   4.572   11.639  1.00 82.03  ? 75  GLU A OE2 1 
ATOM   634  N N   . SER A 1 78  ? 12.822  1.654   9.776   1.00 70.63  ? 76  SER A N   1 
ATOM   635  C CA  . SER A 1 78  ? 13.805  0.646   10.151  1.00 72.65  ? 76  SER A CA  1 
ATOM   636  C C   . SER A 1 78  ? 13.226  -0.236  11.246  1.00 74.04  ? 76  SER A C   1 
ATOM   637  O O   . SER A 1 78  ? 12.402  0.206   12.053  1.00 74.61  ? 76  SER A O   1 
ATOM   638  C CB  . SER A 1 78  ? 15.113  1.272   10.623  1.00 72.73  ? 76  SER A CB  1 
ATOM   639  O OG  . SER A 1 78  ? 15.683  2.035   9.574   1.00 77.39  ? 76  SER A OG  1 
ATOM   640  N N   . GLY A 1 79  ? 13.661  -1.495  11.264  1.00 69.18  ? 77  GLY A N   1 
ATOM   641  C CA  . GLY A 1 79  ? 13.037  -2.439  12.170  1.00 71.70  ? 77  GLY A CA  1 
ATOM   642  C C   . GLY A 1 79  ? 13.889  -3.666  12.405  1.00 71.53  ? 77  GLY A C   1 
ATOM   643  O O   . GLY A 1 79  ? 15.010  -3.787  11.900  1.00 70.70  ? 77  GLY A O   1 
ATOM   644  N N   . TYR A 1 80  ? 13.338  -4.589  13.188  1.00 69.85  ? 78  TYR A N   1 
ATOM   645  C CA  . TYR A 1 80  ? 14.074  -5.798  13.508  1.00 72.18  ? 78  TYR A CA  1 
ATOM   646  C C   . TYR A 1 80  ? 13.360  -7.085  13.160  1.00 67.52  ? 78  TYR A C   1 
ATOM   647  O O   . TYR A 1 80  ? 13.960  -8.144  13.343  1.00 69.77  ? 78  TYR A O   1 
ATOM   648  C CB  . TYR A 1 80  ? 14.443  -5.835  15.001  1.00 73.10  ? 78  TYR A CB  1 
ATOM   649  C CG  . TYR A 1 80  ? 13.297  -5.582  15.946  1.00 70.56  ? 78  TYR A CG  1 
ATOM   650  C CD1 . TYR A 1 80  ? 12.965  -4.292  16.298  1.00 75.78  ? 78  TYR A CD1 1 
ATOM   651  C CD2 . TYR A 1 80  ? 12.570  -6.626  16.500  1.00 71.16  ? 78  TYR A CD2 1 
ATOM   652  C CE1 . TYR A 1 80  ? 11.943  -4.032  17.160  1.00 78.87  ? 78  TYR A CE1 1 
ATOM   653  C CE2 . TYR A 1 80  ? 11.528  -6.378  17.374  1.00 72.93  ? 78  TYR A CE2 1 
ATOM   654  C CZ  . TYR A 1 80  ? 11.226  -5.070  17.706  1.00 74.67  ? 78  TYR A CZ  1 
ATOM   655  O OH  . TYR A 1 80  ? 10.195  -4.745  18.567  1.00 80.43  ? 78  TYR A OH  1 
ATOM   656  N N   . ALA A 1 81  ? 12.120  -7.027  12.677  1.00 70.57  ? 79  ALA A N   1 
ATOM   657  C CA  . ALA A 1 81  ? 11.262  -8.196  12.504  1.00 69.79  ? 79  ALA A CA  1 
ATOM   658  C C   . ALA A 1 81  ? 10.095  -7.817  11.601  1.00 69.21  ? 79  ALA A C   1 
ATOM   659  O O   . ALA A 1 81  ? 9.708   -6.653  11.554  1.00 65.45  ? 79  ALA A O   1 
ATOM   660  C CB  . ALA A 1 81  ? 10.769  -8.708  13.860  1.00 65.66  ? 79  ALA A CB  1 
ATOM   661  N N   . GLY A 1 82  ? 9.542   -8.804  10.873  1.00 68.61  ? 80  GLY A N   1 
ATOM   662  C CA  . GLY A 1 82  ? 8.430   -8.572  9.966   1.00 67.25  ? 80  GLY A CA  1 
ATOM   663  C C   . GLY A 1 82  ? 7.086   -8.679  10.653  1.00 69.07  ? 80  GLY A C   1 
ATOM   664  O O   . GLY A 1 82  ? 6.992   -9.053  11.828  1.00 70.18  ? 80  GLY A O   1 
ATOM   665  N N   . PHE A 1 83  ? 6.029   -8.358  9.899   1.00 63.99  ? 81  PHE A N   1 
ATOM   666  C CA  . PHE A 1 83  ? 4.703   -8.230  10.500  1.00 63.87  ? 81  PHE A CA  1 
ATOM   667  C C   . PHE A 1 83  ? 3.632   -7.990  9.435   1.00 66.86  ? 81  PHE A C   1 
ATOM   668  O O   . PHE A 1 83  ? 3.921   -7.581  8.299   1.00 69.89  ? 81  PHE A O   1 
ATOM   669  C CB  . PHE A 1 83  ? 4.681   -7.089  11.525  1.00 66.50  ? 81  PHE A CB  1 
ATOM   670  C CG  . PHE A 1 83  ? 5.104   -5.738  10.949  1.00 67.61  ? 81  PHE A CG  1 
ATOM   671  C CD1 . PHE A 1 83  ? 6.451   -5.396  10.865  1.00 68.45  ? 81  PHE A CD1 1 
ATOM   672  C CD2 . PHE A 1 83  ? 4.160   -4.822  10.502  1.00 66.93  ? 81  PHE A CD2 1 
ATOM   673  C CE1 . PHE A 1 83  ? 6.857   -4.190  10.337  1.00 67.97  ? 81  PHE A CE1 1 
ATOM   674  C CE2 . PHE A 1 83  ? 4.554   -3.591  9.972   1.00 69.66  ? 81  PHE A CE2 1 
ATOM   675  C CZ  . PHE A 1 83  ? 5.909   -3.276  9.885   1.00 70.31  ? 81  PHE A CZ  1 
ATOM   676  N N   . ILE A 1 84  ? 2.374   -8.215  9.838   1.00 61.78  ? 82  ILE A N   1 
ATOM   677  C CA  . ILE A 1 84  ? 1.223   -7.854  9.002   1.00 66.10  ? 82  ILE A CA  1 
ATOM   678  C C   . ILE A 1 84  ? 0.957   -6.355  9.114   1.00 68.51  ? 82  ILE A C   1 
ATOM   679  O O   . ILE A 1 84  ? 0.937   -5.788  10.211  1.00 72.61  ? 82  ILE A O   1 
ATOM   680  C CB  . ILE A 1 84  ? -0.026  -8.665  9.386   1.00 71.09  ? 82  ILE A CB  1 
ATOM   681  C CG1 . ILE A 1 84  ? 0.146   -10.174 9.082   1.00 61.10  ? 82  ILE A CG1 1 
ATOM   682  C CG2 . ILE A 1 84  ? -1.293  -8.072  8.700   1.00 69.46  ? 82  ILE A CG2 1 
ATOM   683  C CD1 . ILE A 1 84  ? 0.576   -10.498 7.699   1.00 58.11  ? 82  ILE A CD1 1 
ATOM   684  N N   . LEU A 1 85  ? 0.733   -5.713  7.974   1.00 68.48  ? 83  LEU A N   1 
ATOM   685  C CA  . LEU A 1 85  ? 0.607   -4.261  7.882   1.00 68.93  ? 83  LEU A CA  1 
ATOM   686  C C   . LEU A 1 85  ? -0.676  -3.945  7.141   1.00 69.83  ? 83  LEU A C   1 
ATOM   687  O O   . LEU A 1 85  ? -0.704  -4.000  5.895   1.00 74.32  ? 83  LEU A O   1 
ATOM   688  C CB  . LEU A 1 85  ? 1.817   -3.678  7.156   1.00 69.49  ? 83  LEU A CB  1 
ATOM   689  C CG  . LEU A 1 85  ? 2.169   -2.201  7.303   1.00 74.97  ? 83  LEU A CG  1 
ATOM   690  C CD1 . LEU A 1 85  ? 3.599   -1.990  6.815   1.00 69.16  ? 83  LEU A CD1 1 
ATOM   691  C CD2 . LEU A 1 85  ? 1.177   -1.281  6.560   1.00 69.88  ? 83  LEU A CD2 1 
ATOM   692  N N   . PRO A 1 86  ? -1.778  -3.672  7.844   1.00 73.39  ? 84  PRO A N   1 
ATOM   693  C CA  . PRO A 1 86  ? -3.030  -3.387  7.129   1.00 71.53  ? 84  PRO A CA  1 
ATOM   694  C C   . PRO A 1 86  ? -2.915  -2.036  6.444   1.00 74.52  ? 84  PRO A C   1 
ATOM   695  O O   . PRO A 1 86  ? -2.455  -1.050  7.032   1.00 74.66  ? 84  PRO A O   1 
ATOM   696  C CB  . PRO A 1 86  ? -4.098  -3.389  8.229   1.00 72.02  ? 84  PRO A CB  1 
ATOM   697  C CG  . PRO A 1 86  ? -3.431  -4.093  9.414   1.00 78.06  ? 84  PRO A CG  1 
ATOM   698  C CD  . PRO A 1 86  ? -1.972  -3.715  9.303   1.00 70.78  ? 84  PRO A CD  1 
ATOM   699  N N   . ILE A 1 87  ? -3.256  -2.019  5.173   1.00 73.25  ? 85  ILE A N   1 
ATOM   700  C CA  . ILE A 1 87  ? -3.219  -0.806  4.379   1.00 72.62  ? 85  ILE A CA  1 
ATOM   701  C C   . ILE A 1 87  ? -4.648  -0.462  4.008   1.00 74.56  ? 85  ILE A C   1 
ATOM   702  O O   . ILE A 1 87  ? -5.415  -1.346  3.608   1.00 78.79  ? 85  ILE A O   1 
ATOM   703  C CB  . ILE A 1 87  ? -2.334  -0.993  3.136   1.00 71.40  ? 85  ILE A CB  1 
ATOM   704  C CG1 . ILE A 1 87  ? -0.875  -1.163  3.592   1.00 70.69  ? 85  ILE A CG1 1 
ATOM   705  C CG2 . ILE A 1 87  ? -2.537  0.125   2.145   1.00 63.77  ? 85  ILE A CG2 1 
ATOM   706  C CD1 . ILE A 1 87  ? 0.048   -1.644  2.509   1.00 65.53  ? 85  ILE A CD1 1 
ATOM   707  N N   . GLU A 1 88  ? -5.028  0.793   4.202   1.00 70.98  ? 86  GLU A N   1 
ATOM   708  C CA  . GLU A 1 88  ? -6.359  1.257   3.833   1.00 77.84  ? 86  GLU A CA  1 
ATOM   709  C C   . GLU A 1 88  ? -6.244  2.253   2.689   1.00 76.08  ? 86  GLU A C   1 
ATOM   710  O O   . GLU A 1 88  ? -5.398  3.152   2.725   1.00 77.47  ? 86  GLU A O   1 
ATOM   711  C CB  . GLU A 1 88  ? -7.093  1.890   5.021   1.00 76.03  ? 86  GLU A CB  1 
ATOM   712  C CG  . GLU A 1 88  ? -7.534  0.887   6.073   1.00 79.73  ? 86  GLU A CG  1 
ATOM   713  C CD  . GLU A 1 88  ? -8.464  1.495   7.118   1.00 85.76  ? 86  GLU A CD  1 
ATOM   714  O OE1 . GLU A 1 88  ? -8.131  2.572   7.658   1.00 86.41  ? 86  GLU A OE1 1 
ATOM   715  O OE2 . GLU A 1 88  ? -9.531  0.896   7.401   1.00 89.66  ? 86  GLU A OE2 1 
ATOM   716  N N   . VAL A 1 89  ? -7.080  2.081   1.674   1.00 73.46  ? 87  VAL A N   1 
ATOM   717  C CA  . VAL A 1 89  ? -7.082  2.948   0.507   1.00 77.65  ? 87  VAL A CA  1 
ATOM   718  C C   . VAL A 1 89  ? -8.471  3.575   0.389   1.00 84.17  ? 87  VAL A C   1 
ATOM   719  O O   . VAL A 1 89  ? -9.470  2.872   0.147   1.00 80.22  ? 87  VAL A O   1 
ATOM   720  C CB  . VAL A 1 89  ? -6.676  2.192   -0.761  1.00 75.07  ? 87  VAL A CB  1 
ATOM   721  C CG1 . VAL A 1 89  ? -6.780  3.088   -1.957  1.00 73.94  ? 87  VAL A CG1 1 
ATOM   722  C CG2 . VAL A 1 89  ? -5.258  1.738   -0.624  1.00 73.45  ? 87  VAL A CG2 1 
ATOM   723  N N   . TYR A 1 90  ? -8.530  4.899   0.593   1.00 84.84  ? 88  TYR A N   1 
ATOM   724  C CA  . TYR A 1 90  ? -9.765  5.667   0.572   1.00 86.29  ? 88  TYR A CA  1 
ATOM   725  C C   . TYR A 1 90  ? -9.959  6.263   -0.824  1.00 84.35  ? 88  TYR A C   1 
ATOM   726  O O   . TYR A 1 90  ? -8.999  6.747   -1.424  1.00 86.08  ? 88  TYR A O   1 
ATOM   727  C CB  . TYR A 1 90  ? -9.707  6.781   1.635   1.00 82.26  ? 88  TYR A CB  1 
ATOM   728  C CG  . TYR A 1 90  ? -9.847  6.358   3.113   1.00 83.44  ? 88  TYR A CG  1 
ATOM   729  C CD1 . TYR A 1 90  ? -8.838  5.646   3.783   1.00 84.25  ? 88  TYR A CD1 1 
ATOM   730  C CD2 . TYR A 1 90  ? -10.983 6.706   3.848   1.00 81.40  ? 88  TYR A CD2 1 
ATOM   731  C CE1 . TYR A 1 90  ? -8.985  5.269   5.153   1.00 79.83  ? 88  TYR A CE1 1 
ATOM   732  C CE2 . TYR A 1 90  ? -11.136 6.349   5.200   1.00 83.52  ? 88  TYR A CE2 1 
ATOM   733  C CZ  . TYR A 1 90  ? -10.134 5.636   5.846   1.00 85.33  ? 88  TYR A CZ  1 
ATOM   734  O OH  . TYR A 1 90  ? -10.325 5.294   7.168   1.00 83.50  ? 88  TYR A OH  1 
ATOM   735  N N   . PHE A 1 91  ? -11.188 6.240   -1.344  1.00 82.06  ? 89  PHE A N   1 
ATOM   736  C CA  . PHE A 1 91  ? -11.443 6.725   -2.700  1.00 86.03  ? 89  PHE A CA  1 
ATOM   737  C C   . PHE A 1 91  ? -12.201 8.050   -2.727  1.00 85.27  ? 89  PHE A C   1 
ATOM   738  O O   . PHE A 1 91  ? -13.082 8.293   -1.898  1.00 88.40  ? 89  PHE A O   1 
ATOM   739  C CB  . PHE A 1 91  ? -12.241 5.699   -3.520  1.00 87.64  ? 89  PHE A CB  1 
ATOM   740  C CG  . PHE A 1 91  ? -11.565 4.389   -3.623  1.00 81.99  ? 89  PHE A CG  1 
ATOM   741  C CD1 . PHE A 1 91  ? -10.401 4.257   -4.365  1.00 82.09  ? 89  PHE A CD1 1 
ATOM   742  C CD2 . PHE A 1 91  ? -12.050 3.301   -2.940  1.00 79.55  ? 89  PHE A CD2 1 
ATOM   743  C CE1 . PHE A 1 91  ? -9.744  3.050   -4.451  1.00 74.16  ? 89  PHE A CE1 1 
ATOM   744  C CE2 . PHE A 1 91  ? -11.391 2.084   -3.018  1.00 81.00  ? 89  PHE A CE2 1 
ATOM   745  C CZ  . PHE A 1 91  ? -10.234 1.960   -3.772  1.00 76.08  ? 89  PHE A CZ  1 
ATOM   746  N N   . LYS A 1 92  ? -11.869 8.893   -3.723  1.00 85.39  ? 90  LYS A N   1 
ATOM   747  C CA  . LYS A 1 92  ? -12.546 10.164  -4.011  1.00 77.00  ? 90  LYS A CA  1 
ATOM   748  C C   . LYS A 1 92  ? -13.939 9.858   -4.556  1.00 86.17  ? 90  LYS A C   1 
ATOM   749  O O   . LYS A 1 92  ? -14.222 9.930   -5.755  1.00 86.73  ? 90  LYS A O   1 
ATOM   750  C CB  . LYS A 1 92  ? -11.728 10.986  -4.996  1.00 73.05  ? 90  LYS A CB  1 
ATOM   751  C CG  . LYS A 1 92  ? -10.531 11.704  -4.349  1.00 79.15  ? 90  LYS A CG  1 
ATOM   752  C CD  . LYS A 1 92  ? -9.504  12.173  -5.380  1.00 76.68  ? 90  LYS A CD  1 
ATOM   753  C CE  . LYS A 1 92  ? -8.479  13.101  -4.743  1.00 76.38  ? 90  LYS A CE  1 
ATOM   754  N NZ  . LYS A 1 92  ? -7.608  13.772  -5.740  1.00 75.92  ? 90  LYS A NZ  1 
ATOM   755  N N   . ASN A 1 93  ? -14.838 9.526   -3.640  1.00 84.05  ? 91  ASN A N   1 
ATOM   756  C CA  . ASN A 1 93  ? -15.969 8.681   -3.966  1.00 90.84  ? 91  ASN A CA  1 
ATOM   757  C C   . ASN A 1 93  ? -17.145 9.055   -3.084  1.00 95.25  ? 91  ASN A C   1 
ATOM   758  O O   . ASN A 1 93  ? -16.973 9.435   -1.922  1.00 96.39  ? 91  ASN A O   1 
ATOM   759  C CB  . ASN A 1 93  ? -15.579 7.204   -3.765  1.00 97.72  ? 91  ASN A CB  1 
ATOM   760  C CG  . ASN A 1 93  ? -16.691 6.248   -4.111  1.00 97.18  ? 91  ASN A CG  1 
ATOM   761  O OD1 . ASN A 1 93  ? -17.622 6.595   -4.851  1.00 98.59  ? 91  ASN A OD1 1 
ATOM   762  N ND2 . ASN A 1 93  ? -16.583 5.021   -3.609  1.00 94.23  ? 91  ASN A ND2 1 
ATOM   763  N N   . LYS A 1 94  ? -18.345 8.926   -3.652  1.00 99.86  ? 92  LYS A N   1 
ATOM   764  C CA  . LYS A 1 94  ? -19.592 9.254   -2.967  1.00 102.32 ? 92  LYS A CA  1 
ATOM   765  C C   . LYS A 1 94  ? -20.142 8.063   -2.189  1.00 104.41 ? 92  LYS A C   1 
ATOM   766  O O   . LYS A 1 94  ? -20.372 8.157   -0.979  1.00 109.05 ? 92  LYS A O   1 
ATOM   767  C CB  . LYS A 1 94  ? -20.630 9.744   -3.983  1.00 103.15 ? 92  LYS A CB  1 
ATOM   768  C CG  . LYS A 1 94  ? -20.100 10.844  -4.879  1.00 111.14 ? 92  LYS A CG  1 
ATOM   769  C CD  . LYS A 1 94  ? -21.209 11.578  -5.625  1.00 112.63 ? 92  LYS A CD  1 
ATOM   770  C CE  . LYS A 1 94  ? -20.688 12.913  -6.154  1.00 115.97 ? 92  LYS A CE  1 
ATOM   771  N NZ  . LYS A 1 94  ? -21.691 13.649  -6.956  1.00 123.77 ? 92  LYS A NZ  1 
ATOM   772  N N   . GLU A 1 95  ? -20.363 6.941   -2.869  1.00 100.99 ? 93  GLU A N   1 
ATOM   773  C CA  . GLU A 1 95  ? -21.026 5.812   -2.244  1.00 107.76 ? 93  GLU A CA  1 
ATOM   774  C C   . GLU A 1 95  ? -20.041 4.686   -1.925  1.00 103.05 ? 93  GLU A C   1 
ATOM   775  O O   . GLU A 1 95  ? -18.827 4.799   -2.123  1.00 99.51  ? 93  GLU A O   1 
ATOM   776  C CB  . GLU A 1 95  ? -22.157 5.313   -3.136  1.00 112.72 ? 93  GLU A CB  1 
ATOM   777  C CG  . GLU A 1 95  ? -23.317 6.275   -3.272  1.00 121.61 ? 93  GLU A CG  1 
ATOM   778  C CD  . GLU A 1 95  ? -24.397 5.727   -4.187  1.00 134.56 ? 93  GLU A CD  1 
ATOM   779  O OE1 . GLU A 1 95  ? -24.116 4.734   -4.902  1.00 128.30 ? 93  GLU A OE1 1 
ATOM   780  O OE2 . GLU A 1 95  ? -25.524 6.272   -4.170  1.00 144.41 ? 93  GLU A OE2 1 
ATOM   781  N N   . GLU A 1 96  ? -20.589 3.591   -1.399  1.00 97.22  ? 94  GLU A N   1 
ATOM   782  C CA  . GLU A 1 96  ? -19.814 2.404   -1.105  1.00 97.36  ? 94  GLU A CA  1 
ATOM   783  C C   . GLU A 1 96  ? -19.235 1.868   -2.410  1.00 101.15 ? 94  GLU A C   1 
ATOM   784  O O   . GLU A 1 96  ? -19.845 2.032   -3.459  1.00 104.94 ? 94  GLU A O   1 
ATOM   785  C CB  . GLU A 1 96  ? -20.678 1.341   -0.409  1.00 98.48  ? 94  GLU A CB  1 
ATOM   786  C CG  . GLU A 1 96  ? -20.987 1.651   1.053   1.00 97.78  ? 94  GLU A CG  1 
ATOM   787  C CD  . GLU A 1 96  ? -19.731 1.750   1.930   1.00 108.63 ? 94  GLU A CD  1 
ATOM   788  O OE1 . GLU A 1 96  ? -19.168 0.688   2.309   1.00 108.71 ? 94  GLU A OE1 1 
ATOM   789  O OE2 . GLU A 1 96  ? -19.313 2.895   2.245   1.00 104.30 ? 94  GLU A OE2 1 
ATOM   790  N N   . PRO A 1 97  ? -18.046 1.248   -2.351  1.00 97.93  ? 95  PRO A N   1 
ATOM   791  C CA  . PRO A 1 97  ? -17.243 1.192   -1.131  1.00 94.09  ? 95  PRO A CA  1 
ATOM   792  C C   . PRO A 1 97  ? -16.397 2.446   -1.030  1.00 90.17  ? 95  PRO A C   1 
ATOM   793  O O   . PRO A 1 97  ? -15.886 2.888   -2.059  1.00 87.40  ? 95  PRO A O   1 
ATOM   794  C CB  . PRO A 1 97  ? -16.398 -0.068  -1.323  1.00 91.13  ? 95  PRO A CB  1 
ATOM   795  C CG  . PRO A 1 97  ? -16.203 -0.155  -2.797  1.00 94.57  ? 95  PRO A CG  1 
ATOM   796  C CD  . PRO A 1 97  ? -17.424 0.482   -3.453  1.00 96.61  ? 95  PRO A CD  1 
ATOM   797  N N   . ARG A 1 98  ? -16.289 3.017   0.169   1.00 90.09  ? 96  ARG A N   1 
ATOM   798  C CA  . ARG A 1 98  ? -15.541 4.260   0.359   1.00 93.85  ? 96  ARG A CA  1 
ATOM   799  C C   . ARG A 1 98  ? -14.034 4.028   0.499   1.00 90.46  ? 96  ARG A C   1 
ATOM   800  O O   . ARG A 1 98  ? -13.232 4.859   0.046   1.00 86.64  ? 96  ARG A O   1 
ATOM   801  C CB  . ARG A 1 98  ? -16.078 5.000   1.591   1.00 95.51  ? 96  ARG A CB  1 
ATOM   802  C CG  . ARG A 1 98  ? -17.160 6.011   1.287   1.00 101.03 ? 96  ARG A CG  1 
ATOM   803  C CD  . ARG A 1 98  ? -16.564 7.278   0.697   1.00 100.07 ? 96  ARG A CD  1 
ATOM   804  N NE  . ARG A 1 98  ? -17.246 8.487   1.166   1.00 107.29 ? 96  ARG A NE  1 
ATOM   805  C CZ  . ARG A 1 98  ? -16.955 9.134   2.296   1.00 113.44 ? 96  ARG A CZ  1 
ATOM   806  N NH1 . ARG A 1 98  ? -15.981 8.696   3.095   1.00 114.38 ? 96  ARG A NH1 1 
ATOM   807  N NH2 . ARG A 1 98  ? -17.633 10.231  2.624   1.00 116.60 ? 96  ARG A NH2 1 
ATOM   808  N N   . LYS A 1 99  ? -13.636 2.907   1.107   1.00 87.45  ? 97  LYS A N   1 
ATOM   809  C CA  . LYS A 1 99  ? -12.240 2.506   1.235   1.00 85.59  ? 97  LYS A CA  1 
ATOM   810  C C   . LYS A 1 99  ? -12.171 1.004   1.018   1.00 86.72  ? 97  LYS A C   1 
ATOM   811  O O   . LYS A 1 99  ? -13.202 0.341   0.876   1.00 89.17  ? 97  LYS A O   1 
ATOM   812  C CB  . LYS A 1 99  ? -11.665 2.885   2.614   1.00 83.90  ? 97  LYS A CB  1 
ATOM   813  C CG  . LYS A 1 99  ? -12.374 2.191   3.780   1.00 83.31  ? 97  LYS A CG  1 
ATOM   814  C CD  . LYS A 1 99  ? -12.016 2.822   5.145   1.00 84.51  ? 97  LYS A CD  1 
ATOM   815  C CE  . LYS A 1 99  ? -12.740 2.139   6.311   1.00 82.61  ? 97  LYS A CE  1 
ATOM   816  N NZ  . LYS A 1 99  ? -12.173 2.555   7.641   1.00 78.68  ? 97  LYS A NZ  1 
ATOM   817  N N   . VAL A 1 100 ? -10.949 0.461   0.990   1.00 85.88  ? 98  VAL A N   1 
ATOM   818  C CA  . VAL A 1 100 ? -10.741 -0.985  1.068   1.00 79.12  ? 98  VAL A CA  1 
ATOM   819  C C   . VAL A 1 100 ? -9.428  -1.247  1.795   1.00 77.66  ? 98  VAL A C   1 
ATOM   820  O O   . VAL A 1 100 ? -8.477  -0.463  1.701   1.00 78.65  ? 98  VAL A O   1 
ATOM   821  C CB  . VAL A 1 100 ? -10.761 -1.668  -0.321  1.00 76.90  ? 98  VAL A CB  1 
ATOM   822  C CG1 . VAL A 1 100 ? -9.679  -1.108  -1.197  1.00 74.83  ? 98  VAL A CG1 1 
ATOM   823  C CG2 . VAL A 1 100 ? -10.666 -3.210  -0.179  1.00 71.50  ? 98  VAL A CG2 1 
ATOM   824  N N   . ARG A 1 101 ? -9.393  -2.365  2.525   1.00 76.08  ? 99  ARG A N   1 
ATOM   825  C CA  . ARG A 1 101 ? -8.324  -2.745  3.436   1.00 75.74  ? 99  ARG A CA  1 
ATOM   826  C C   . ARG A 1 101 ? -7.638  -4.009  2.939   1.00 78.78  ? 99  ARG A C   1 
ATOM   827  O O   . ARG A 1 101 ? -8.303  -5.008  2.634   1.00 79.97  ? 99  ARG A O   1 
ATOM   828  C CB  . ARG A 1 101 ? -8.866  -2.977  4.859   1.00 80.71  ? 99  ARG A CB  1 
ATOM   829  C CG  . ARG A 1 101 ? -7.958  -3.869  5.737   1.00 84.96  ? 99  ARG A CG  1 
ATOM   830  C CD  . ARG A 1 101 ? -8.326  -3.864  7.224   1.00 86.11  ? 99  ARG A CD  1 
ATOM   831  N NE  . ARG A 1 101 ? -8.032  -2.578  7.862   1.00 90.71  ? 99  ARG A NE  1 
ATOM   832  C CZ  . ARG A 1 101 ? -7.586  -2.442  9.114   1.00 91.68  ? 99  ARG A CZ  1 
ATOM   833  N NH1 . ARG A 1 101 ? -7.353  -3.526  9.860   1.00 96.66  ? 99  ARG A NH1 1 
ATOM   834  N NH2 . ARG A 1 101 ? -7.349  -1.227  9.609   1.00 90.09  ? 99  ARG A NH2 1 
ATOM   835  N N   . PHE A 1 102 ? -6.305  -3.974  2.898   1.00 79.54  ? 100 PHE A N   1 
ATOM   836  C CA  . PHE A 1 102 ? -5.489  -5.143  2.617   1.00 73.70  ? 100 PHE A CA  1 
ATOM   837  C C   . PHE A 1 102 ? -4.637  -5.485  3.829   1.00 75.71  ? 100 PHE A C   1 
ATOM   838  O O   . PHE A 1 102 ? -4.278  -4.618  4.618   1.00 85.07  ? 100 PHE A O   1 
ATOM   839  C CB  . PHE A 1 102 ? -4.570  -4.910  1.420   1.00 75.54  ? 100 PHE A CB  1 
ATOM   840  C CG  . PHE A 1 102 ? -5.292  -4.493  0.192   1.00 74.94  ? 100 PHE A CG  1 
ATOM   841  C CD1 . PHE A 1 102 ? -5.924  -5.444  -0.610  1.00 77.80  ? 100 PHE A CD1 1 
ATOM   842  C CD2 . PHE A 1 102 ? -5.376  -3.148  -0.153  1.00 70.11  ? 100 PHE A CD2 1 
ATOM   843  C CE1 . PHE A 1 102 ? -6.626  -5.059  -1.756  1.00 75.52  ? 100 PHE A CE1 1 
ATOM   844  C CE2 . PHE A 1 102 ? -6.079  -2.751  -1.292  1.00 72.43  ? 100 PHE A CE2 1 
ATOM   845  C CZ  . PHE A 1 102 ? -6.702  -3.707  -2.106  1.00 72.86  ? 100 PHE A CZ  1 
ATOM   846  N N   . ASP A 1 103 ? -4.301  -6.749  3.971   1.00 78.35  ? 101 ASP A N   1 
ATOM   847  C CA  . ASP A 1 103 ? -3.273  -7.176  4.912   1.00 76.27  ? 101 ASP A CA  1 
ATOM   848  C C   . ASP A 1 103 ? -1.998  -7.398  4.103   1.00 72.40  ? 101 ASP A C   1 
ATOM   849  O O   . ASP A 1 103 ? -1.899  -8.366  3.336   1.00 69.72  ? 101 ASP A O   1 
ATOM   850  C CB  . ASP A 1 103 ? -3.694  -8.443  5.660   1.00 75.12  ? 101 ASP A CB  1 
ATOM   851  C CG  . ASP A 1 103 ? -4.877  -8.213  6.573   1.00 79.64  ? 101 ASP A CG  1 
ATOM   852  O OD1 . ASP A 1 103 ? -4.845  -7.262  7.383   1.00 86.87  ? 101 ASP A OD1 1 
ATOM   853  O OD2 . ASP A 1 103 ? -5.854  -8.980  6.480   1.00 84.45  ? 101 ASP A OD2 1 
ATOM   854  N N   . TYR A 1 104 ? -1.049  -6.475  4.217   1.00 71.24  ? 102 TYR A N   1 
ATOM   855  C CA  . TYR A 1 104 ? 0.201   -6.592  3.469   1.00 69.40  ? 102 TYR A CA  1 
ATOM   856  C C   . TYR A 1 104 ? 1.250   -7.276  4.331   1.00 68.87  ? 102 TYR A C   1 
ATOM   857  O O   . TYR A 1 104 ? 1.436   -6.917  5.491   1.00 70.60  ? 102 TYR A O   1 
ATOM   858  C CB  . TYR A 1 104 ? 0.725   -5.223  3.015   1.00 69.45  ? 102 TYR A CB  1 
ATOM   859  C CG  . TYR A 1 104 ? 1.937   -5.384  2.131   1.00 66.85  ? 102 TYR A CG  1 
ATOM   860  C CD1 . TYR A 1 104 ? 1.795   -5.616  0.777   1.00 63.69  ? 102 TYR A CD1 1 
ATOM   861  C CD2 . TYR A 1 104 ? 3.220   -5.394  2.662   1.00 63.47  ? 102 TYR A CD2 1 
ATOM   862  C CE1 . TYR A 1 104 ? 2.892   -5.806  -0.036  1.00 66.65  ? 102 TYR A CE1 1 
ATOM   863  C CE2 . TYR A 1 104 ? 4.325   -5.589  1.851   1.00 62.66  ? 102 TYR A CE2 1 
ATOM   864  C CZ  . TYR A 1 104 ? 4.155   -5.790  0.511   1.00 65.19  ? 102 TYR A CZ  1 
ATOM   865  O OH  . TYR A 1 104 ? 5.253   -5.986  -0.282  1.00 66.22  ? 102 TYR A OH  1 
ATOM   866  N N   . ASP A 1 105 ? 1.937   -8.269  3.774   1.00 68.73  ? 103 ASP A N   1 
ATOM   867  C CA  . ASP A 1 105 ? 2.926   -9.013  4.556   1.00 67.21  ? 103 ASP A CA  1 
ATOM   868  C C   . ASP A 1 105 ? 4.293   -8.357  4.407   1.00 68.90  ? 103 ASP A C   1 
ATOM   869  O O   . ASP A 1 105 ? 5.003   -8.578  3.416   1.00 65.63  ? 103 ASP A O   1 
ATOM   870  C CB  . ASP A 1 105 ? 2.975   -10.467 4.130   1.00 66.94  ? 103 ASP A CB  1 
ATOM   871  C CG  . ASP A 1 105 ? 3.856   -11.316 5.031   1.00 68.25  ? 103 ASP A CG  1 
ATOM   872  O OD1 . ASP A 1 105 ? 4.567   -10.767 5.908   1.00 64.95  ? 103 ASP A OD1 1 
ATOM   873  O OD2 . ASP A 1 105 ? 3.814   -12.545 4.859   1.00 74.48  ? 103 ASP A OD2 1 
ATOM   874  N N   . LEU A 1 106 ? 4.689   -7.588  5.427   1.00 70.29  ? 104 LEU A N   1 
ATOM   875  C CA  . LEU A 1 106 ? 5.976   -6.904  5.391   1.00 69.24  ? 104 LEU A CA  1 
ATOM   876  C C   . LEU A 1 106 ? 7.014   -7.808  6.020   1.00 68.99  ? 104 LEU A C   1 
ATOM   877  O O   . LEU A 1 106 ? 7.249   -7.778  7.241   1.00 66.79  ? 104 LEU A O   1 
ATOM   878  C CB  . LEU A 1 106 ? 5.916   -5.562  6.102   1.00 66.16  ? 104 LEU A CB  1 
ATOM   879  C CG  . LEU A 1 106 ? 7.138   -4.759  5.648   1.00 72.36  ? 104 LEU A CG  1 
ATOM   880  C CD1 . LEU A 1 106 ? 6.733   -3.338  5.283   1.00 64.75  ? 104 LEU A CD1 1 
ATOM   881  C CD2 . LEU A 1 106 ? 8.253   -4.761  6.687   1.00 72.14  ? 104 LEU A CD2 1 
ATOM   882  N N   . PHE A 1 107 ? 7.660   -8.604  5.179   1.00 68.73  ? 105 PHE A N   1 
ATOM   883  C CA  . PHE A 1 107 ? 8.665   -9.531  5.670   1.00 68.05  ? 105 PHE A CA  1 
ATOM   884  C C   . PHE A 1 107 ? 10.069  -9.039  5.352   1.00 69.63  ? 105 PHE A C   1 
ATOM   885  O O   . PHE A 1 107 ? 10.275  -8.250  4.424   1.00 75.68  ? 105 PHE A O   1 
ATOM   886  C CB  . PHE A 1 107 ? 8.445   -10.928 5.096   1.00 70.39  ? 105 PHE A CB  1 
ATOM   887  C CG  . PHE A 1 107 ? 8.557   -11.019 3.596   1.00 66.87  ? 105 PHE A CG  1 
ATOM   888  C CD1 . PHE A 1 107 ? 9.787   -11.186 2.982   1.00 69.26  ? 105 PHE A CD1 1 
ATOM   889  C CD2 . PHE A 1 107 ? 7.422   -10.982 2.799   1.00 66.82  ? 105 PHE A CD2 1 
ATOM   890  C CE1 . PHE A 1 107 ? 9.874   -11.291 1.611   1.00 72.70  ? 105 PHE A CE1 1 
ATOM   891  C CE2 . PHE A 1 107 ? 7.509   -11.091 1.430   1.00 61.09  ? 105 PHE A CE2 1 
ATOM   892  C CZ  . PHE A 1 107 ? 8.728   -11.243 0.833   1.00 64.21  ? 105 PHE A CZ  1 
ATOM   893  N N   . LEU A 1 108 ? 11.033  -9.521  6.128   1.00 69.25  ? 106 LEU A N   1 
ATOM   894  C CA  . LEU A 1 108 ? 12.441  -9.173  5.967   1.00 71.67  ? 106 LEU A CA  1 
ATOM   895  C C   . LEU A 1 108 ? 13.253  -10.438 5.703   1.00 77.02  ? 106 LEU A C   1 
ATOM   896  O O   . LEU A 1 108 ? 12.917  -11.517 6.204   1.00 77.78  ? 106 LEU A O   1 
ATOM   897  C CB  . LEU A 1 108 ? 12.984  -8.449  7.232   1.00 69.75  ? 106 LEU A CB  1 
ATOM   898  C CG  . LEU A 1 108 ? 12.013  -7.509  7.975   1.00 65.18  ? 106 LEU A CG  1 
ATOM   899  C CD1 . LEU A 1 108 ? 12.493  -7.016  9.320   1.00 64.75  ? 106 LEU A CD1 1 
ATOM   900  C CD2 . LEU A 1 108 ? 11.730  -6.340  7.068   1.00 67.92  ? 106 LEU A CD2 1 
ATOM   901  N N   . HIS A 1 109 ? 14.336  -10.304 4.928   1.00 79.19  ? 107 HIS A N   1 
ATOM   902  C CA  . HIS A 1 109 ? 15.287  -11.397 4.727   1.00 82.34  ? 107 HIS A CA  1 
ATOM   903  C C   . HIS A 1 109 ? 16.480  -11.294 5.687   1.00 79.38  ? 107 HIS A C   1 
ATOM   904  O O   . HIS A 1 109 ? 16.810  -10.224 6.204   1.00 79.19  ? 107 HIS A O   1 
ATOM   905  C CB  . HIS A 1 109 ? 15.799  -11.417 3.288   1.00 84.15  ? 107 HIS A CB  1 
ATOM   906  C CG  . HIS A 1 109 ? 14.883  -12.094 2.323   1.00 84.19  ? 107 HIS A CG  1 
ATOM   907  N ND1 . HIS A 1 109 ? 13.688  -12.672 2.698   1.00 86.35  ? 107 HIS A ND1 1 
ATOM   908  C CD2 . HIS A 1 109 ? 14.995  -12.289 0.989   1.00 84.31  ? 107 HIS A CD2 1 
ATOM   909  C CE1 . HIS A 1 109 ? 13.098  -13.187 1.634   1.00 84.03  ? 107 HIS A CE1 1 
ATOM   910  N NE2 . HIS A 1 109 ? 13.872  -12.970 0.585   1.00 89.85  ? 107 HIS A NE2 1 
ATOM   911  N N   . LEU A 1 110 ? 17.143  -12.425 5.900   1.00 78.80  ? 108 LEU A N   1 
ATOM   912  C CA  . LEU A 1 110 ? 18.281  -12.458 6.808   1.00 81.86  ? 108 LEU A CA  1 
ATOM   913  C C   . LEU A 1 110 ? 19.570  -12.046 6.100   1.00 86.47  ? 108 LEU A C   1 
ATOM   914  O O   . LEU A 1 110 ? 19.666  -12.028 4.867   1.00 86.76  ? 108 LEU A O   1 
ATOM   915  C CB  . LEU A 1 110 ? 18.475  -13.850 7.400   1.00 82.92  ? 108 LEU A CB  1 
ATOM   916  C CG  . LEU A 1 110 ? 17.364  -14.524 8.197   1.00 80.87  ? 108 LEU A CG  1 
ATOM   917  C CD1 . LEU A 1 110 ? 17.464  -16.016 7.952   1.00 75.68  ? 108 LEU A CD1 1 
ATOM   918  C CD2 . LEU A 1 110 ? 17.475  -14.222 9.683   1.00 80.40  ? 108 LEU A CD2 1 
ATOM   919  N N   . GLU A 1 111 ? 20.579  -11.742 6.924   1.00 96.94  ? 109 GLU A N   1 
ATOM   920  C CA  . GLU A 1 111 ? 21.898  -11.344 6.441   1.00 95.12  ? 109 GLU A CA  1 
ATOM   921  C C   . GLU A 1 111 ? 22.499  -12.388 5.502   1.00 95.09  ? 109 GLU A C   1 
ATOM   922  O O   . GLU A 1 111 ? 22.326  -13.601 5.684   1.00 91.30  ? 109 GLU A O   1 
ATOM   923  C CB  . GLU A 1 111 ? 22.852  -11.132 7.610   1.00 88.23  ? 109 GLU A CB  1 
ATOM   924  C CG  . GLU A 1 111 ? 22.722  -9.820  8.332   1.00 93.87  ? 109 GLU A CG  1 
ATOM   925  C CD  . GLU A 1 111 ? 23.895  -9.560  9.249   1.00 104.51 ? 109 GLU A CD  1 
ATOM   926  O OE1 . GLU A 1 111 ? 24.557  -10.542 9.665   1.00 106.97 ? 109 GLU A OE1 1 
ATOM   927  O OE2 . GLU A 1 111 ? 24.166  -8.378  9.553   1.00 98.09  ? 109 GLU A OE2 1 
ATOM   928  N N   . GLY A 1 112 ? 23.243  -11.897 4.503   1.00 91.07  ? 110 GLY A N   1 
ATOM   929  C CA  . GLY A 1 112 ? 23.830  -12.749 3.483   1.00 95.95  ? 110 GLY A CA  1 
ATOM   930  C C   . GLY A 1 112 ? 22.873  -13.210 2.397   1.00 94.79  ? 110 GLY A C   1 
ATOM   931  O O   . GLY A 1 112 ? 23.315  -13.878 1.449   1.00 94.79  ? 110 GLY A O   1 
ATOM   932  N N   . HIS A 1 113 ? 21.594  -12.891 2.501   1.00 92.35  ? 111 HIS A N   1 
ATOM   933  C CA  . HIS A 1 113 ? 20.650  -13.169 1.437   1.00 91.43  ? 111 HIS A CA  1 
ATOM   934  C C   . HIS A 1 113 ? 20.278  -11.877 0.731   1.00 88.24  ? 111 HIS A C   1 
ATOM   935  O O   . HIS A 1 113 ? 20.348  -10.804 1.338   1.00 87.31  ? 111 HIS A O   1 
ATOM   936  C CB  . HIS A 1 113 ? 19.389  -13.828 1.986   1.00 92.22  ? 111 HIS A CB  1 
ATOM   937  C CG  . HIS A 1 113 ? 19.616  -15.213 2.485   1.00 95.49  ? 111 HIS A CG  1 
ATOM   938  N ND1 . HIS A 1 113 ? 19.073  -16.322 1.874   1.00 99.07  ? 111 HIS A ND1 1 
ATOM   939  C CD2 . HIS A 1 113 ? 20.335  -15.671 3.534   1.00 96.30  ? 111 HIS A CD2 1 
ATOM   940  C CE1 . HIS A 1 113 ? 19.448  -17.405 2.529   1.00 101.29 ? 111 HIS A CE1 1 
ATOM   941  N NE2 . HIS A 1 113 ? 20.214  -17.037 3.542   1.00 96.62  ? 111 HIS A NE2 1 
ATOM   942  N N   . PRO A 1 114 ? 19.901  -11.939 -0.545  1.00 86.07  ? 112 PRO A N   1 
ATOM   943  C CA  . PRO A 1 114 ? 19.560  -10.713 -1.284  1.00 84.62  ? 112 PRO A CA  1 
ATOM   944  C C   . PRO A 1 114 ? 18.586  -9.861  -0.493  1.00 83.14  ? 112 PRO A C   1 
ATOM   945  O O   . PRO A 1 114 ? 17.933  -10.348 0.442   1.00 87.16  ? 112 PRO A O   1 
ATOM   946  C CB  . PRO A 1 114 ? 18.916  -11.245 -2.576  1.00 86.88  ? 112 PRO A CB  1 
ATOM   947  C CG  . PRO A 1 114 ? 19.519  -12.619 -2.762  1.00 87.87  ? 112 PRO A CG  1 
ATOM   948  C CD  . PRO A 1 114 ? 19.797  -13.153 -1.380  1.00 89.35  ? 112 PRO A CD  1 
ATOM   949  N N   . PRO A 1 115 ? 18.494  -8.573  -0.793  1.00 78.50  ? 113 PRO A N   1 
ATOM   950  C CA  . PRO A 1 115 ? 17.428  -7.761  -0.199  1.00 81.52  ? 113 PRO A CA  1 
ATOM   951  C C   . PRO A 1 115 ? 16.073  -8.194  -0.752  1.00 85.93  ? 113 PRO A C   1 
ATOM   952  O O   . PRO A 1 115 ? 15.970  -9.017  -1.673  1.00 84.20  ? 113 PRO A O   1 
ATOM   953  C CB  . PRO A 1 115 ? 17.761  -6.319  -0.612  1.00 79.38  ? 113 PRO A CB  1 
ATOM   954  C CG  . PRO A 1 115 ? 19.098  -6.380  -1.327  1.00 79.56  ? 113 PRO A CG  1 
ATOM   955  C CD  . PRO A 1 115 ? 19.290  -7.815  -1.768  1.00 83.57  ? 113 PRO A CD  1 
ATOM   956  N N   . VAL A 1 116 ? 15.014  -7.606  -0.184  1.00 84.20  ? 114 VAL A N   1 
ATOM   957  C CA  . VAL A 1 116 ? 13.636  -7.965  -0.520  1.00 78.03  ? 114 VAL A CA  1 
ATOM   958  C C   . VAL A 1 116 ? 13.067  -6.948  -1.485  1.00 78.51  ? 114 VAL A C   1 
ATOM   959  O O   . VAL A 1 116 ? 13.049  -5.742  -1.193  1.00 82.00  ? 114 VAL A O   1 
ATOM   960  C CB  . VAL A 1 116 ? 12.745  -8.054  0.729   1.00 78.56  ? 114 VAL A CB  1 
ATOM   961  C CG1 . VAL A 1 116 ? 11.298  -8.369  0.313   1.00 71.17  ? 114 VAL A CG1 1 
ATOM   962  C CG2 . VAL A 1 116 ? 13.268  -9.115  1.681   1.00 80.86  ? 114 VAL A CG2 1 
ATOM   963  N N   . ASN A 1 117 ? 12.540  -7.435  -2.615  1.00 74.69  ? 115 ASN A N   1 
ATOM   964  C CA  . ASN A 1 117 ? 11.911  -6.567  -3.613  1.00 80.65  ? 115 ASN A CA  1 
ATOM   965  C C   . ASN A 1 117 ? 10.586  -7.229  -4.018  1.00 79.54  ? 115 ASN A C   1 
ATOM   966  O O   . ASN A 1 117 ? 10.510  -7.959  -5.007  1.00 82.20  ? 115 ASN A O   1 
ATOM   967  C CB  . ASN A 1 117 ? 12.851  -6.325  -4.807  1.00 75.52  ? 115 ASN A CB  1 
ATOM   968  C CG  . ASN A 1 117 ? 12.332  -5.261  -5.752  1.00 83.33  ? 115 ASN A CG  1 
ATOM   969  O OD1 . ASN A 1 117 ? 11.133  -5.231  -6.035  1.00 81.44  ? 115 ASN A OD1 1 
ATOM   970  N ND2 . ASN A 1 117 ? 13.219  -4.399  -6.260  1.00 86.92  ? 115 ASN A ND2 1 
ATOM   971  N N   . HIS A 1 118 ? 9.536   -6.964  -3.249  1.00 73.38  ? 116 HIS A N   1 
ATOM   972  C CA  . HIS A 1 118 ? 8.267   -7.645  -3.438  1.00 70.52  ? 116 HIS A CA  1 
ATOM   973  C C   . HIS A 1 118 ? 7.208   -6.711  -4.018  1.00 75.46  ? 116 HIS A C   1 
ATOM   974  O O   . HIS A 1 118 ? 7.035   -5.571  -3.560  1.00 73.02  ? 116 HIS A O   1 
ATOM   975  C CB  . HIS A 1 118 ? 7.739   -8.244  -2.135  1.00 69.05  ? 116 HIS A CB  1 
ATOM   976  C CG  . HIS A 1 118 ? 6.639   -9.234  -2.355  1.00 73.94  ? 116 HIS A CG  1 
ATOM   977  N ND1 . HIS A 1 118 ? 5.335   -9.014  -1.959  1.00 71.07  ? 116 HIS A ND1 1 
ATOM   978  C CD2 . HIS A 1 118 ? 6.640   -10.430 -2.987  1.00 67.83  ? 116 HIS A CD2 1 
ATOM   979  C CE1 . HIS A 1 118 ? 4.593   -10.051 -2.302  1.00 68.01  ? 116 HIS A CE1 1 
ATOM   980  N NE2 . HIS A 1 118 ? 5.361   -10.924 -2.928  1.00 68.02  ? 116 HIS A NE2 1 
ATOM   981  N N   . LEU A 1 119 ? 6.487   -7.220  -5.014  1.00 71.92  ? 117 LEU A N   1 
ATOM   982  C CA  . LEU A 1 119 ? 5.497   -6.458  -5.755  1.00 70.57  ? 117 LEU A CA  1 
ATOM   983  C C   . LEU A 1 119 ? 4.227   -7.292  -5.793  1.00 72.29  ? 117 LEU A C   1 
ATOM   984  O O   . LEU A 1 119 ? 4.274   -8.468  -6.160  1.00 73.48  ? 117 LEU A O   1 
ATOM   985  C CB  . LEU A 1 119 ? 5.998   -6.150  -7.160  1.00 64.41  ? 117 LEU A CB  1 
ATOM   986  C CG  . LEU A 1 119 ? 5.063   -5.300  -8.006  1.00 69.58  ? 117 LEU A CG  1 
ATOM   987  C CD1 . LEU A 1 119 ? 4.906   -3.883  -7.422  1.00 68.46  ? 117 LEU A CD1 1 
ATOM   988  C CD2 . LEU A 1 119 ? 5.574   -5.266  -9.437  1.00 72.64  ? 117 LEU A CD2 1 
ATOM   989  N N   . ARG A 1 120 ? 3.106   -6.703  -5.393  1.00 68.96  ? 118 ARG A N   1 
ATOM   990  C CA  . ARG A 1 120 ? 1.841   -7.410  -5.267  1.00 69.20  ? 118 ARG A CA  1 
ATOM   991  C C   . ARG A 1 120 ? 0.785   -6.636  -6.037  1.00 71.97  ? 118 ARG A C   1 
ATOM   992  O O   . ARG A 1 120 ? 0.676   -5.413  -5.899  1.00 71.69  ? 118 ARG A O   1 
ATOM   993  C CB  . ARG A 1 120 ? 1.443   -7.564  -3.793  1.00 68.50  ? 118 ARG A CB  1 
ATOM   994  C CG  . ARG A 1 120 ? -0.008  -7.880  -3.523  1.00 63.87  ? 118 ARG A CG  1 
ATOM   995  C CD  . ARG A 1 120 ? -0.236  -8.147  -2.038  1.00 64.70  ? 118 ARG A CD  1 
ATOM   996  N NE  . ARG A 1 120 ? -1.661  -8.195  -1.719  1.00 72.02  ? 118 ARG A NE  1 
ATOM   997  C CZ  . ARG A 1 120 ? -2.174  -8.343  -0.498  1.00 69.49  ? 118 ARG A CZ  1 
ATOM   998  N NH1 . ARG A 1 120 ? -1.388  -8.444  0.563   1.00 65.91  ? 118 ARG A NH1 1 
ATOM   999  N NH2 . ARG A 1 120 ? -3.491  -8.355  -0.334  1.00 68.61  ? 118 ARG A NH2 1 
ATOM   1000 N N   . CYS A 1 121 ? 0.021   -7.329  -6.863  1.00 70.27  ? 119 CYS A N   1 
ATOM   1001 C CA  . CYS A 1 121 ? -0.964  -6.666  -7.688  1.00 70.76  ? 119 CYS A CA  1 
ATOM   1002 C C   . CYS A 1 121 ? -2.338  -6.985  -7.138  1.00 73.44  ? 119 CYS A C   1 
ATOM   1003 O O   . CYS A 1 121 ? -2.665  -8.154  -6.911  1.00 74.79  ? 119 CYS A O   1 
ATOM   1004 C CB  . CYS A 1 121 ? -0.849  -7.097  -9.148  1.00 71.99  ? 119 CYS A CB  1 
ATOM   1005 S SG  . CYS A 1 121 ? -2.015  -6.242  -10.204 1.00 84.35  ? 119 CYS A SG  1 
ATOM   1006 N N   . GLU A 1 122 ? -3.123  -5.949  -6.884  1.00 68.32  ? 120 GLU A N   1 
ATOM   1007 C CA  . GLU A 1 122 ? -4.497  -6.102  -6.448  1.00 68.18  ? 120 GLU A CA  1 
ATOM   1008 C C   . GLU A 1 122 ? -5.393  -5.440  -7.483  1.00 72.34  ? 120 GLU A C   1 
ATOM   1009 O O   . GLU A 1 122 ? -5.051  -4.391  -8.029  1.00 71.02  ? 120 GLU A O   1 
ATOM   1010 C CB  . GLU A 1 122 ? -4.707  -5.478  -5.064  1.00 67.24  ? 120 GLU A CB  1 
ATOM   1011 C CG  . GLU A 1 122 ? -4.247  -6.340  -3.911  1.00 69.13  ? 120 GLU A CG  1 
ATOM   1012 C CD  . GLU A 1 122 ? -5.227  -7.453  -3.542  1.00 70.82  ? 120 GLU A CD  1 
ATOM   1013 O OE1 . GLU A 1 122 ? -6.226  -7.669  -4.267  1.00 72.21  ? 120 GLU A OE1 1 
ATOM   1014 O OE2 . GLU A 1 122 ? -4.981  -8.105  -2.509  1.00 75.24  ? 120 GLU A OE2 1 
ATOM   1015 N N   . LYS A 1 123 ? -6.535  -6.050  -7.766  1.00 72.07  ? 121 LYS A N   1 
ATOM   1016 C CA  . LYS A 1 123 ? -7.409  -5.552  -8.812  1.00 71.36  ? 121 LYS A CA  1 
ATOM   1017 C C   . LYS A 1 123 ? -8.812  -5.378  -8.249  1.00 73.63  ? 121 LYS A C   1 
ATOM   1018 O O   . LYS A 1 123 ? -9.346  -6.278  -7.599  1.00 73.20  ? 121 LYS A O   1 
ATOM   1019 C CB  . LYS A 1 123 ? -7.377  -6.486  -10.008 1.00 71.27  ? 121 LYS A CB  1 
ATOM   1020 C CG  . LYS A 1 123 ? -8.017  -5.916  -11.240 1.00 75.50  ? 121 LYS A CG  1 
ATOM   1021 C CD  . LYS A 1 123 ? -8.149  -6.982  -12.326 1.00 80.98  ? 121 LYS A CD  1 
ATOM   1022 C CE  . LYS A 1 123 ? -9.107  -8.115  -11.924 1.00 77.62  ? 121 LYS A CE  1 
ATOM   1023 N NZ  . LYS A 1 123 ? -10.494 -7.608  -11.673 1.00 77.88  ? 121 LYS A NZ  1 
ATOM   1024 N N   . LEU A 1 124 ? -9.388  -4.201  -8.467  1.00 76.05  ? 122 LEU A N   1 
ATOM   1025 C CA  . LEU A 1 124 ? -10.704 -3.857  -7.948  1.00 77.77  ? 122 LEU A CA  1 
ATOM   1026 C C   . LEU A 1 124 ? -11.646 -3.481  -9.077  1.00 76.48  ? 122 LEU A C   1 
ATOM   1027 O O   . LEU A 1 124 ? -11.226 -2.935  -10.103 1.00 76.81  ? 122 LEU A O   1 
ATOM   1028 C CB  . LEU A 1 124 ? -10.623 -2.700  -6.969  1.00 80.25  ? 122 LEU A CB  1 
ATOM   1029 C CG  . LEU A 1 124 ? -10.217 -3.165  -5.574  1.00 77.82  ? 122 LEU A CG  1 
ATOM   1030 C CD1 . LEU A 1 124 ? -9.705  -1.980  -4.785  1.00 78.56  ? 122 LEU A CD1 1 
ATOM   1031 C CD2 . LEU A 1 124 ? -11.382 -3.844  -4.861  1.00 79.29  ? 122 LEU A CD2 1 
ATOM   1032 N N   . THR A 1 125 ? -12.924 -3.781  -8.872  1.00 76.03  ? 123 THR A N   1 
ATOM   1033 C CA  . THR A 1 125 ? -13.963 -3.478  -9.846  1.00 80.21  ? 123 THR A CA  1 
ATOM   1034 C C   . THR A 1 125 ? -14.996 -2.550  -9.227  1.00 79.54  ? 123 THR A C   1 
ATOM   1035 O O   . THR A 1 125 ? -15.580 -2.878  -8.187  1.00 77.38  ? 123 THR A O   1 
ATOM   1036 C CB  . THR A 1 125 ? -14.638 -4.758  -10.334 1.00 83.40  ? 123 THR A CB  1 
ATOM   1037 O OG1 . THR A 1 125 ? -13.645 -5.768  -10.583 1.00 76.19  ? 123 THR A OG1 1 
ATOM   1038 C CG2 . THR A 1 125 ? -15.457 -4.480  -11.603 1.00 80.16  ? 123 THR A CG2 1 
ATOM   1039 N N   . PHE A 1 126 ? -15.221 -1.403  -9.873  1.00 81.91  ? 124 PHE A N   1 
ATOM   1040 C CA  . PHE A 1 126 ? -16.339 -0.508  -9.577  1.00 81.34  ? 124 PHE A CA  1 
ATOM   1041 C C   . PHE A 1 126 ? -17.401 -0.657  -10.667 1.00 85.52  ? 124 PHE A C   1 
ATOM   1042 O O   . PHE A 1 126 ? -17.202 -0.196  -11.806 1.00 78.60  ? 124 PHE A O   1 
ATOM   1043 C CB  . PHE A 1 126 ? -15.873 0.938   -9.468  1.00 81.35  ? 124 PHE A CB  1 
ATOM   1044 C CG  . PHE A 1 126 ? -14.963 1.186   -8.316  1.00 82.21  ? 124 PHE A CG  1 
ATOM   1045 C CD1 . PHE A 1 126 ? -15.462 1.251   -7.031  1.00 82.15  ? 124 PHE A CD1 1 
ATOM   1046 C CD2 . PHE A 1 126 ? -13.596 1.356   -8.516  1.00 80.43  ? 124 PHE A CD2 1 
ATOM   1047 C CE1 . PHE A 1 126 ? -14.602 1.474   -5.962  1.00 82.09  ? 124 PHE A CE1 1 
ATOM   1048 C CE2 . PHE A 1 126 ? -12.750 1.583   -7.458  1.00 72.49  ? 124 PHE A CE2 1 
ATOM   1049 C CZ  . PHE A 1 126 ? -13.247 1.642   -6.179  1.00 72.00  ? 124 PHE A CZ  1 
ATOM   1050 N N   . ASN A 1 127 ? -18.527 -1.290  -10.288 1.00 86.55  ? 125 ASN A N   1 
ATOM   1051 C CA  . ASN A 1 127 ? -19.694 -1.537  -11.141 1.00 81.64  ? 125 ASN A CA  1 
ATOM   1052 C C   . ASN A 1 127 ? -20.601 -0.306  -11.183 1.00 84.80  ? 125 ASN A C   1 
ATOM   1053 O O   . ASN A 1 127 ? -21.247 0.033   -10.184 1.00 78.54  ? 125 ASN A O   1 
ATOM   1054 C CB  . ASN A 1 127 ? -20.477 -2.743  -10.615 1.00 85.50  ? 125 ASN A CB  1 
ATOM   1055 C CG  . ASN A 1 127 ? -21.638 -3.160  -11.538 1.00 87.94  ? 125 ASN A CG  1 
ATOM   1056 O OD1 . ASN A 1 127 ? -21.705 -2.758  -12.701 1.00 87.74  ? 125 ASN A OD1 1 
ATOM   1057 N ND2 . ASN A 1 127 ? -22.552 -3.979  -11.009 1.00 84.41  ? 125 ASN A ND2 1 
ATOM   1058 N N   . ASN A 1 128 ? -20.686 0.327   -12.352 1.00 85.24  ? 126 ASN A N   1 
ATOM   1059 C CA  . ASN A 1 128 ? -21.555 1.474   -12.585 1.00 85.35  ? 126 ASN A CA  1 
ATOM   1060 C C   . ASN A 1 128 ? -21.345 2.584   -11.544 1.00 88.10  ? 126 ASN A C   1 
ATOM   1061 O O   . ASN A 1 128 ? -22.272 2.941   -10.816 1.00 88.34  ? 126 ASN A O   1 
ATOM   1062 C CB  . ASN A 1 128 ? -23.016 1.051   -12.641 1.00 84.36  ? 126 ASN A CB  1 
ATOM   1063 C CG  . ASN A 1 128 ? -23.671 1.449   -13.962 1.00 90.03  ? 126 ASN A CG  1 
ATOM   1064 O OD1 . ASN A 1 128 ? -23.976 0.598   -14.807 1.00 86.91  ? 126 ASN A OD1 1 
ATOM   1065 N ND2 . ASN A 1 128 ? -23.867 2.758   -14.155 1.00 86.36  ? 126 ASN A ND2 1 
ATOM   1066 N N   . PRO A 1 129 ? -20.147 3.145   -11.475 1.00 83.75  ? 127 PRO A N   1 
ATOM   1067 C CA  . PRO A 1 129 ? -19.910 4.201   -10.491 1.00 85.92  ? 127 PRO A CA  1 
ATOM   1068 C C   . PRO A 1 129 ? -20.741 5.404   -10.857 1.00 90.93  ? 127 PRO A C   1 
ATOM   1069 O O   . PRO A 1 129 ? -21.242 5.511   -11.975 1.00 91.90  ? 127 PRO A O   1 
ATOM   1070 C CB  . PRO A 1 129 ? -18.415 4.498   -10.637 1.00 90.10  ? 127 PRO A CB  1 
ATOM   1071 C CG  . PRO A 1 129 ? -18.089 4.142   -12.063 1.00 85.70  ? 127 PRO A CG  1 
ATOM   1072 C CD  . PRO A 1 129 ? -19.012 2.989   -12.405 1.00 86.16  ? 127 PRO A CD  1 
ATOM   1073 N N   . THR A 1 130 ? -20.841 6.344   -9.918  1.00 98.62  ? 128 THR A N   1 
ATOM   1074 C CA  . THR A 1 130 ? -21.376 7.645   -10.270 1.00 94.51  ? 128 THR A CA  1 
ATOM   1075 C C   . THR A 1 130 ? -20.537 8.225   -11.397 1.00 95.30  ? 128 THR A C   1 
ATOM   1076 O O   . THR A 1 130 ? -19.379 7.835   -11.609 1.00 93.01  ? 128 THR A O   1 
ATOM   1077 C CB  . THR A 1 130 ? -21.369 8.601   -9.079  1.00 91.23  ? 128 THR A CB  1 
ATOM   1078 O OG1 . THR A 1 130 ? -20.017 8.823   -8.646  1.00 96.92  ? 128 THR A OG1 1 
ATOM   1079 C CG2 . THR A 1 130 ? -22.220 8.050   -7.929  1.00 86.83  ? 128 THR A CG2 1 
ATOM   1080 N N   . GLU A 1 131 ? -21.144 9.154   -12.144 1.00 100.39 ? 129 GLU A N   1 
ATOM   1081 C CA  . GLU A 1 131 ? -20.457 9.791   -13.267 1.00 99.34  ? 129 GLU A CA  1 
ATOM   1082 C C   . GLU A 1 131 ? -19.201 10.536  -12.812 1.00 101.02 ? 129 GLU A C   1 
ATOM   1083 O O   . GLU A 1 131 ? -18.163 10.502  -13.492 1.00 99.66  ? 129 GLU A O   1 
ATOM   1084 C CB  . GLU A 1 131 ? -21.415 10.747  -13.980 1.00 103.10 ? 129 GLU A CB  1 
ATOM   1085 C CG  . GLU A 1 131 ? -20.861 11.335  -15.267 1.00 111.24 ? 129 GLU A CG  1 
ATOM   1086 C CD  . GLU A 1 131 ? -21.774 12.390  -15.898 1.00 113.90 ? 129 GLU A CD  1 
ATOM   1087 O OE1 . GLU A 1 131 ? -22.644 12.938  -15.186 1.00 109.66 ? 129 GLU A OE1 1 
ATOM   1088 O OE2 . GLU A 1 131 ? -21.606 12.676  -17.104 1.00 111.75 ? 129 GLU A OE2 1 
ATOM   1089 N N   . ASP A 1 132 ? -19.260 11.179  -11.638 1.00 101.27 ? 130 ASP A N   1 
ATOM   1090 C CA  . ASP A 1 132 ? -18.109 11.945  -11.163 1.00 100.65 ? 130 ASP A CA  1 
ATOM   1091 C C   . ASP A 1 132 ? -16.961 11.026  -10.797 1.00 100.31 ? 130 ASP A C   1 
ATOM   1092 O O   . ASP A 1 132 ? -15.800 11.299  -11.135 1.00 98.09  ? 130 ASP A O   1 
ATOM   1093 C CB  . ASP A 1 132 ? -18.491 12.811  -9.963  1.00 99.36  ? 130 ASP A CB  1 
ATOM   1094 C CG  . ASP A 1 132 ? -19.819 13.497  -10.156 1.00 113.64 ? 130 ASP A CG  1 
ATOM   1095 O OD1 . ASP A 1 132 ? -19.918 14.368  -11.057 1.00 108.44 ? 130 ASP A OD1 1 
ATOM   1096 O OD2 . ASP A 1 132 ? -20.772 13.144  -9.427  1.00 119.74 ? 130 ASP A OD2 1 
ATOM   1097 N N   . PHE A 1 133 ? -17.268 9.921   -10.124 1.00 97.47  ? 131 PHE A N   1 
ATOM   1098 C CA  . PHE A 1 133 ? -16.216 8.983   -9.779  1.00 92.16  ? 131 PHE A CA  1 
ATOM   1099 C C   . PHE A 1 133 ? -15.728 8.211   -10.995 1.00 92.02  ? 131 PHE A C   1 
ATOM   1100 O O   . PHE A 1 133 ? -14.581 7.756   -11.013 1.00 94.13  ? 131 PHE A O   1 
ATOM   1101 C CB  . PHE A 1 133 ? -16.687 8.018   -8.699  1.00 91.71  ? 131 PHE A CB  1 
ATOM   1102 C CG  . PHE A 1 133 ? -15.585 7.178   -8.160  1.00 91.92  ? 131 PHE A CG  1 
ATOM   1103 C CD1 . PHE A 1 133 ? -14.366 7.768   -7.822  1.00 90.91  ? 131 PHE A CD1 1 
ATOM   1104 C CD2 . PHE A 1 133 ? -15.744 5.812   -8.002  1.00 87.57  ? 131 PHE A CD2 1 
ATOM   1105 C CE1 . PHE A 1 133 ? -13.322 7.008   -7.323  1.00 87.60  ? 131 PHE A CE1 1 
ATOM   1106 C CE2 . PHE A 1 133 ? -14.709 5.032   -7.503  1.00 84.58  ? 131 PHE A CE2 1 
ATOM   1107 C CZ  . PHE A 1 133 ? -13.495 5.630   -7.166  1.00 88.63  ? 131 PHE A CZ  1 
ATOM   1108 N N   . ARG A 1 134 ? -16.573 8.043   -12.014 1.00 94.21  ? 132 ARG A N   1 
ATOM   1109 C CA  . ARG A 1 134 ? -16.090 7.427   -13.246 1.00 93.62  ? 132 ARG A CA  1 
ATOM   1110 C C   . ARG A 1 134 ? -15.094 8.345   -13.941 1.00 91.63  ? 132 ARG A C   1 
ATOM   1111 O O   . ARG A 1 134 ? -14.097 7.882   -14.522 1.00 90.50  ? 132 ARG A O   1 
ATOM   1112 C CB  . ARG A 1 134 ? -17.263 7.090   -14.173 1.00 90.51  ? 132 ARG A CB  1 
ATOM   1113 C CG  . ARG A 1 134 ? -16.919 6.066   -15.253 1.00 90.66  ? 132 ARG A CG  1 
ATOM   1114 C CD  . ARG A 1 134 ? -17.952 6.029   -16.370 1.00 92.76  ? 132 ARG A CD  1 
ATOM   1115 N NE  . ARG A 1 134 ? -17.928 7.279   -17.128 1.00 97.80  ? 132 ARG A NE  1 
ATOM   1116 C CZ  . ARG A 1 134 ? -18.982 8.063   -17.326 1.00 92.90  ? 132 ARG A CZ  1 
ATOM   1117 N NH1 . ARG A 1 134 ? -20.175 7.696   -16.855 1.00 82.60  ? 132 ARG A NH1 1 
ATOM   1118 N NH2 . ARG A 1 134 ? -18.838 9.187   -18.036 1.00 91.95  ? 132 ARG A NH2 1 
ATOM   1119 N N   . ARG A 1 135 ? -15.347 9.658   -13.871 1.00 94.87  ? 133 ARG A N   1 
ATOM   1120 C CA  . ARG A 1 135 ? -14.425 10.625  -14.446 1.00 96.89  ? 133 ARG A CA  1 
ATOM   1121 C C   . ARG A 1 135 ? -13.117 10.645  -13.674 1.00 94.60  ? 133 ARG A C   1 
ATOM   1122 O O   . ARG A 1 135 ? -12.030 10.609  -14.269 1.00 93.45  ? 133 ARG A O   1 
ATOM   1123 C CB  . ARG A 1 135 ? -15.071 12.018  -14.482 1.00 101.58 ? 133 ARG A CB  1 
ATOM   1124 C CG  . ARG A 1 135 ? -16.320 12.069  -15.361 1.00 106.00 ? 133 ARG A CG  1 
ATOM   1125 C CD  . ARG A 1 135 ? -16.863 13.469  -15.553 1.00 114.57 ? 133 ARG A CD  1 
ATOM   1126 N NE  . ARG A 1 135 ? -17.989 13.447  -16.482 1.00 115.50 ? 133 ARG A NE  1 
ATOM   1127 C CZ  . ARG A 1 135 ? -18.776 14.489  -16.735 1.00 120.74 ? 133 ARG A CZ  1 
ATOM   1128 N NH1 . ARG A 1 135 ? -18.564 15.650  -16.130 1.00 119.33 ? 133 ARG A NH1 1 
ATOM   1129 N NH2 . ARG A 1 135 ? -19.786 14.373  -17.593 1.00 120.26 ? 133 ARG A NH2 1 
ATOM   1130 N N   . LYS A 1 136 ? -13.198 10.693  -12.341 1.00 93.82  ? 134 LYS A N   1 
ATOM   1131 C CA  . LYS A 1 136 ? -11.984 10.562  -11.544 1.00 93.43  ? 134 LYS A CA  1 
ATOM   1132 C C   . LYS A 1 136 ? -11.233 9.278   -11.891 1.00 87.47  ? 134 LYS A C   1 
ATOM   1133 O O   . LYS A 1 136 ? -10.003 9.283   -11.973 1.00 91.25  ? 134 LYS A O   1 
ATOM   1134 C CB  . LYS A 1 136 ? -12.313 10.631  -10.045 1.00 92.37  ? 134 LYS A CB  1 
ATOM   1135 C CG  . LYS A 1 136 ? -13.337 11.714  -9.663  1.00 87.41  ? 134 LYS A CG  1 
ATOM   1136 C CD  . LYS A 1 136 ? -13.058 12.399  -8.336  1.00 83.92  ? 134 LYS A CD  1 
ATOM   1137 C CE  . LYS A 1 136 ? -12.359 13.752  -8.567  1.00 91.58  ? 134 LYS A CE  1 
ATOM   1138 N NZ  . LYS A 1 136 ? -12.249 14.646  -7.380  1.00 84.80  ? 134 LYS A NZ  1 
ATOM   1139 N N   . LEU A 1 137 ? -11.941 8.176   -12.151 1.00 80.17  ? 135 LEU A N   1 
ATOM   1140 C CA  . LEU A 1 137 ? -11.231 6.905   -12.354 1.00 87.84  ? 135 LEU A CA  1 
ATOM   1141 C C   . LEU A 1 137 ? -10.505 6.855   -13.695 1.00 87.41  ? 135 LEU A C   1 
ATOM   1142 O O   . LEU A 1 137 ? -9.407  6.294   -13.786 1.00 89.54  ? 135 LEU A O   1 
ATOM   1143 C CB  . LEU A 1 137 ? -12.183 5.714   -12.232 1.00 81.62  ? 135 LEU A CB  1 
ATOM   1144 C CG  . LEU A 1 137 ? -12.665 5.333   -10.835 1.00 82.28  ? 135 LEU A CG  1 
ATOM   1145 C CD1 . LEU A 1 137 ? -13.775 4.312   -10.928 1.00 85.78  ? 135 LEU A CD1 1 
ATOM   1146 C CD2 . LEU A 1 137 ? -11.526 4.789   -10.020 1.00 73.19  ? 135 LEU A CD2 1 
ATOM   1147 N N   . LEU A 1 138 ? -11.097 7.403   -14.752 1.00 86.11  ? 136 LEU A N   1 
ATOM   1148 C CA  . LEU A 1 138 ? -10.486 7.273   -16.069 1.00 86.43  ? 136 LEU A CA  1 
ATOM   1149 C C   . LEU A 1 138 ? -9.760  8.533   -16.530 1.00 93.30  ? 136 LEU A C   1 
ATOM   1150 O O   . LEU A 1 138 ? -9.326  8.583   -17.687 1.00 93.20  ? 136 LEU A O   1 
ATOM   1151 C CB  . LEU A 1 138 ? -11.542 6.874   -17.097 1.00 91.47  ? 136 LEU A CB  1 
ATOM   1152 C CG  . LEU A 1 138 ? -12.298 5.564   -16.859 1.00 88.48  ? 136 LEU A CG  1 
ATOM   1153 C CD1 . LEU A 1 138 ? -13.520 5.496   -17.760 1.00 92.90  ? 136 LEU A CD1 1 
ATOM   1154 C CD2 . LEU A 1 138 ? -11.391 4.379   -17.126 1.00 88.01  ? 136 LEU A CD2 1 
ATOM   1155 N N   . LYS A 1 139 ? -9.612  9.539   -15.651 1.00 95.13  ? 137 LYS A N   1 
ATOM   1156 C CA  . LYS A 1 139 ? -8.847  10.752  -15.957 1.00 98.11  ? 137 LYS A CA  1 
ATOM   1157 C C   . LYS A 1 139 ? -7.492  10.423  -16.578 1.00 98.51  ? 137 LYS A C   1 
ATOM   1158 O O   . LYS A 1 139 ? -6.769  9.539   -16.107 1.00 94.97  ? 137 LYS A O   1 
ATOM   1159 C CB  . LYS A 1 139 ? -8.615  11.600  -14.690 1.00 98.44  ? 137 LYS A CB  1 
ATOM   1160 C CG  . LYS A 1 139 ? -9.687  12.659  -14.345 1.00 97.29  ? 137 LYS A CG  1 
ATOM   1161 C CD  . LYS A 1 139 ? -9.324  13.440  -13.059 1.00 96.88  ? 137 LYS A CD  1 
ATOM   1162 C CE  . LYS A 1 139 ? -10.510 14.234  -12.474 1.00 96.40  ? 137 LYS A CE  1 
ATOM   1163 N NZ  . LYS A 1 139 ? -10.278 14.634  -11.046 1.00 102.23 ? 137 LYS A NZ  1 
ATOM   1164 N N   . ALA A 1 140 ? -7.142  11.179  -17.619 1.00 100.03 ? 138 ALA A N   1 
ATOM   1165 C CA  . ALA A 1 140 ? -5.880  11.016  -18.335 1.00 101.11 ? 138 ALA A CA  1 
ATOM   1166 C C   . ALA A 1 140 ? -4.695  11.316  -17.430 1.00 102.60 ? 138 ALA A C   1 
ATOM   1167 O O   . ALA A 1 140 ? -3.615  11.667  -17.904 1.00 105.09 ? 138 ALA A O   1 
ATOM   1168 C CB  . ALA A 1 140 ? -5.849  11.922  -19.570 1.00 106.36 ? 138 ALA A CB  1 
ATOM   1169 N N   . THR B 2 1   ? 11.951  -19.783 6.132   1.00 107.88 ? 3   THR B N   1 
ATOM   1170 C CA  . THR B 2 1   ? 13.367  -20.158 6.234   1.00 104.68 ? 3   THR B CA  1 
ATOM   1171 C C   . THR B 2 1   ? 14.246  -19.001 5.729   1.00 92.68  ? 3   THR B C   1 
ATOM   1172 O O   . THR B 2 1   ? 15.255  -18.681 6.335   1.00 90.12  ? 3   THR B O   1 
ATOM   1173 C CB  . THR B 2 1   ? 13.675  -21.483 5.448   1.00 110.15 ? 3   THR B CB  1 
ATOM   1174 O OG1 . THR B 2 1   ? 12.918  -22.579 5.997   1.00 113.19 ? 3   THR B OG1 1 
ATOM   1175 C CG2 . THR B 2 1   ? 15.172  -21.839 5.493   1.00 103.65 ? 3   THR B CG2 1 
ATOM   1176 N N   . LYS B 2 2   ? 13.850  -18.357 4.631   1.00 97.50  ? 4   LYS B N   1 
ATOM   1177 C CA  . LYS B 2 2   ? 14.610  -17.226 4.121   1.00 90.54  ? 4   LYS B CA  1 
ATOM   1178 C C   . LYS B 2 2   ? 14.277  -15.937 4.870   1.00 90.68  ? 4   LYS B C   1 
ATOM   1179 O O   . LYS B 2 2   ? 14.895  -14.894 4.614   1.00 87.15  ? 4   LYS B O   1 
ATOM   1180 C CB  . LYS B 2 2   ? 14.363  -17.075 2.605   1.00 94.11  ? 4   LYS B CB  1 
ATOM   1181 C CG  . LYS B 2 2   ? 15.441  -16.264 1.847   1.00 101.06 ? 4   LYS B CG  1 
ATOM   1182 C CD  . LYS B 2 2   ? 15.359  -16.361 0.302   1.00 100.56 ? 4   LYS B CD  1 
ATOM   1183 C CE  . LYS B 2 2   ? 16.489  -15.507 -0.361  1.00 107.45 ? 4   LYS B CE  1 
ATOM   1184 N NZ  . LYS B 2 2   ? 16.622  -15.649 -1.854  1.00 105.23 ? 4   LYS B NZ  1 
ATOM   1185 N N   . GLN B 2 3   ? 13.355  -15.978 5.805   1.00 90.05  ? 5   GLN B N   1 
ATOM   1186 C CA  . GLN B 2 3   ? 12.779  -14.804 6.389   1.00 81.47  ? 5   GLN B CA  1 
ATOM   1187 C C   . GLN B 2 3   ? 13.270  -14.650 7.806   1.00 77.53  ? 5   GLN B C   1 
ATOM   1188 O O   . GLN B 2 3   ? 13.761  -15.595 8.334   1.00 82.03  ? 5   GLN B O   1 
ATOM   1189 C CB  . GLN B 2 3   ? 11.287  -15.028 6.352   1.00 77.58  ? 5   GLN B CB  1 
ATOM   1190 C CG  . GLN B 2 3   ? 10.383  -13.888 6.665   1.00 74.56  ? 5   GLN B CG  1 
ATOM   1191 C CD  . GLN B 2 3   ? 8.967   -14.159 6.260   1.00 77.16  ? 5   GLN B CD  1 
ATOM   1192 O OE1 . GLN B 2 3   ? 8.043   -13.694 6.847   1.00 79.05  ? 5   GLN B OE1 1 
ATOM   1193 N NE2 . GLN B 2 3   ? 8.812   -14.893 5.216   1.00 80.97  ? 5   GLN B NE2 1 
ATOM   1194 N N   . THR B 2 4   ? 13.135  -13.459 8.394   1.00 75.32  ? 6   THR B N   1 
ATOM   1195 C CA  . THR B 2 4   ? 13.519  -13.184 9.778   1.00 75.21  ? 6   THR B CA  1 
ATOM   1196 C C   . THR B 2 4   ? 12.483  -13.737 10.743  1.00 71.96  ? 6   THR B C   1 
ATOM   1197 O O   . THR B 2 4   ? 11.478  -14.342 10.360  1.00 72.72  ? 6   THR B O   1 
ATOM   1198 C CB  . THR B 2 4   ? 13.624  -11.684 10.038  1.00 76.34  ? 6   THR B CB  1 
ATOM   1199 O OG1 . THR B 2 4   ? 12.379  -11.069 9.663   1.00 75.16  ? 6   THR B OG1 1 
ATOM   1200 C CG2 . THR B 2 4   ? 14.789  -11.045 9.271   1.00 75.58  ? 6   THR B CG2 1 
ATOM   1201 N N   . ALA B 2 5   ? 12.690  -13.442 12.018  1.00 66.45  ? 7   ALA B N   1 
ATOM   1202 C CA  . ALA B 2 5   ? 11.589  -13.579 12.953  1.00 65.92  ? 7   ALA B CA  1 
ATOM   1203 C C   . ALA B 2 5   ? 10.542  -12.487 12.707  1.00 73.31  ? 7   ALA B C   1 
ATOM   1204 O O   . ALA B 2 5   ? 10.795  -11.461 12.059  1.00 74.92  ? 7   ALA B O   1 
ATOM   1205 C CB  . ALA B 2 5   ? 12.088  -13.505 14.389  1.00 64.17  ? 7   ALA B CB  1 
ATOM   1206 N N   . ARG B 2 6   ? 9.350   -12.711 13.255  1.00 71.61  ? 8   ARG B N   1 
ATOM   1207 C CA  . ARG B 2 6   ? 8.264   -11.742 13.148  1.00 70.42  ? 8   ARG B CA  1 
ATOM   1208 C C   . ARG B 2 6   ? 7.871   -11.141 14.483  1.00 69.95  ? 8   ARG B C   1 
ATOM   1209 O O   . ARG B 2 6   ? 8.328   -11.592 15.526  1.00 75.88  ? 8   ARG B O   1 
ATOM   1210 C CB  . ARG B 2 6   ? 7.074   -12.427 12.510  1.00 71.23  ? 8   ARG B CB  1 
ATOM   1211 C CG  . ARG B 2 6   ? 7.561   -13.317 11.441  1.00 69.52  ? 8   ARG B CG  1 
ATOM   1212 C CD  . ARG B 2 6   ? 6.520   -13.596 10.469  1.00 75.86  ? 8   ARG B CD  1 
ATOM   1213 N NE  . ARG B 2 6   ? 6.493   -12.635 9.383   1.00 71.58  ? 8   ARG B NE  1 
ATOM   1214 C CZ  . ARG B 2 6   ? 5.388   -12.005 9.045   1.00 70.04  ? 8   ARG B CZ  1 
ATOM   1215 N NH1 . ARG B 2 6   ? 5.368   -11.162 8.028   1.00 67.58  ? 8   ARG B NH1 1 
ATOM   1216 N NH2 . ARG B 2 6   ? 4.292   -12.233 9.754   1.00 67.92  ? 8   ARG B NH2 1 
HETATM 1217 N N   . KCR B 2 7   ? 7.010   -10.132 14.465  1.00 69.22  ? 9   KCR B N   1 
HETATM 1218 C CA  . KCR B 2 7   ? 6.531   -9.589  15.690  1.00 70.43  ? 9   KCR B CA  1 
HETATM 1219 C CB  . KCR B 2 7   ? 6.282   -8.124  15.505  1.00 71.01  ? 9   KCR B CB  1 
HETATM 1220 C CG  . KCR B 2 7   ? 7.521   -7.526  14.888  1.00 71.94  ? 9   KCR B CG  1 
HETATM 1221 C CD  . KCR B 2 7   ? 7.393   -6.032  14.706  1.00 72.69  ? 9   KCR B CD  1 
HETATM 1222 C CE  . KCR B 2 7   ? 8.717   -5.447  14.282  1.00 71.72  ? 9   KCR B CE  1 
HETATM 1223 N NZ  . KCR B 2 7   ? 8.790   -4.206  14.924  1.00 68.67  ? 9   KCR B NZ  1 
HETATM 1224 C CH  . KCR B 2 7   ? 9.815   -3.300  14.611  1.00 72.13  ? 9   KCR B CH  1 
HETATM 1225 O OH  . KCR B 2 7   ? 10.716  -3.533  13.803  1.00 71.80  ? 9   KCR B OH  1 
HETATM 1226 C CX  . KCR B 2 7   ? 9.670   -2.040  15.421  1.00 77.09  ? 9   KCR B CX  1 
HETATM 1227 C CY  . KCR B 2 7   ? 10.491  -0.987  15.346  1.00 76.72  ? 9   KCR B CY  1 
HETATM 1228 C CH3 . KCR B 2 7   ? 10.113  0.148   16.257  1.00 74.50  ? 9   KCR B CH3 1 
HETATM 1229 C C   . KCR B 2 7   ? 5.242   -10.247 16.084  1.00 78.46  ? 9   KCR B C   1 
HETATM 1230 O O   . KCR B 2 7   ? 4.803   -11.251 15.448  1.00 80.54  ? 9   KCR B O   1 
ATOM   1231 N N   . SER B 2 8   ? 4.605   -9.684  17.105  1.00 82.22  ? 10  SER B N   1 
ATOM   1232 C CA  . SER B 2 8   ? 3.333   -10.189 17.605  1.00 82.83  ? 10  SER B CA  1 
ATOM   1233 C C   . SER B 2 8   ? 2.265   -10.241 16.514  1.00 82.86  ? 10  SER B C   1 
ATOM   1234 O O   . SER B 2 8   ? 1.615   -11.273 16.333  1.00 88.91  ? 10  SER B O   1 
ATOM   1235 C CB  . SER B 2 8   ? 2.842   -9.324  18.770  1.00 85.59  ? 10  SER B CB  1 
ATOM   1236 O OG  . SER B 2 8   ? 1.989   -10.078 19.607  1.00 90.41  ? 10  SER B OG  1 
HETATM 1237 O O   . HOH C 3 .   ? -4.770  11.366  -2.502  1.00 76.50  ? 201 HOH A O   1 
HETATM 1238 O O   . HOH C 3 .   ? 20.970  5.629   9.340   1.00 83.61  ? 202 HOH A O   1 
HETATM 1239 O O   . HOH C 3 .   ? -4.303  6.001   -13.845 1.00 84.83  ? 203 HOH A O   1 
HETATM 1240 O O   . HOH C 3 .   ? -11.094 -1.086  6.707   1.00 84.87  ? 204 HOH A O   1 
HETATM 1241 O O   . HOH C 3 .   ? 15.661  -8.070  4.340   1.00 80.74  ? 205 HOH A O   1 
HETATM 1242 O O   . HOH C 3 .   ? 3.553   -9.116  1.229   1.00 70.28  ? 206 HOH A O   1 
HETATM 1243 O O   . HOH C 3 .   ? 10.115  -3.604  10.737  1.00 70.68  ? 207 HOH A O   1 
HETATM 1244 O O   . HOH C 3 .   ? -5.224  -8.566  1.773   1.00 74.20  ? 208 HOH A O   1 
HETATM 1245 O O   . HOH C 3 .   ? 8.753   -3.974  -5.207  1.00 81.72  ? 209 HOH A O   1 
HETATM 1246 O O   . HOH C 3 .   ? -0.926  9.598   -7.973  1.00 83.45  ? 210 HOH A O   1 
HETATM 1247 O O   . HOH C 3 .   ? 23.171  0.615   6.327   1.00 80.78  ? 211 HOH A O   1 
HETATM 1248 O O   . HOH C 3 .   ? 12.985  -10.342 -3.172  1.00 82.58  ? 212 HOH A O   1 
HETATM 1249 O O   . HOH C 3 .   ? -7.165  15.044  -10.203 1.00 86.69  ? 213 HOH A O   1 
HETATM 1250 O O   . HOH C 3 .   ? 10.516  -0.584  -9.504  1.00 71.99  ? 214 HOH A O   1 
HETATM 1251 O O   . HOH C 3 .   ? -0.372  7.471   15.339  1.00 86.52  ? 215 HOH A O   1 
HETATM 1252 O O   . HOH D 3 .   ? 10.112  -11.088 8.272   1.00 75.09  ? 101 HOH B O   1 
# 
loop_
_pdbx_poly_seq_scheme.asym_id 
_pdbx_poly_seq_scheme.entity_id 
_pdbx_poly_seq_scheme.seq_id 
_pdbx_poly_seq_scheme.mon_id 
_pdbx_poly_seq_scheme.ndb_seq_num 
_pdbx_poly_seq_scheme.pdb_seq_num 
_pdbx_poly_seq_scheme.auth_seq_num 
_pdbx_poly_seq_scheme.pdb_mon_id 
_pdbx_poly_seq_scheme.auth_mon_id 
_pdbx_poly_seq_scheme.pdb_strand_id 
_pdbx_poly_seq_scheme.pdb_ins_code 
_pdbx_poly_seq_scheme.hetero 
A 1 1   SER 1   -1  -1  SER SER A . n 
A 1 2   HIS 2   0   0   HIS HIS A . n 
A 1 3   MET 3   1   1   MET MET A . n 
A 1 4   ALA 4   2   2   ALA ALA A . n 
A 1 5   SER 5   3   3   SER SER A . n 
A 1 6   SER 6   4   4   SER SER A . n 
A 1 7   CYS 7   5   5   CYS CYS A . n 
A 1 8   ALA 8   6   6   ALA ALA A . n 
A 1 9   VAL 9   7   7   VAL VAL A . n 
A 1 10  GLN 10  8   8   GLN GLN A . n 
A 1 11  VAL 11  9   9   VAL VAL A . n 
A 1 12  LYS 12  10  10  LYS LYS A . n 
A 1 13  LEU 13  11  11  LEU LEU A . n 
A 1 14  GLU 14  12  12  GLU GLU A . n 
A 1 15  LEU 15  13  13  LEU LEU A . n 
A 1 16  GLY 16  14  14  GLY GLY A . n 
A 1 17  HIS 17  15  15  HIS HIS A . n 
A 1 18  ARG 18  16  16  ARG ARG A . n 
A 1 19  ALA 19  17  17  ALA ALA A . n 
A 1 20  GLN 20  18  18  GLN GLN A . n 
A 1 21  VAL 21  19  19  VAL VAL A . n 
A 1 22  ARG 22  20  20  ARG ARG A . n 
A 1 23  LYS 23  21  21  LYS LYS A . n 
A 1 24  LYS 24  22  22  LYS LYS A . n 
A 1 25  PRO 25  23  23  PRO PRO A . n 
A 1 26  THR 26  24  24  THR THR A . n 
A 1 27  VAL 27  25  25  VAL VAL A . n 
A 1 28  GLU 28  26  26  GLU GLU A . n 
A 1 29  GLY 29  27  27  GLY GLY A . n 
A 1 30  PHE 30  28  28  PHE PHE A . n 
A 1 31  THR 31  29  29  THR THR A . n 
A 1 32  HIS 32  30  30  HIS HIS A . n 
A 1 33  ASP 33  31  31  ASP ASP A . n 
A 1 34  TRP 34  32  32  TRP TRP A . n 
A 1 35  MET 35  33  33  MET MET A . n 
A 1 36  VAL 36  34  34  VAL VAL A . n 
A 1 37  PHE 37  35  35  PHE PHE A . n 
A 1 38  VAL 38  36  36  VAL VAL A . n 
A 1 39  ARG 39  37  37  ARG ARG A . n 
A 1 40  GLY 40  38  38  GLY GLY A . n 
A 1 41  PRO 41  39  39  PRO PRO A . n 
A 1 42  GLU 42  40  40  GLU GLU A . n 
A 1 43  HIS 43  41  41  HIS HIS A . n 
A 1 44  SER 44  42  42  SER SER A . n 
A 1 45  ASN 45  43  43  ASN ASN A . n 
A 1 46  ILE 46  44  44  ILE ILE A . n 
A 1 47  GLN 47  45  45  GLN GLN A . n 
A 1 48  HIS 48  46  46  HIS HIS A . n 
A 1 49  PHE 49  47  47  PHE PHE A . n 
A 1 50  VAL 50  48  48  VAL VAL A . n 
A 1 51  GLU 51  49  49  GLU GLU A . n 
A 1 52  LYS 52  50  50  LYS LYS A . n 
A 1 53  VAL 53  51  51  VAL VAL A . n 
A 1 54  VAL 54  52  52  VAL VAL A . n 
A 1 55  PHE 55  53  53  PHE PHE A . n 
A 1 56  HIS 56  54  54  HIS HIS A . n 
A 1 57  LEU 57  55  55  LEU LEU A . n 
A 1 58  HIS 58  56  56  HIS HIS A . n 
A 1 59  GLU 59  57  57  GLU GLU A . n 
A 1 60  SER 60  58  58  SER SER A . n 
A 1 61  PHE 61  59  59  PHE PHE A . n 
A 1 62  PRO 62  60  60  PRO PRO A . n 
A 1 63  ARG 63  61  61  ARG ARG A . n 
A 1 64  PRO 64  62  62  PRO PRO A . n 
A 1 65  LYS 65  63  63  LYS LYS A . n 
A 1 66  ARG 66  64  64  ARG ARG A . n 
A 1 67  VAL 67  65  65  VAL VAL A . n 
A 1 68  CYS 68  66  66  CYS CYS A . n 
A 1 69  LYS 69  67  67  LYS LYS A . n 
A 1 70  ASP 70  68  68  ASP ASP A . n 
A 1 71  PRO 71  69  69  PRO PRO A . n 
A 1 72  PRO 72  70  70  PRO PRO A . n 
A 1 73  TYR 73  71  71  TYR TYR A . n 
A 1 74  LYS 74  72  72  LYS LYS A . n 
A 1 75  VAL 75  73  73  VAL VAL A . n 
A 1 76  GLU 76  74  74  GLU GLU A . n 
A 1 77  GLU 77  75  75  GLU GLU A . n 
A 1 78  SER 78  76  76  SER SER A . n 
A 1 79  GLY 79  77  77  GLY GLY A . n 
A 1 80  TYR 80  78  78  TYR TYR A . n 
A 1 81  ALA 81  79  79  ALA ALA A . n 
A 1 82  GLY 82  80  80  GLY GLY A . n 
A 1 83  PHE 83  81  81  PHE PHE A . n 
A 1 84  ILE 84  82  82  ILE ILE A . n 
A 1 85  LEU 85  83  83  LEU LEU A . n 
A 1 86  PRO 86  84  84  PRO PRO A . n 
A 1 87  ILE 87  85  85  ILE ILE A . n 
A 1 88  GLU 88  86  86  GLU GLU A . n 
A 1 89  VAL 89  87  87  VAL VAL A . n 
A 1 90  TYR 90  88  88  TYR TYR A . n 
A 1 91  PHE 91  89  89  PHE PHE A . n 
A 1 92  LYS 92  90  90  LYS LYS A . n 
A 1 93  ASN 93  91  91  ASN ASN A . n 
A 1 94  LYS 94  92  92  LYS LYS A . n 
A 1 95  GLU 95  93  93  GLU GLU A . n 
A 1 96  GLU 96  94  94  GLU GLU A . n 
A 1 97  PRO 97  95  95  PRO PRO A . n 
A 1 98  ARG 98  96  96  ARG ARG A . n 
A 1 99  LYS 99  97  97  LYS LYS A . n 
A 1 100 VAL 100 98  98  VAL VAL A . n 
A 1 101 ARG 101 99  99  ARG ARG A . n 
A 1 102 PHE 102 100 100 PHE PHE A . n 
A 1 103 ASP 103 101 101 ASP ASP A . n 
A 1 104 TYR 104 102 102 TYR TYR A . n 
A 1 105 ASP 105 103 103 ASP ASP A . n 
A 1 106 LEU 106 104 104 LEU LEU A . n 
A 1 107 PHE 107 105 105 PHE PHE A . n 
A 1 108 LEU 108 106 106 LEU LEU A . n 
A 1 109 HIS 109 107 107 HIS HIS A . n 
A 1 110 LEU 110 108 108 LEU LEU A . n 
A 1 111 GLU 111 109 109 GLU GLU A . n 
A 1 112 GLY 112 110 110 GLY GLY A . n 
A 1 113 HIS 113 111 111 HIS HIS A . n 
A 1 114 PRO 114 112 112 PRO PRO A . n 
A 1 115 PRO 115 113 113 PRO PRO A . n 
A 1 116 VAL 116 114 114 VAL VAL A . n 
A 1 117 ASN 117 115 115 ASN ASN A . n 
A 1 118 HIS 118 116 116 HIS HIS A . n 
A 1 119 LEU 119 117 117 LEU LEU A . n 
A 1 120 ARG 120 118 118 ARG ARG A . n 
A 1 121 CYS 121 119 119 CYS CYS A . n 
A 1 122 GLU 122 120 120 GLU GLU A . n 
A 1 123 LYS 123 121 121 LYS LYS A . n 
A 1 124 LEU 124 122 122 LEU LEU A . n 
A 1 125 THR 125 123 123 THR THR A . n 
A 1 126 PHE 126 124 124 PHE PHE A . n 
A 1 127 ASN 127 125 125 ASN ASN A . n 
A 1 128 ASN 128 126 126 ASN ASN A . n 
A 1 129 PRO 129 127 127 PRO PRO A . n 
A 1 130 THR 130 128 128 THR THR A . n 
A 1 131 GLU 131 129 129 GLU GLU A . n 
A 1 132 ASP 132 130 130 ASP ASP A . n 
A 1 133 PHE 133 131 131 PHE PHE A . n 
A 1 134 ARG 134 132 132 ARG ARG A . n 
A 1 135 ARG 135 133 133 ARG ARG A . n 
A 1 136 LYS 136 134 134 LYS LYS A . n 
A 1 137 LEU 137 135 135 LEU LEU A . n 
A 1 138 LEU 138 136 136 LEU LEU A . n 
A 1 139 LYS 139 137 137 LYS LYS A . n 
A 1 140 ALA 140 138 138 ALA ALA A . n 
B 2 1   THR 1   3   3   THR THR B . n 
B 2 2   LYS 2   4   4   LYS LYS B . n 
B 2 3   GLN 3   5   5   GLN GLN B . n 
B 2 4   THR 4   6   6   THR THR B . n 
B 2 5   ALA 5   7   7   ALA ALA B . n 
B 2 6   ARG 6   8   8   ARG ARG B . n 
B 2 7   KCR 7   9   9   KCR KCR B . n 
B 2 8   SER 8   10  10  SER SER B . n 
# 
loop_
_pdbx_nonpoly_scheme.asym_id 
_pdbx_nonpoly_scheme.entity_id 
_pdbx_nonpoly_scheme.mon_id 
_pdbx_nonpoly_scheme.ndb_seq_num 
_pdbx_nonpoly_scheme.pdb_seq_num 
_pdbx_nonpoly_scheme.auth_seq_num 
_pdbx_nonpoly_scheme.pdb_mon_id 
_pdbx_nonpoly_scheme.auth_mon_id 
_pdbx_nonpoly_scheme.pdb_strand_id 
_pdbx_nonpoly_scheme.pdb_ins_code 
C 3 HOH 1  201 8  HOH HOH A . 
C 3 HOH 2  202 10 HOH HOH A . 
C 3 HOH 3  203 15 HOH HOH A . 
C 3 HOH 4  204 13 HOH HOH A . 
C 3 HOH 5  205 6  HOH HOH A . 
C 3 HOH 6  206 5  HOH HOH A . 
C 3 HOH 7  207 11 HOH HOH A . 
C 3 HOH 8  208 9  HOH HOH A . 
C 3 HOH 9  209 17 HOH HOH A . 
C 3 HOH 10 210 12 HOH HOH A . 
C 3 HOH 11 211 1  HOH HOH A . 
C 3 HOH 12 212 16 HOH HOH A . 
C 3 HOH 13 213 2  HOH HOH A . 
C 3 HOH 14 214 4  HOH HOH A . 
C 3 HOH 15 215 3  HOH HOH A . 
D 3 HOH 1  101 7  HOH HOH B . 
# 
_pdbx_struct_mod_residue.id               1 
_pdbx_struct_mod_residue.label_asym_id    B 
_pdbx_struct_mod_residue.label_comp_id    KCR 
_pdbx_struct_mod_residue.label_seq_id     7 
_pdbx_struct_mod_residue.auth_asym_id     B 
_pdbx_struct_mod_residue.auth_comp_id     KCR 
_pdbx_struct_mod_residue.auth_seq_id      9 
_pdbx_struct_mod_residue.PDB_ins_code     ? 
_pdbx_struct_mod_residue.parent_comp_id   LYS 
_pdbx_struct_mod_residue.details          'modified residue' 
# 
_pdbx_struct_assembly.id                   1 
_pdbx_struct_assembly.details              author_and_software_defined_assembly 
_pdbx_struct_assembly.method_details       PISA 
_pdbx_struct_assembly.oligomeric_details   dimeric 
_pdbx_struct_assembly.oligomeric_count     2 
# 
_pdbx_struct_assembly_gen.assembly_id       1 
_pdbx_struct_assembly_gen.oper_expression   1 
_pdbx_struct_assembly_gen.asym_id_list      A,B,C,D 
# 
loop_
_pdbx_struct_assembly_prop.biol_id 
_pdbx_struct_assembly_prop.type 
_pdbx_struct_assembly_prop.value 
_pdbx_struct_assembly_prop.details 
1 'ABSA (A^2)' 1190 ? 
1 MORE         -3   ? 
1 'SSA (A^2)'  9410 ? 
# 
_pdbx_struct_oper_list.id                   1 
_pdbx_struct_oper_list.type                 'identity operation' 
_pdbx_struct_oper_list.name                 1_555 
_pdbx_struct_oper_list.symmetry_operation   x,y,z 
_pdbx_struct_oper_list.matrix[1][1]         1.0000000000 
_pdbx_struct_oper_list.matrix[1][2]         0.0000000000 
_pdbx_struct_oper_list.matrix[1][3]         0.0000000000 
_pdbx_struct_oper_list.vector[1]            0.0000000000 
_pdbx_struct_oper_list.matrix[2][1]         0.0000000000 
_pdbx_struct_oper_list.matrix[2][2]         1.0000000000 
_pdbx_struct_oper_list.matrix[2][3]         0.0000000000 
_pdbx_struct_oper_list.vector[2]            0.0000000000 
_pdbx_struct_oper_list.matrix[3][1]         0.0000000000 
_pdbx_struct_oper_list.matrix[3][2]         0.0000000000 
_pdbx_struct_oper_list.matrix[3][3]         1.0000000000 
_pdbx_struct_oper_list.vector[3]            0.0000000000 
# 
loop_
_pdbx_audit_revision_history.ordinal 
_pdbx_audit_revision_history.data_content_type 
_pdbx_audit_revision_history.major_revision 
_pdbx_audit_revision_history.minor_revision 
_pdbx_audit_revision_history.revision_date 
1 'Structure model' 1 0 2016-04-20 
2 'Structure model' 1 1 2016-05-04 
3 'Structure model' 1 2 2023-11-08 
4 'Structure model' 1 3 2023-11-15 
# 
_pdbx_audit_revision_details.ordinal             1 
_pdbx_audit_revision_details.revision_ordinal    1 
_pdbx_audit_revision_details.data_content_type   'Structure model' 
_pdbx_audit_revision_details.provider            repository 
_pdbx_audit_revision_details.type                'Initial release' 
_pdbx_audit_revision_details.description         ? 
_pdbx_audit_revision_details.details             ? 
# 
loop_
_pdbx_audit_revision_group.ordinal 
_pdbx_audit_revision_group.revision_ordinal 
_pdbx_audit_revision_group.data_content_type 
_pdbx_audit_revision_group.group 
1 2 'Structure model' 'Database references'    
2 3 'Structure model' 'Data collection'        
3 3 'Structure model' 'Database references'    
4 3 'Structure model' 'Derived calculations'   
5 3 'Structure model' 'Refinement description' 
6 4 'Structure model' 'Data collection'        
# 
loop_
_pdbx_audit_revision_category.ordinal 
_pdbx_audit_revision_category.revision_ordinal 
_pdbx_audit_revision_category.data_content_type 
_pdbx_audit_revision_category.category 
1 3 'Structure model' chem_comp_atom                
2 3 'Structure model' chem_comp_bond                
3 3 'Structure model' citation                      
4 3 'Structure model' database_2                    
5 3 'Structure model' pdbx_initial_refinement_model 
6 3 'Structure model' pdbx_struct_oper_list         
7 4 'Structure model' chem_comp_atom                
8 4 'Structure model' chem_comp_bond                
# 
loop_
_pdbx_audit_revision_item.ordinal 
_pdbx_audit_revision_item.revision_ordinal 
_pdbx_audit_revision_item.data_content_type 
_pdbx_audit_revision_item.item 
1 3 'Structure model' '_citation.journal_id_CSD'                  
2 3 'Structure model' '_database_2.pdbx_DOI'                      
3 3 'Structure model' '_database_2.pdbx_database_accession'       
4 3 'Structure model' '_pdbx_struct_oper_list.symmetry_operation' 
5 4 'Structure model' '_chem_comp_atom.atom_id'                   
6 4 'Structure model' '_chem_comp_bond.atom_id_1'                 
7 4 'Structure model' '_chem_comp_bond.atom_id_2'                 
# 
loop_
_software.citation_id 
_software.classification 
_software.compiler_name 
_software.compiler_version 
_software.contact_author 
_software.contact_author_email 
_software.date 
_software.description 
_software.dependencies 
_software.hardware 
_software.language 
_software.location 
_software.mods 
_software.name 
_software.os 
_software.os_version 
_software.type 
_software.version 
_software.pdbx_ordinal 
? 'data collection' ? ? ? ? ? ? ? ? ? ? ? HKL-2000    ? ? ? .                1 
? 'data scaling'    ? ? ? ? ? ? ? ? ? ? ? SCALEPACK   ? ? ? .                2 
? refinement        ? ? ? ? ? ? ? ? ? ? ? PHENIX      ? ? ? '1.10_2155: ???' 3 
? 'data extraction' ? ? ? ? ? ? ? ? ? ? ? PDB_EXTRACT ? ? ? 3.15             4 
? 'data reduction'  ? ? ? ? ? ? ? ? ? ? ? HKL-2000    ? ? ? .                5 
? phasing           ? ? ? ? ? ? ? ? ? ? ? MOLREP      ? ? ? .                6 
# 
loop_
_pdbx_validate_torsion.id 
_pdbx_validate_torsion.PDB_model_num 
_pdbx_validate_torsion.auth_comp_id 
_pdbx_validate_torsion.auth_asym_id 
_pdbx_validate_torsion.auth_seq_id 
_pdbx_validate_torsion.PDB_ins_code 
_pdbx_validate_torsion.label_alt_id 
_pdbx_validate_torsion.phi 
_pdbx_validate_torsion.psi 
1 1 LYS A 90  ? ? -69.83 78.37  
2 1 PRO A 112 ? ? -49.38 159.45 
# 
loop_
_chem_comp_atom.comp_id 
_chem_comp_atom.atom_id 
_chem_comp_atom.type_symbol 
_chem_comp_atom.pdbx_aromatic_flag 
_chem_comp_atom.pdbx_stereo_config 
_chem_comp_atom.pdbx_ordinal 
ALA N    N N N 1   
ALA CA   C N S 2   
ALA C    C N N 3   
ALA O    O N N 4   
ALA CB   C N N 5   
ALA OXT  O N N 6   
ALA H    H N N 7   
ALA H2   H N N 8   
ALA HA   H N N 9   
ALA HB1  H N N 10  
ALA HB2  H N N 11  
ALA HB3  H N N 12  
ALA HXT  H N N 13  
ARG N    N N N 14  
ARG CA   C N S 15  
ARG C    C N N 16  
ARG O    O N N 17  
ARG CB   C N N 18  
ARG CG   C N N 19  
ARG CD   C N N 20  
ARG NE   N N N 21  
ARG CZ   C N N 22  
ARG NH1  N N N 23  
ARG NH2  N N N 24  
ARG OXT  O N N 25  
ARG H    H N N 26  
ARG H2   H N N 27  
ARG HA   H N N 28  
ARG HB2  H N N 29  
ARG HB3  H N N 30  
ARG HG2  H N N 31  
ARG HG3  H N N 32  
ARG HD2  H N N 33  
ARG HD3  H N N 34  
ARG HE   H N N 35  
ARG HH11 H N N 36  
ARG HH12 H N N 37  
ARG HH21 H N N 38  
ARG HH22 H N N 39  
ARG HXT  H N N 40  
ASN N    N N N 41  
ASN CA   C N S 42  
ASN C    C N N 43  
ASN O    O N N 44  
ASN CB   C N N 45  
ASN CG   C N N 46  
ASN OD1  O N N 47  
ASN ND2  N N N 48  
ASN OXT  O N N 49  
ASN H    H N N 50  
ASN H2   H N N 51  
ASN HA   H N N 52  
ASN HB2  H N N 53  
ASN HB3  H N N 54  
ASN HD21 H N N 55  
ASN HD22 H N N 56  
ASN HXT  H N N 57  
ASP N    N N N 58  
ASP CA   C N S 59  
ASP C    C N N 60  
ASP O    O N N 61  
ASP CB   C N N 62  
ASP CG   C N N 63  
ASP OD1  O N N 64  
ASP OD2  O N N 65  
ASP OXT  O N N 66  
ASP H    H N N 67  
ASP H2   H N N 68  
ASP HA   H N N 69  
ASP HB2  H N N 70  
ASP HB3  H N N 71  
ASP HD2  H N N 72  
ASP HXT  H N N 73  
CYS N    N N N 74  
CYS CA   C N R 75  
CYS C    C N N 76  
CYS O    O N N 77  
CYS CB   C N N 78  
CYS SG   S N N 79  
CYS OXT  O N N 80  
CYS H    H N N 81  
CYS H2   H N N 82  
CYS HA   H N N 83  
CYS HB2  H N N 84  
CYS HB3  H N N 85  
CYS HG   H N N 86  
CYS HXT  H N N 87  
GLN N    N N N 88  
GLN CA   C N S 89  
GLN C    C N N 90  
GLN O    O N N 91  
GLN CB   C N N 92  
GLN CG   C N N 93  
GLN CD   C N N 94  
GLN OE1  O N N 95  
GLN NE2  N N N 96  
GLN OXT  O N N 97  
GLN H    H N N 98  
GLN H2   H N N 99  
GLN HA   H N N 100 
GLN HB2  H N N 101 
GLN HB3  H N N 102 
GLN HG2  H N N 103 
GLN HG3  H N N 104 
GLN HE21 H N N 105 
GLN HE22 H N N 106 
GLN HXT  H N N 107 
GLU N    N N N 108 
GLU CA   C N S 109 
GLU C    C N N 110 
GLU O    O N N 111 
GLU CB   C N N 112 
GLU CG   C N N 113 
GLU CD   C N N 114 
GLU OE1  O N N 115 
GLU OE2  O N N 116 
GLU OXT  O N N 117 
GLU H    H N N 118 
GLU H2   H N N 119 
GLU HA   H N N 120 
GLU HB2  H N N 121 
GLU HB3  H N N 122 
GLU HG2  H N N 123 
GLU HG3  H N N 124 
GLU HE2  H N N 125 
GLU HXT  H N N 126 
GLY N    N N N 127 
GLY CA   C N N 128 
GLY C    C N N 129 
GLY O    O N N 130 
GLY OXT  O N N 131 
GLY H    H N N 132 
GLY H2   H N N 133 
GLY HA2  H N N 134 
GLY HA3  H N N 135 
GLY HXT  H N N 136 
HIS N    N N N 137 
HIS CA   C N S 138 
HIS C    C N N 139 
HIS O    O N N 140 
HIS CB   C N N 141 
HIS CG   C Y N 142 
HIS ND1  N Y N 143 
HIS CD2  C Y N 144 
HIS CE1  C Y N 145 
HIS NE2  N Y N 146 
HIS OXT  O N N 147 
HIS H    H N N 148 
HIS H2   H N N 149 
HIS HA   H N N 150 
HIS HB2  H N N 151 
HIS HB3  H N N 152 
HIS HD1  H N N 153 
HIS HD2  H N N 154 
HIS HE1  H N N 155 
HIS HE2  H N N 156 
HIS HXT  H N N 157 
HOH O    O N N 158 
HOH H1   H N N 159 
HOH H2   H N N 160 
ILE N    N N N 161 
ILE CA   C N S 162 
ILE C    C N N 163 
ILE O    O N N 164 
ILE CB   C N S 165 
ILE CG1  C N N 166 
ILE CG2  C N N 167 
ILE CD1  C N N 168 
ILE OXT  O N N 169 
ILE H    H N N 170 
ILE H2   H N N 171 
ILE HA   H N N 172 
ILE HB   H N N 173 
ILE HG12 H N N 174 
ILE HG13 H N N 175 
ILE HG21 H N N 176 
ILE HG22 H N N 177 
ILE HG23 H N N 178 
ILE HD11 H N N 179 
ILE HD12 H N N 180 
ILE HD13 H N N 181 
ILE HXT  H N N 182 
KCR N    N N N 183 
KCR CA   C N S 184 
KCR CB   C N N 185 
KCR CG   C N N 186 
KCR CD   C N N 187 
KCR CE   C N N 188 
KCR NZ   N N N 189 
KCR CH   C N N 190 
KCR OH   O N N 191 
KCR CX   C N N 192 
KCR CY   C N N 193 
KCR CH3  C N N 194 
KCR C    C N N 195 
KCR O    O N N 196 
KCR OXT  O N N 197 
KCR H    H N N 198 
KCR H2   H N N 199 
KCR HA   H N N 200 
KCR H5   H N N 201 
KCR H6   H N N 202 
KCR H7   H N N 203 
KCR H8   H N N 204 
KCR H9   H N N 205 
KCR H10  H N N 206 
KCR H11  H N N 207 
KCR H12  H N N 208 
KCR H13  H N N 209 
KCR H14  H N N 210 
KCR H15  H N N 211 
KCR H16  H N N 212 
KCR H17  H N N 213 
KCR H18  H N N 214 
KCR HXT  H N N 215 
LEU N    N N N 216 
LEU CA   C N S 217 
LEU C    C N N 218 
LEU O    O N N 219 
LEU CB   C N N 220 
LEU CG   C N N 221 
LEU CD1  C N N 222 
LEU CD2  C N N 223 
LEU OXT  O N N 224 
LEU H    H N N 225 
LEU H2   H N N 226 
LEU HA   H N N 227 
LEU HB2  H N N 228 
LEU HB3  H N N 229 
LEU HG   H N N 230 
LEU HD11 H N N 231 
LEU HD12 H N N 232 
LEU HD13 H N N 233 
LEU HD21 H N N 234 
LEU HD22 H N N 235 
LEU HD23 H N N 236 
LEU HXT  H N N 237 
LYS N    N N N 238 
LYS CA   C N S 239 
LYS C    C N N 240 
LYS O    O N N 241 
LYS CB   C N N 242 
LYS CG   C N N 243 
LYS CD   C N N 244 
LYS CE   C N N 245 
LYS NZ   N N N 246 
LYS OXT  O N N 247 
LYS H    H N N 248 
LYS H2   H N N 249 
LYS HA   H N N 250 
LYS HB2  H N N 251 
LYS HB3  H N N 252 
LYS HG2  H N N 253 
LYS HG3  H N N 254 
LYS HD2  H N N 255 
LYS HD3  H N N 256 
LYS HE2  H N N 257 
LYS HE3  H N N 258 
LYS HZ1  H N N 259 
LYS HZ2  H N N 260 
LYS HZ3  H N N 261 
LYS HXT  H N N 262 
MET N    N N N 263 
MET CA   C N S 264 
MET C    C N N 265 
MET O    O N N 266 
MET CB   C N N 267 
MET CG   C N N 268 
MET SD   S N N 269 
MET CE   C N N 270 
MET OXT  O N N 271 
MET H    H N N 272 
MET H2   H N N 273 
MET HA   H N N 274 
MET HB2  H N N 275 
MET HB3  H N N 276 
MET HG2  H N N 277 
MET HG3  H N N 278 
MET HE1  H N N 279 
MET HE2  H N N 280 
MET HE3  H N N 281 
MET HXT  H N N 282 
PHE N    N N N 283 
PHE CA   C N S 284 
PHE C    C N N 285 
PHE O    O N N 286 
PHE CB   C N N 287 
PHE CG   C Y N 288 
PHE CD1  C Y N 289 
PHE CD2  C Y N 290 
PHE CE1  C Y N 291 
PHE CE2  C Y N 292 
PHE CZ   C Y N 293 
PHE OXT  O N N 294 
PHE H    H N N 295 
PHE H2   H N N 296 
PHE HA   H N N 297 
PHE HB2  H N N 298 
PHE HB3  H N N 299 
PHE HD1  H N N 300 
PHE HD2  H N N 301 
PHE HE1  H N N 302 
PHE HE2  H N N 303 
PHE HZ   H N N 304 
PHE HXT  H N N 305 
PRO N    N N N 306 
PRO CA   C N S 307 
PRO C    C N N 308 
PRO O    O N N 309 
PRO CB   C N N 310 
PRO CG   C N N 311 
PRO CD   C N N 312 
PRO OXT  O N N 313 
PRO H    H N N 314 
PRO HA   H N N 315 
PRO HB2  H N N 316 
PRO HB3  H N N 317 
PRO HG2  H N N 318 
PRO HG3  H N N 319 
PRO HD2  H N N 320 
PRO HD3  H N N 321 
PRO HXT  H N N 322 
SER N    N N N 323 
SER CA   C N S 324 
SER C    C N N 325 
SER O    O N N 326 
SER CB   C N N 327 
SER OG   O N N 328 
SER OXT  O N N 329 
SER H    H N N 330 
SER H2   H N N 331 
SER HA   H N N 332 
SER HB2  H N N 333 
SER HB3  H N N 334 
SER HG   H N N 335 
SER HXT  H N N 336 
THR N    N N N 337 
THR CA   C N S 338 
THR C    C N N 339 
THR O    O N N 340 
THR CB   C N R 341 
THR OG1  O N N 342 
THR CG2  C N N 343 
THR OXT  O N N 344 
THR H    H N N 345 
THR H2   H N N 346 
THR HA   H N N 347 
THR HB   H N N 348 
THR HG1  H N N 349 
THR HG21 H N N 350 
THR HG22 H N N 351 
THR HG23 H N N 352 
THR HXT  H N N 353 
TRP N    N N N 354 
TRP CA   C N S 355 
TRP C    C N N 356 
TRP O    O N N 357 
TRP CB   C N N 358 
TRP CG   C Y N 359 
TRP CD1  C Y N 360 
TRP CD2  C Y N 361 
TRP NE1  N Y N 362 
TRP CE2  C Y N 363 
TRP CE3  C Y N 364 
TRP CZ2  C Y N 365 
TRP CZ3  C Y N 366 
TRP CH2  C Y N 367 
TRP OXT  O N N 368 
TRP H    H N N 369 
TRP H2   H N N 370 
TRP HA   H N N 371 
TRP HB2  H N N 372 
TRP HB3  H N N 373 
TRP HD1  H N N 374 
TRP HE1  H N N 375 
TRP HE3  H N N 376 
TRP HZ2  H N N 377 
TRP HZ3  H N N 378 
TRP HH2  H N N 379 
TRP HXT  H N N 380 
TYR N    N N N 381 
TYR CA   C N S 382 
TYR C    C N N 383 
TYR O    O N N 384 
TYR CB   C N N 385 
TYR CG   C Y N 386 
TYR CD1  C Y N 387 
TYR CD2  C Y N 388 
TYR CE1  C Y N 389 
TYR CE2  C Y N 390 
TYR CZ   C Y N 391 
TYR OH   O N N 392 
TYR OXT  O N N 393 
TYR H    H N N 394 
TYR H2   H N N 395 
TYR HA   H N N 396 
TYR HB2  H N N 397 
TYR HB3  H N N 398 
TYR HD1  H N N 399 
TYR HD2  H N N 400 
TYR HE1  H N N 401 
TYR HE2  H N N 402 
TYR HH   H N N 403 
TYR HXT  H N N 404 
VAL N    N N N 405 
VAL CA   C N S 406 
VAL C    C N N 407 
VAL O    O N N 408 
VAL CB   C N N 409 
VAL CG1  C N N 410 
VAL CG2  C N N 411 
VAL OXT  O N N 412 
VAL H    H N N 413 
VAL H2   H N N 414 
VAL HA   H N N 415 
VAL HB   H N N 416 
VAL HG11 H N N 417 
VAL HG12 H N N 418 
VAL HG13 H N N 419 
VAL HG21 H N N 420 
VAL HG22 H N N 421 
VAL HG23 H N N 422 
VAL HXT  H N N 423 
# 
loop_
_chem_comp_bond.comp_id 
_chem_comp_bond.atom_id_1 
_chem_comp_bond.atom_id_2 
_chem_comp_bond.value_order 
_chem_comp_bond.pdbx_aromatic_flag 
_chem_comp_bond.pdbx_stereo_config 
_chem_comp_bond.pdbx_ordinal 
ALA N   CA   sing N N 1   
ALA N   H    sing N N 2   
ALA N   H2   sing N N 3   
ALA CA  C    sing N N 4   
ALA CA  CB   sing N N 5   
ALA CA  HA   sing N N 6   
ALA C   O    doub N N 7   
ALA C   OXT  sing N N 8   
ALA CB  HB1  sing N N 9   
ALA CB  HB2  sing N N 10  
ALA CB  HB3  sing N N 11  
ALA OXT HXT  sing N N 12  
ARG N   CA   sing N N 13  
ARG N   H    sing N N 14  
ARG N   H2   sing N N 15  
ARG CA  C    sing N N 16  
ARG CA  CB   sing N N 17  
ARG CA  HA   sing N N 18  
ARG C   O    doub N N 19  
ARG C   OXT  sing N N 20  
ARG CB  CG   sing N N 21  
ARG CB  HB2  sing N N 22  
ARG CB  HB3  sing N N 23  
ARG CG  CD   sing N N 24  
ARG CG  HG2  sing N N 25  
ARG CG  HG3  sing N N 26  
ARG CD  NE   sing N N 27  
ARG CD  HD2  sing N N 28  
ARG CD  HD3  sing N N 29  
ARG NE  CZ   sing N N 30  
ARG NE  HE   sing N N 31  
ARG CZ  NH1  sing N N 32  
ARG CZ  NH2  doub N N 33  
ARG NH1 HH11 sing N N 34  
ARG NH1 HH12 sing N N 35  
ARG NH2 HH21 sing N N 36  
ARG NH2 HH22 sing N N 37  
ARG OXT HXT  sing N N 38  
ASN N   CA   sing N N 39  
ASN N   H    sing N N 40  
ASN N   H2   sing N N 41  
ASN CA  C    sing N N 42  
ASN CA  CB   sing N N 43  
ASN CA  HA   sing N N 44  
ASN C   O    doub N N 45  
ASN C   OXT  sing N N 46  
ASN CB  CG   sing N N 47  
ASN CB  HB2  sing N N 48  
ASN CB  HB3  sing N N 49  
ASN CG  OD1  doub N N 50  
ASN CG  ND2  sing N N 51  
ASN ND2 HD21 sing N N 52  
ASN ND2 HD22 sing N N 53  
ASN OXT HXT  sing N N 54  
ASP N   CA   sing N N 55  
ASP N   H    sing N N 56  
ASP N   H2   sing N N 57  
ASP CA  C    sing N N 58  
ASP CA  CB   sing N N 59  
ASP CA  HA   sing N N 60  
ASP C   O    doub N N 61  
ASP C   OXT  sing N N 62  
ASP CB  CG   sing N N 63  
ASP CB  HB2  sing N N 64  
ASP CB  HB3  sing N N 65  
ASP CG  OD1  doub N N 66  
ASP CG  OD2  sing N N 67  
ASP OD2 HD2  sing N N 68  
ASP OXT HXT  sing N N 69  
CYS N   CA   sing N N 70  
CYS N   H    sing N N 71  
CYS N   H2   sing N N 72  
CYS CA  C    sing N N 73  
CYS CA  CB   sing N N 74  
CYS CA  HA   sing N N 75  
CYS C   O    doub N N 76  
CYS C   OXT  sing N N 77  
CYS CB  SG   sing N N 78  
CYS CB  HB2  sing N N 79  
CYS CB  HB3  sing N N 80  
CYS SG  HG   sing N N 81  
CYS OXT HXT  sing N N 82  
GLN N   CA   sing N N 83  
GLN N   H    sing N N 84  
GLN N   H2   sing N N 85  
GLN CA  C    sing N N 86  
GLN CA  CB   sing N N 87  
GLN CA  HA   sing N N 88  
GLN C   O    doub N N 89  
GLN C   OXT  sing N N 90  
GLN CB  CG   sing N N 91  
GLN CB  HB2  sing N N 92  
GLN CB  HB3  sing N N 93  
GLN CG  CD   sing N N 94  
GLN CG  HG2  sing N N 95  
GLN CG  HG3  sing N N 96  
GLN CD  OE1  doub N N 97  
GLN CD  NE2  sing N N 98  
GLN NE2 HE21 sing N N 99  
GLN NE2 HE22 sing N N 100 
GLN OXT HXT  sing N N 101 
GLU N   CA   sing N N 102 
GLU N   H    sing N N 103 
GLU N   H2   sing N N 104 
GLU CA  C    sing N N 105 
GLU CA  CB   sing N N 106 
GLU CA  HA   sing N N 107 
GLU C   O    doub N N 108 
GLU C   OXT  sing N N 109 
GLU CB  CG   sing N N 110 
GLU CB  HB2  sing N N 111 
GLU CB  HB3  sing N N 112 
GLU CG  CD   sing N N 113 
GLU CG  HG2  sing N N 114 
GLU CG  HG3  sing N N 115 
GLU CD  OE1  doub N N 116 
GLU CD  OE2  sing N N 117 
GLU OE2 HE2  sing N N 118 
GLU OXT HXT  sing N N 119 
GLY N   CA   sing N N 120 
GLY N   H    sing N N 121 
GLY N   H2   sing N N 122 
GLY CA  C    sing N N 123 
GLY CA  HA2  sing N N 124 
GLY CA  HA3  sing N N 125 
GLY C   O    doub N N 126 
GLY C   OXT  sing N N 127 
GLY OXT HXT  sing N N 128 
HIS N   CA   sing N N 129 
HIS N   H    sing N N 130 
HIS N   H2   sing N N 131 
HIS CA  C    sing N N 132 
HIS CA  CB   sing N N 133 
HIS CA  HA   sing N N 134 
HIS C   O    doub N N 135 
HIS C   OXT  sing N N 136 
HIS CB  CG   sing N N 137 
HIS CB  HB2  sing N N 138 
HIS CB  HB3  sing N N 139 
HIS CG  ND1  sing Y N 140 
HIS CG  CD2  doub Y N 141 
HIS ND1 CE1  doub Y N 142 
HIS ND1 HD1  sing N N 143 
HIS CD2 NE2  sing Y N 144 
HIS CD2 HD2  sing N N 145 
HIS CE1 NE2  sing Y N 146 
HIS CE1 HE1  sing N N 147 
HIS NE2 HE2  sing N N 148 
HIS OXT HXT  sing N N 149 
HOH O   H1   sing N N 150 
HOH O   H2   sing N N 151 
ILE N   CA   sing N N 152 
ILE N   H    sing N N 153 
ILE N   H2   sing N N 154 
ILE CA  C    sing N N 155 
ILE CA  CB   sing N N 156 
ILE CA  HA   sing N N 157 
ILE C   O    doub N N 158 
ILE C   OXT  sing N N 159 
ILE CB  CG1  sing N N 160 
ILE CB  CG2  sing N N 161 
ILE CB  HB   sing N N 162 
ILE CG1 CD1  sing N N 163 
ILE CG1 HG12 sing N N 164 
ILE CG1 HG13 sing N N 165 
ILE CG2 HG21 sing N N 166 
ILE CG2 HG22 sing N N 167 
ILE CG2 HG23 sing N N 168 
ILE CD1 HD11 sing N N 169 
ILE CD1 HD12 sing N N 170 
ILE CD1 HD13 sing N N 171 
ILE OXT HXT  sing N N 172 
KCR CH3 CY   sing N N 173 
KCR CY  CX   doub N E 174 
KCR CX  CH   sing N N 175 
KCR OH  CH   doub N N 176 
KCR CH  NZ   sing N N 177 
KCR NZ  CE   sing N N 178 
KCR CE  CD   sing N N 179 
KCR CG  CD   sing N N 180 
KCR CG  CB   sing N N 181 
KCR CB  CA   sing N N 182 
KCR N   CA   sing N N 183 
KCR CA  C    sing N N 184 
KCR O   C    doub N N 185 
KCR C   OXT  sing N N 186 
KCR N   H    sing N N 187 
KCR N   H2   sing N N 188 
KCR CA  HA   sing N N 189 
KCR CB  H5   sing N N 190 
KCR CB  H6   sing N N 191 
KCR CG  H7   sing N N 192 
KCR CG  H8   sing N N 193 
KCR CD  H9   sing N N 194 
KCR CD  H10  sing N N 195 
KCR CE  H11  sing N N 196 
KCR CE  H12  sing N N 197 
KCR NZ  H13  sing N N 198 
KCR CX  H14  sing N N 199 
KCR CY  H15  sing N N 200 
KCR CH3 H16  sing N N 201 
KCR CH3 H17  sing N N 202 
KCR CH3 H18  sing N N 203 
KCR OXT HXT  sing N N 204 
LEU N   CA   sing N N 205 
LEU N   H    sing N N 206 
LEU N   H2   sing N N 207 
LEU CA  C    sing N N 208 
LEU CA  CB   sing N N 209 
LEU CA  HA   sing N N 210 
LEU C   O    doub N N 211 
LEU C   OXT  sing N N 212 
LEU CB  CG   sing N N 213 
LEU CB  HB2  sing N N 214 
LEU CB  HB3  sing N N 215 
LEU CG  CD1  sing N N 216 
LEU CG  CD2  sing N N 217 
LEU CG  HG   sing N N 218 
LEU CD1 HD11 sing N N 219 
LEU CD1 HD12 sing N N 220 
LEU CD1 HD13 sing N N 221 
LEU CD2 HD21 sing N N 222 
LEU CD2 HD22 sing N N 223 
LEU CD2 HD23 sing N N 224 
LEU OXT HXT  sing N N 225 
LYS N   CA   sing N N 226 
LYS N   H    sing N N 227 
LYS N   H2   sing N N 228 
LYS CA  C    sing N N 229 
LYS CA  CB   sing N N 230 
LYS CA  HA   sing N N 231 
LYS C   O    doub N N 232 
LYS C   OXT  sing N N 233 
LYS CB  CG   sing N N 234 
LYS CB  HB2  sing N N 235 
LYS CB  HB3  sing N N 236 
LYS CG  CD   sing N N 237 
LYS CG  HG2  sing N N 238 
LYS CG  HG3  sing N N 239 
LYS CD  CE   sing N N 240 
LYS CD  HD2  sing N N 241 
LYS CD  HD3  sing N N 242 
LYS CE  NZ   sing N N 243 
LYS CE  HE2  sing N N 244 
LYS CE  HE3  sing N N 245 
LYS NZ  HZ1  sing N N 246 
LYS NZ  HZ2  sing N N 247 
LYS NZ  HZ3  sing N N 248 
LYS OXT HXT  sing N N 249 
MET N   CA   sing N N 250 
MET N   H    sing N N 251 
MET N   H2   sing N N 252 
MET CA  C    sing N N 253 
MET CA  CB   sing N N 254 
MET CA  HA   sing N N 255 
MET C   O    doub N N 256 
MET C   OXT  sing N N 257 
MET CB  CG   sing N N 258 
MET CB  HB2  sing N N 259 
MET CB  HB3  sing N N 260 
MET CG  SD   sing N N 261 
MET CG  HG2  sing N N 262 
MET CG  HG3  sing N N 263 
MET SD  CE   sing N N 264 
MET CE  HE1  sing N N 265 
MET CE  HE2  sing N N 266 
MET CE  HE3  sing N N 267 
MET OXT HXT  sing N N 268 
PHE N   CA   sing N N 269 
PHE N   H    sing N N 270 
PHE N   H2   sing N N 271 
PHE CA  C    sing N N 272 
PHE CA  CB   sing N N 273 
PHE CA  HA   sing N N 274 
PHE C   O    doub N N 275 
PHE C   OXT  sing N N 276 
PHE CB  CG   sing N N 277 
PHE CB  HB2  sing N N 278 
PHE CB  HB3  sing N N 279 
PHE CG  CD1  doub Y N 280 
PHE CG  CD2  sing Y N 281 
PHE CD1 CE1  sing Y N 282 
PHE CD1 HD1  sing N N 283 
PHE CD2 CE2  doub Y N 284 
PHE CD2 HD2  sing N N 285 
PHE CE1 CZ   doub Y N 286 
PHE CE1 HE1  sing N N 287 
PHE CE2 CZ   sing Y N 288 
PHE CE2 HE2  sing N N 289 
PHE CZ  HZ   sing N N 290 
PHE OXT HXT  sing N N 291 
PRO N   CA   sing N N 292 
PRO N   CD   sing N N 293 
PRO N   H    sing N N 294 
PRO CA  C    sing N N 295 
PRO CA  CB   sing N N 296 
PRO CA  HA   sing N N 297 
PRO C   O    doub N N 298 
PRO C   OXT  sing N N 299 
PRO CB  CG   sing N N 300 
PRO CB  HB2  sing N N 301 
PRO CB  HB3  sing N N 302 
PRO CG  CD   sing N N 303 
PRO CG  HG2  sing N N 304 
PRO CG  HG3  sing N N 305 
PRO CD  HD2  sing N N 306 
PRO CD  HD3  sing N N 307 
PRO OXT HXT  sing N N 308 
SER N   CA   sing N N 309 
SER N   H    sing N N 310 
SER N   H2   sing N N 311 
SER CA  C    sing N N 312 
SER CA  CB   sing N N 313 
SER CA  HA   sing N N 314 
SER C   O    doub N N 315 
SER C   OXT  sing N N 316 
SER CB  OG   sing N N 317 
SER CB  HB2  sing N N 318 
SER CB  HB3  sing N N 319 
SER OG  HG   sing N N 320 
SER OXT HXT  sing N N 321 
THR N   CA   sing N N 322 
THR N   H    sing N N 323 
THR N   H2   sing N N 324 
THR CA  C    sing N N 325 
THR CA  CB   sing N N 326 
THR CA  HA   sing N N 327 
THR C   O    doub N N 328 
THR C   OXT  sing N N 329 
THR CB  OG1  sing N N 330 
THR CB  CG2  sing N N 331 
THR CB  HB   sing N N 332 
THR OG1 HG1  sing N N 333 
THR CG2 HG21 sing N N 334 
THR CG2 HG22 sing N N 335 
THR CG2 HG23 sing N N 336 
THR OXT HXT  sing N N 337 
TRP N   CA   sing N N 338 
TRP N   H    sing N N 339 
TRP N   H2   sing N N 340 
TRP CA  C    sing N N 341 
TRP CA  CB   sing N N 342 
TRP CA  HA   sing N N 343 
TRP C   O    doub N N 344 
TRP C   OXT  sing N N 345 
TRP CB  CG   sing N N 346 
TRP CB  HB2  sing N N 347 
TRP CB  HB3  sing N N 348 
TRP CG  CD1  doub Y N 349 
TRP CG  CD2  sing Y N 350 
TRP CD1 NE1  sing Y N 351 
TRP CD1 HD1  sing N N 352 
TRP CD2 CE2  doub Y N 353 
TRP CD2 CE3  sing Y N 354 
TRP NE1 CE2  sing Y N 355 
TRP NE1 HE1  sing N N 356 
TRP CE2 CZ2  sing Y N 357 
TRP CE3 CZ3  doub Y N 358 
TRP CE3 HE3  sing N N 359 
TRP CZ2 CH2  doub Y N 360 
TRP CZ2 HZ2  sing N N 361 
TRP CZ3 CH2  sing Y N 362 
TRP CZ3 HZ3  sing N N 363 
TRP CH2 HH2  sing N N 364 
TRP OXT HXT  sing N N 365 
TYR N   CA   sing N N 366 
TYR N   H    sing N N 367 
TYR N   H2   sing N N 368 
TYR CA  C    sing N N 369 
TYR CA  CB   sing N N 370 
TYR CA  HA   sing N N 371 
TYR C   O    doub N N 372 
TYR C   OXT  sing N N 373 
TYR CB  CG   sing N N 374 
TYR CB  HB2  sing N N 375 
TYR CB  HB3  sing N N 376 
TYR CG  CD1  doub Y N 377 
TYR CG  CD2  sing Y N 378 
TYR CD1 CE1  sing Y N 379 
TYR CD1 HD1  sing N N 380 
TYR CD2 CE2  doub Y N 381 
TYR CD2 HD2  sing N N 382 
TYR CE1 CZ   doub Y N 383 
TYR CE1 HE1  sing N N 384 
TYR CE2 CZ   sing Y N 385 
TYR CE2 HE2  sing N N 386 
TYR CZ  OH   sing N N 387 
TYR OH  HH   sing N N 388 
TYR OXT HXT  sing N N 389 
VAL N   CA   sing N N 390 
VAL N   H    sing N N 391 
VAL N   H2   sing N N 392 
VAL CA  C    sing N N 393 
VAL CA  CB   sing N N 394 
VAL CA  HA   sing N N 395 
VAL C   O    doub N N 396 
VAL C   OXT  sing N N 397 
VAL CB  CG1  sing N N 398 
VAL CB  CG2  sing N N 399 
VAL CB  HB   sing N N 400 
VAL CG1 HG11 sing N N 401 
VAL CG1 HG12 sing N N 402 
VAL CG1 HG13 sing N N 403 
VAL CG2 HG21 sing N N 404 
VAL CG2 HG22 sing N N 405 
VAL CG2 HG23 sing N N 406 
VAL OXT HXT  sing N N 407 
# 
_pdbx_audit_support.funding_organization   'National Natural Science Foundation of China' 
_pdbx_audit_support.country                China 
_pdbx_audit_support.grant_number           91519304 
_pdbx_audit_support.ordinal                1 
# 
_pdbx_entity_nonpoly.entity_id   3 
_pdbx_entity_nonpoly.name        water 
_pdbx_entity_nonpoly.comp_id     HOH 
# 
_pdbx_initial_refinement_model.id               1 
_pdbx_initial_refinement_model.entity_id_list   ? 
_pdbx_initial_refinement_model.type             'experimental model' 
_pdbx_initial_refinement_model.source_name      PDB 
_pdbx_initial_refinement_model.accession_code   4TMP 
_pdbx_initial_refinement_model.details          ? 
# 
